data_1ZR8
# 
_entry.id   1ZR8 
# 
_audit_conform.dict_name       mmcif_pdbx.dic 
_audit_conform.dict_version    5.398 
_audit_conform.dict_location   http://mmcif.pdb.org/dictionaries/ascii/mmcif_pdbx.dic 
# 
loop_
_database_2.database_id 
_database_2.database_code 
_database_2.pdbx_database_accession 
_database_2.pdbx_DOI 
PDB   1ZR8         pdb_00001zr8 10.2210/pdb1zr8/pdb 
RCSB  RCSB033025   ?            ?                   
WWPDB D_1000033025 ?            ?                   
# 
loop_
_pdbx_audit_revision_history.ordinal 
_pdbx_audit_revision_history.data_content_type 
_pdbx_audit_revision_history.major_revision 
_pdbx_audit_revision_history.minor_revision 
_pdbx_audit_revision_history.revision_date 
1 'Structure model' 1 0 2005-06-14 
2 'Structure model' 1 1 2008-04-30 
3 'Structure model' 1 2 2011-07-13 
4 'Structure model' 1 3 2023-08-23 
5 'Structure model' 1 4 2024-10-30 
# 
_pdbx_audit_revision_details.ordinal             1 
_pdbx_audit_revision_details.revision_ordinal    1 
_pdbx_audit_revision_details.data_content_type   'Structure model' 
_pdbx_audit_revision_details.provider            repository 
_pdbx_audit_revision_details.type                'Initial release' 
_pdbx_audit_revision_details.description         ? 
_pdbx_audit_revision_details.details             ? 
# 
loop_
_pdbx_audit_revision_group.ordinal 
_pdbx_audit_revision_group.revision_ordinal 
_pdbx_audit_revision_group.data_content_type 
_pdbx_audit_revision_group.group 
1 2 'Structure model' 'Version format compliance' 
2 3 'Structure model' 'Version format compliance' 
3 4 'Structure model' 'Data collection'           
4 4 'Structure model' 'Database references'       
5 4 'Structure model' 'Derived calculations'      
6 4 'Structure model' 'Refinement description'    
7 5 'Structure model' 'Structure summary'         
# 
loop_
_pdbx_audit_revision_category.ordinal 
_pdbx_audit_revision_category.revision_ordinal 
_pdbx_audit_revision_category.data_content_type 
_pdbx_audit_revision_category.category 
1 4 'Structure model' chem_comp_atom                
2 4 'Structure model' chem_comp_bond                
3 4 'Structure model' database_2                    
4 4 'Structure model' pdbx_initial_refinement_model 
5 4 'Structure model' struct_site                   
6 5 'Structure model' pdbx_entry_details            
7 5 'Structure model' pdbx_modification_feature     
# 
loop_
_pdbx_audit_revision_item.ordinal 
_pdbx_audit_revision_item.revision_ordinal 
_pdbx_audit_revision_item.data_content_type 
_pdbx_audit_revision_item.item 
1 4 'Structure model' '_database_2.pdbx_DOI'                
2 4 'Structure model' '_database_2.pdbx_database_accession' 
3 4 'Structure model' '_struct_site.pdbx_auth_asym_id'      
4 4 'Structure model' '_struct_site.pdbx_auth_comp_id'      
5 4 'Structure model' '_struct_site.pdbx_auth_seq_id'       
# 
_pdbx_database_status.status_code                     REL 
_pdbx_database_status.entry_id                        1ZR8 
_pdbx_database_status.recvd_initial_deposition_date   2005-05-19 
_pdbx_database_status.deposit_site                    RCSB 
_pdbx_database_status.process_site                    RCSB 
_pdbx_database_status.status_code_sf                  ? 
_pdbx_database_status.status_code_mr                  ? 
_pdbx_database_status.SG_entry                        ? 
_pdbx_database_status.pdb_format_compatible           Y 
_pdbx_database_status.status_code_cs                  ? 
_pdbx_database_status.status_code_nmr_data            ? 
_pdbx_database_status.methods_development_category    ? 
# 
loop_
_audit_author.name 
_audit_author.pdbx_ordinal 
'Mahendra, M.' 1 
'Singh, N.'    2 
'Kaur, P.'     3 
'Sharma, S.'   4 
'Singh, T.P.'  5 
# 
_citation.id                        primary 
_citation.title                     
'Crystal Structure of the complex formed between group II phospholipase A2 and a plant alkaloid ajmaline at 2.0A resolution' 
_citation.journal_abbrev            'To be Published' 
_citation.journal_volume            ? 
_citation.page_first                ? 
_citation.page_last                 ? 
_citation.year                      ? 
_citation.journal_id_ASTM           ? 
_citation.country                   ? 
_citation.journal_id_ISSN           ? 
_citation.journal_id_CSD            0353 
_citation.book_publisher            ? 
_citation.pdbx_database_id_PubMed   ? 
_citation.pdbx_database_id_DOI      ? 
# 
loop_
_citation_author.citation_id 
_citation_author.name 
_citation_author.ordinal 
_citation_author.identifier_ORCID 
primary 'Mahendra, M.' 1 ? 
primary 'Singh, N.'    2 ? 
primary 'Kaur, P.'     3 ? 
primary 'Sharma, S.'   4 ? 
primary 'Singh, T.P.'  5 ? 
# 
loop_
_entity.id 
_entity.type 
_entity.src_method 
_entity.pdbx_description 
_entity.formula_weight 
_entity.pdbx_number_of_molecules 
_entity.pdbx_ec 
_entity.pdbx_mutation 
_entity.pdbx_fragment 
_entity.details 
1 polymer     nat 'Phospholipase A2 VRV-PL-VIIIa' 13629.767 1   3.1.1.4 ? ? ? 
2 non-polymer syn 'SULFATE ION'                   96.063    2   ?       ? ? ? 
3 non-polymer syn AJMALINE                        298.379   1   ?       ? ? ? 
4 non-polymer syn 'ACETIC ACID'                   60.052    1   ?       ? ? ? 
5 water       nat water                           18.015    110 ?       ? ? ? 
# 
_entity_name_com.entity_id   1 
_entity_name_com.name        'Phosphatidylcholine 2- acylhydrolase, DPLA2' 
# 
_entity_poly.entity_id                      1 
_entity_poly.type                           'polypeptide(L)' 
_entity_poly.nstd_linkage                   no 
_entity_poly.nstd_monomer                   no 
_entity_poly.pdbx_seq_one_letter_code       
;SLLEFGKMILEETGKLAIPSYSSYGCYCGWGGKGTPKDATDRCCFVHDCCYGNLPDCNPKSDRYKYKRVNGAIVCEKGTS
CENRICECDKAAAICFRQNLNTYSKKYMLYPDFLCKGELKC
;
_entity_poly.pdbx_seq_one_letter_code_can   
;SLLEFGKMILEETGKLAIPSYSSYGCYCGWGGKGTPKDATDRCCFVHDCCYGNLPDCNPKSDRYKYKRVNGAIVCEKGTS
CENRICECDKAAAICFRQNLNTYSKKYMLYPDFLCKGELKC
;
_entity_poly.pdbx_strand_id                 A 
_entity_poly.pdbx_target_identifier         ? 
# 
loop_
_pdbx_entity_nonpoly.entity_id 
_pdbx_entity_nonpoly.name 
_pdbx_entity_nonpoly.comp_id 
2 'SULFATE ION' SO4 
3 AJMALINE      AJM 
4 'ACETIC ACID' ACY 
5 water         HOH 
# 
loop_
_entity_poly_seq.entity_id 
_entity_poly_seq.num 
_entity_poly_seq.mon_id 
_entity_poly_seq.hetero 
1 1   SER n 
1 2   LEU n 
1 3   LEU n 
1 4   GLU n 
1 5   PHE n 
1 6   GLY n 
1 7   LYS n 
1 8   MET n 
1 9   ILE n 
1 10  LEU n 
1 11  GLU n 
1 12  GLU n 
1 13  THR n 
1 14  GLY n 
1 15  LYS n 
1 16  LEU n 
1 17  ALA n 
1 18  ILE n 
1 19  PRO n 
1 20  SER n 
1 21  TYR n 
1 22  SER n 
1 23  SER n 
1 24  TYR n 
1 25  GLY n 
1 26  CYS n 
1 27  TYR n 
1 28  CYS n 
1 29  GLY n 
1 30  TRP n 
1 31  GLY n 
1 32  GLY n 
1 33  LYS n 
1 34  GLY n 
1 35  THR n 
1 36  PRO n 
1 37  LYS n 
1 38  ASP n 
1 39  ALA n 
1 40  THR n 
1 41  ASP n 
1 42  ARG n 
1 43  CYS n 
1 44  CYS n 
1 45  PHE n 
1 46  VAL n 
1 47  HIS n 
1 48  ASP n 
1 49  CYS n 
1 50  CYS n 
1 51  TYR n 
1 52  GLY n 
1 53  ASN n 
1 54  LEU n 
1 55  PRO n 
1 56  ASP n 
1 57  CYS n 
1 58  ASN n 
1 59  PRO n 
1 60  LYS n 
1 61  SER n 
1 62  ASP n 
1 63  ARG n 
1 64  TYR n 
1 65  LYS n 
1 66  TYR n 
1 67  LYS n 
1 68  ARG n 
1 69  VAL n 
1 70  ASN n 
1 71  GLY n 
1 72  ALA n 
1 73  ILE n 
1 74  VAL n 
1 75  CYS n 
1 76  GLU n 
1 77  LYS n 
1 78  GLY n 
1 79  THR n 
1 80  SER n 
1 81  CYS n 
1 82  GLU n 
1 83  ASN n 
1 84  ARG n 
1 85  ILE n 
1 86  CYS n 
1 87  GLU n 
1 88  CYS n 
1 89  ASP n 
1 90  LYS n 
1 91  ALA n 
1 92  ALA n 
1 93  ALA n 
1 94  ILE n 
1 95  CYS n 
1 96  PHE n 
1 97  ARG n 
1 98  GLN n 
1 99  ASN n 
1 100 LEU n 
1 101 ASN n 
1 102 THR n 
1 103 TYR n 
1 104 SER n 
1 105 LYS n 
1 106 LYS n 
1 107 TYR n 
1 108 MET n 
1 109 LEU n 
1 110 TYR n 
1 111 PRO n 
1 112 ASP n 
1 113 PHE n 
1 114 LEU n 
1 115 CYS n 
1 116 LYS n 
1 117 GLY n 
1 118 GLU n 
1 119 LEU n 
1 120 LYS n 
1 121 CYS n 
# 
_entity_src_nat.entity_id                  1 
_entity_src_nat.pdbx_src_id                1 
_entity_src_nat.pdbx_alt_source_flag       sample 
_entity_src_nat.pdbx_beg_seq_num           ? 
_entity_src_nat.pdbx_end_seq_num           ? 
_entity_src_nat.common_name                ? 
_entity_src_nat.pdbx_organism_scientific   'Daboia russellii pulchella' 
_entity_src_nat.pdbx_ncbi_taxonomy_id      97228 
_entity_src_nat.genus                      Daboia 
_entity_src_nat.species                    'Daboia russellii' 
_entity_src_nat.strain                     pulchella 
_entity_src_nat.tissue                     ? 
_entity_src_nat.tissue_fraction            ? 
_entity_src_nat.pdbx_secretion             ? 
_entity_src_nat.pdbx_fragment              ? 
_entity_src_nat.pdbx_variant               ? 
_entity_src_nat.pdbx_cell_line             ? 
_entity_src_nat.pdbx_atcc                  ? 
_entity_src_nat.pdbx_cellular_location     ? 
_entity_src_nat.pdbx_organ                 ? 
_entity_src_nat.pdbx_organelle             ? 
_entity_src_nat.pdbx_cell                  ? 
_entity_src_nat.pdbx_plasmid_name          ? 
_entity_src_nat.pdbx_plasmid_details       ? 
_entity_src_nat.details                    venom 
# 
loop_
_chem_comp.id 
_chem_comp.type 
_chem_comp.mon_nstd_flag 
_chem_comp.name 
_chem_comp.pdbx_synonyms 
_chem_comp.formula 
_chem_comp.formula_weight 
ACY non-polymer         . 'ACETIC ACID'   ? 'C2 H4 O2'       60.052  
AJM non-polymer         . AJMALINE        ? 'C18 H22 N2 O2'  298.379 
ALA 'L-peptide linking' y ALANINE         ? 'C3 H7 N O2'     89.093  
ARG 'L-peptide linking' y ARGININE        ? 'C6 H15 N4 O2 1' 175.209 
ASN 'L-peptide linking' y ASPARAGINE      ? 'C4 H8 N2 O3'    132.118 
ASP 'L-peptide linking' y 'ASPARTIC ACID' ? 'C4 H7 N O4'     133.103 
CYS 'L-peptide linking' y CYSTEINE        ? 'C3 H7 N O2 S'   121.158 
GLN 'L-peptide linking' y GLUTAMINE       ? 'C5 H10 N2 O3'   146.144 
GLU 'L-peptide linking' y 'GLUTAMIC ACID' ? 'C5 H9 N O4'     147.129 
GLY 'peptide linking'   y GLYCINE         ? 'C2 H5 N O2'     75.067  
HIS 'L-peptide linking' y HISTIDINE       ? 'C6 H10 N3 O2 1' 156.162 
HOH non-polymer         . WATER           ? 'H2 O'           18.015  
ILE 'L-peptide linking' y ISOLEUCINE      ? 'C6 H13 N O2'    131.173 
LEU 'L-peptide linking' y LEUCINE         ? 'C6 H13 N O2'    131.173 
LYS 'L-peptide linking' y LYSINE          ? 'C6 H15 N2 O2 1' 147.195 
MET 'L-peptide linking' y METHIONINE      ? 'C5 H11 N O2 S'  149.211 
PHE 'L-peptide linking' y PHENYLALANINE   ? 'C9 H11 N O2'    165.189 
PRO 'L-peptide linking' y PROLINE         ? 'C5 H9 N O2'     115.130 
SER 'L-peptide linking' y SERINE          ? 'C3 H7 N O3'     105.093 
SO4 non-polymer         . 'SULFATE ION'   ? 'O4 S -2'        96.063  
THR 'L-peptide linking' y THREONINE       ? 'C4 H9 N O3'     119.119 
TRP 'L-peptide linking' y TRYPTOPHAN      ? 'C11 H12 N2 O2'  204.225 
TYR 'L-peptide linking' y TYROSINE        ? 'C9 H11 N O3'    181.189 
VAL 'L-peptide linking' y VALINE          ? 'C5 H11 N O2'    117.146 
# 
loop_
_pdbx_poly_seq_scheme.asym_id 
_pdbx_poly_seq_scheme.entity_id 
_pdbx_poly_seq_scheme.seq_id 
_pdbx_poly_seq_scheme.mon_id 
_pdbx_poly_seq_scheme.ndb_seq_num 
_pdbx_poly_seq_scheme.pdb_seq_num 
_pdbx_poly_seq_scheme.auth_seq_num 
_pdbx_poly_seq_scheme.pdb_mon_id 
_pdbx_poly_seq_scheme.auth_mon_id 
_pdbx_poly_seq_scheme.pdb_strand_id 
_pdbx_poly_seq_scheme.pdb_ins_code 
_pdbx_poly_seq_scheme.hetero 
A 1 1   SER 1   1   1   SER SER A . n 
A 1 2   LEU 2   2   2   LEU LEU A . n 
A 1 3   LEU 3   3   3   LEU LEU A . n 
A 1 4   GLU 4   4   4   GLU GLU A . n 
A 1 5   PHE 5   5   5   PHE PHE A . n 
A 1 6   GLY 6   6   6   GLY GLY A . n 
A 1 7   LYS 7   7   7   LYS LYS A . n 
A 1 8   MET 8   8   8   MET MET A . n 
A 1 9   ILE 9   9   9   ILE ILE A . n 
A 1 10  LEU 10  10  10  LEU LEU A . n 
A 1 11  GLU 11  11  11  GLU GLU A . n 
A 1 12  GLU 12  12  12  GLU GLU A . n 
A 1 13  THR 13  13  13  THR THR A . n 
A 1 14  GLY 14  14  14  GLY GLY A . n 
A 1 15  LYS 15  16  16  LYS LYS A . n 
A 1 16  LEU 16  17  17  LEU LEU A . n 
A 1 17  ALA 17  18  18  ALA ALA A . n 
A 1 18  ILE 18  19  19  ILE ILE A . n 
A 1 19  PRO 19  20  20  PRO PRO A . n 
A 1 20  SER 20  21  21  SER SER A . n 
A 1 21  TYR 21  22  22  TYR TYR A . n 
A 1 22  SER 22  23  23  SER SER A . n 
A 1 23  SER 23  24  24  SER SER A . n 
A 1 24  TYR 24  25  25  TYR TYR A . n 
A 1 25  GLY 25  26  26  GLY GLY A . n 
A 1 26  CYS 26  27  27  CYS CYS A . n 
A 1 27  TYR 27  28  28  TYR TYR A . n 
A 1 28  CYS 28  29  29  CYS CYS A . n 
A 1 29  GLY 29  30  30  GLY GLY A . n 
A 1 30  TRP 30  31  31  TRP TRP A . n 
A 1 31  GLY 31  32  32  GLY GLY A . n 
A 1 32  GLY 32  33  33  GLY GLY A . n 
A 1 33  LYS 33  34  34  LYS LYS A . n 
A 1 34  GLY 34  35  35  GLY GLY A . n 
A 1 35  THR 35  36  36  THR THR A . n 
A 1 36  PRO 36  37  37  PRO PRO A . n 
A 1 37  LYS 37  38  38  LYS LYS A . n 
A 1 38  ASP 38  39  39  ASP ASP A . n 
A 1 39  ALA 39  40  40  ALA ALA A . n 
A 1 40  THR 40  41  41  THR THR A . n 
A 1 41  ASP 41  42  42  ASP ASP A . n 
A 1 42  ARG 42  43  43  ARG ARG A . n 
A 1 43  CYS 43  44  44  CYS CYS A . n 
A 1 44  CYS 44  45  45  CYS CYS A . n 
A 1 45  PHE 45  46  46  PHE PHE A . n 
A 1 46  VAL 46  47  47  VAL VAL A . n 
A 1 47  HIS 47  48  48  HIS HIS A . n 
A 1 48  ASP 48  49  49  ASP ASP A . n 
A 1 49  CYS 49  50  50  CYS CYS A . n 
A 1 50  CYS 50  51  51  CYS CYS A . n 
A 1 51  TYR 51  52  52  TYR TYR A . n 
A 1 52  GLY 52  53  53  GLY GLY A . n 
A 1 53  ASN 53  54  54  ASN ASN A . n 
A 1 54  LEU 54  55  55  LEU LEU A . n 
A 1 55  PRO 55  56  56  PRO PRO A . n 
A 1 56  ASP 56  59  59  ASP ASP A . n 
A 1 57  CYS 57  61  61  CYS CYS A . n 
A 1 58  ASN 58  67  67  ASN ASN A . n 
A 1 59  PRO 59  68  68  PRO PRO A . n 
A 1 60  LYS 60  69  69  LYS LYS A . n 
A 1 61  SER 61  70  70  SER SER A . n 
A 1 62  ASP 62  71  71  ASP ASP A . n 
A 1 63  ARG 63  72  72  ARG ARG A . n 
A 1 64  TYR 64  73  73  TYR TYR A . n 
A 1 65  LYS 65  74  74  LYS LYS A . n 
A 1 66  TYR 66  75  75  TYR TYR A . n 
A 1 67  LYS 67  76  76  LYS LYS A . n 
A 1 68  ARG 68  77  77  ARG ARG A . n 
A 1 69  VAL 69  78  78  VAL VAL A . n 
A 1 70  ASN 70  79  79  ASN ASN A . n 
A 1 71  GLY 71  80  80  GLY GLY A . n 
A 1 72  ALA 72  81  81  ALA ALA A . n 
A 1 73  ILE 73  82  82  ILE ILE A . n 
A 1 74  VAL 74  83  83  VAL VAL A . n 
A 1 75  CYS 75  84  84  CYS CYS A . n 
A 1 76  GLU 76  85  85  GLU GLU A . n 
A 1 77  LYS 77  86  86  LYS LYS A . n 
A 1 78  GLY 78  88  88  GLY GLY A . n 
A 1 79  THR 79  89  89  THR THR A . n 
A 1 80  SER 80  90  90  SER SER A . n 
A 1 81  CYS 81  91  91  CYS CYS A . n 
A 1 82  GLU 82  92  92  GLU GLU A . n 
A 1 83  ASN 83  93  93  ASN ASN A . n 
A 1 84  ARG 84  94  94  ARG ARG A . n 
A 1 85  ILE 85  95  95  ILE ILE A . n 
A 1 86  CYS 86  96  96  CYS CYS A . n 
A 1 87  GLU 87  97  97  GLU GLU A . n 
A 1 88  CYS 88  98  98  CYS CYS A . n 
A 1 89  ASP 89  99  99  ASP ASP A . n 
A 1 90  LYS 90  100 100 LYS LYS A . n 
A 1 91  ALA 91  101 101 ALA ALA A . n 
A 1 92  ALA 92  102 102 ALA ALA A . n 
A 1 93  ALA 93  103 103 ALA ALA A . n 
A 1 94  ILE 94  104 104 ILE ILE A . n 
A 1 95  CYS 95  105 105 CYS CYS A . n 
A 1 96  PHE 96  106 106 PHE PHE A . n 
A 1 97  ARG 97  107 107 ARG ARG A . n 
A 1 98  GLN 98  108 108 GLN GLN A . n 
A 1 99  ASN 99  109 109 ASN ASN A . n 
A 1 100 LEU 100 110 110 LEU LEU A . n 
A 1 101 ASN 101 111 111 ASN ASN A . n 
A 1 102 THR 102 112 112 THR THR A . n 
A 1 103 TYR 103 113 113 TYR TYR A . n 
A 1 104 SER 104 114 114 SER SER A . n 
A 1 105 LYS 105 115 115 LYS LYS A . n 
A 1 106 LYS 106 116 116 LYS LYS A . n 
A 1 107 TYR 107 117 117 TYR TYR A . n 
A 1 108 MET 108 118 118 MET MET A . n 
A 1 109 LEU 109 119 119 LEU LEU A . n 
A 1 110 TYR 110 120 120 TYR TYR A . n 
A 1 111 PRO 111 121 121 PRO PRO A . n 
A 1 112 ASP 112 122 122 ASP ASP A . n 
A 1 113 PHE 113 124 124 PHE PHE A . n 
A 1 114 LEU 114 125 125 LEU LEU A . n 
A 1 115 CYS 115 126 126 CYS CYS A . n 
A 1 116 LYS 116 127 127 LYS LYS A . n 
A 1 117 GLY 117 128 128 GLY GLY A . n 
A 1 118 GLU 118 129 129 GLU GLU A . n 
A 1 119 LEU 119 130 130 LEU LEU A . n 
A 1 120 LYS 120 131 131 LYS LYS A . n 
A 1 121 CYS 121 133 133 CYS CYS A . n 
# 
loop_
_pdbx_nonpoly_scheme.asym_id 
_pdbx_nonpoly_scheme.entity_id 
_pdbx_nonpoly_scheme.mon_id 
_pdbx_nonpoly_scheme.ndb_seq_num 
_pdbx_nonpoly_scheme.pdb_seq_num 
_pdbx_nonpoly_scheme.auth_seq_num 
_pdbx_nonpoly_scheme.pdb_mon_id 
_pdbx_nonpoly_scheme.auth_mon_id 
_pdbx_nonpoly_scheme.pdb_strand_id 
_pdbx_nonpoly_scheme.pdb_ins_code 
B 2 SO4 1   301 1   SO4 SO4 A . 
C 2 SO4 1   302 2   SO4 SO4 A . 
D 3 AJM 1   201 1   AJM AJM A . 
E 4 ACY 1   401 1   ACY ACY A . 
F 5 HOH 1   402 1   HOH HOH A . 
F 5 HOH 2   403 2   HOH HOH A . 
F 5 HOH 3   404 3   HOH HOH A . 
F 5 HOH 4   405 4   HOH HOH A . 
F 5 HOH 5   406 5   HOH HOH A . 
F 5 HOH 6   407 6   HOH HOH A . 
F 5 HOH 7   408 7   HOH HOH A . 
F 5 HOH 8   409 8   HOH HOH A . 
F 5 HOH 9   410 9   HOH HOH A . 
F 5 HOH 10  411 10  HOH HOH A . 
F 5 HOH 11  412 11  HOH HOH A . 
F 5 HOH 12  413 12  HOH HOH A . 
F 5 HOH 13  414 13  HOH HOH A . 
F 5 HOH 14  415 14  HOH HOH A . 
F 5 HOH 15  416 15  HOH HOH A . 
F 5 HOH 16  417 16  HOH HOH A . 
F 5 HOH 17  418 17  HOH HOH A . 
F 5 HOH 18  419 18  HOH HOH A . 
F 5 HOH 19  420 19  HOH HOH A . 
F 5 HOH 20  421 20  HOH HOH A . 
F 5 HOH 21  422 21  HOH HOH A . 
F 5 HOH 22  423 22  HOH HOH A . 
F 5 HOH 23  424 23  HOH HOH A . 
F 5 HOH 24  425 24  HOH HOH A . 
F 5 HOH 25  426 25  HOH HOH A . 
F 5 HOH 26  427 26  HOH HOH A . 
F 5 HOH 27  428 27  HOH HOH A . 
F 5 HOH 28  429 28  HOH HOH A . 
F 5 HOH 29  430 29  HOH HOH A . 
F 5 HOH 30  431 30  HOH HOH A . 
F 5 HOH 31  432 31  HOH HOH A . 
F 5 HOH 32  433 32  HOH HOH A . 
F 5 HOH 33  434 33  HOH HOH A . 
F 5 HOH 34  435 34  HOH HOH A . 
F 5 HOH 35  436 35  HOH HOH A . 
F 5 HOH 36  437 36  HOH HOH A . 
F 5 HOH 37  438 37  HOH HOH A . 
F 5 HOH 38  439 38  HOH HOH A . 
F 5 HOH 39  440 39  HOH HOH A . 
F 5 HOH 40  441 40  HOH HOH A . 
F 5 HOH 41  442 41  HOH HOH A . 
F 5 HOH 42  443 42  HOH HOH A . 
F 5 HOH 43  444 43  HOH HOH A . 
F 5 HOH 44  445 44  HOH HOH A . 
F 5 HOH 45  446 45  HOH HOH A . 
F 5 HOH 46  447 46  HOH HOH A . 
F 5 HOH 47  448 47  HOH HOH A . 
F 5 HOH 48  449 48  HOH HOH A . 
F 5 HOH 49  450 49  HOH HOH A . 
F 5 HOH 50  451 50  HOH HOH A . 
F 5 HOH 51  452 51  HOH HOH A . 
F 5 HOH 52  453 52  HOH HOH A . 
F 5 HOH 53  454 53  HOH HOH A . 
F 5 HOH 54  455 54  HOH HOH A . 
F 5 HOH 55  456 55  HOH HOH A . 
F 5 HOH 56  457 56  HOH HOH A . 
F 5 HOH 57  458 57  HOH HOH A . 
F 5 HOH 58  459 58  HOH HOH A . 
F 5 HOH 59  460 59  HOH HOH A . 
F 5 HOH 60  461 60  HOH HOH A . 
F 5 HOH 61  462 61  HOH HOH A . 
F 5 HOH 62  463 62  HOH HOH A . 
F 5 HOH 63  464 63  HOH HOH A . 
F 5 HOH 64  465 64  HOH HOH A . 
F 5 HOH 65  466 65  HOH HOH A . 
F 5 HOH 66  467 66  HOH HOH A . 
F 5 HOH 67  468 67  HOH HOH A . 
F 5 HOH 68  469 68  HOH HOH A . 
F 5 HOH 69  470 69  HOH HOH A . 
F 5 HOH 70  471 70  HOH HOH A . 
F 5 HOH 71  472 71  HOH HOH A . 
F 5 HOH 72  473 72  HOH HOH A . 
F 5 HOH 73  474 73  HOH HOH A . 
F 5 HOH 74  475 74  HOH HOH A . 
F 5 HOH 75  476 75  HOH HOH A . 
F 5 HOH 76  477 76  HOH HOH A . 
F 5 HOH 77  478 77  HOH HOH A . 
F 5 HOH 78  479 78  HOH HOH A . 
F 5 HOH 79  480 79  HOH HOH A . 
F 5 HOH 80  481 80  HOH HOH A . 
F 5 HOH 81  482 81  HOH HOH A . 
F 5 HOH 82  483 82  HOH HOH A . 
F 5 HOH 83  484 83  HOH HOH A . 
F 5 HOH 84  485 84  HOH HOH A . 
F 5 HOH 85  486 85  HOH HOH A . 
F 5 HOH 86  487 86  HOH HOH A . 
F 5 HOH 87  488 87  HOH HOH A . 
F 5 HOH 88  489 88  HOH HOH A . 
F 5 HOH 89  490 89  HOH HOH A . 
F 5 HOH 90  491 90  HOH HOH A . 
F 5 HOH 91  492 91  HOH HOH A . 
F 5 HOH 92  493 92  HOH HOH A . 
F 5 HOH 93  494 93  HOH HOH A . 
F 5 HOH 94  495 94  HOH HOH A . 
F 5 HOH 95  496 95  HOH HOH A . 
F 5 HOH 96  497 96  HOH HOH A . 
F 5 HOH 97  498 97  HOH HOH A . 
F 5 HOH 98  499 98  HOH HOH A . 
F 5 HOH 99  500 99  HOH HOH A . 
F 5 HOH 100 501 100 HOH HOH A . 
F 5 HOH 101 502 101 HOH HOH A . 
F 5 HOH 102 503 102 HOH HOH A . 
F 5 HOH 103 504 103 HOH HOH A . 
F 5 HOH 104 505 104 HOH HOH A . 
F 5 HOH 105 506 105 HOH HOH A . 
F 5 HOH 106 507 106 HOH HOH A . 
F 5 HOH 107 508 107 HOH HOH A . 
F 5 HOH 108 509 108 HOH HOH A . 
F 5 HOH 109 510 109 HOH HOH A . 
F 5 HOH 110 511 110 HOH HOH A . 
# 
loop_
_software.name 
_software.classification 
_software.version 
_software.citation_id 
_software.pdbx_ordinal 
REFMAC    refinement       5.0 ? 1 
DENZO     'data reduction' .   ? 2 
SCALEPACK 'data scaling'   .   ? 3 
AMoRE     phasing          .   ? 4 
# 
_cell.entry_id           1ZR8 
_cell.length_a           53.257 
_cell.length_b           53.257 
_cell.length_c           48.657 
_cell.angle_alpha        90.00 
_cell.angle_beta         90.00 
_cell.angle_gamma        90.00 
_cell.Z_PDB              4 
_cell.pdbx_unique_axis   ? 
# 
_symmetry.entry_id                         1ZR8 
_symmetry.space_group_name_H-M             'P 43' 
_symmetry.pdbx_full_space_group_name_H-M   ? 
_symmetry.cell_setting                     ? 
_symmetry.Int_Tables_number                78 
_symmetry.space_group_name_Hall            ? 
# 
_exptl.entry_id          1ZR8 
_exptl.method            'X-RAY DIFFRACTION' 
_exptl.crystals_number   1 
# 
_exptl_crystal.id                    1 
_exptl_crystal.density_meas          ? 
_exptl_crystal.density_Matthews      2.5 
_exptl_crystal.density_percent_sol   50 
_exptl_crystal.description           ? 
_exptl_crystal.F_000                 ? 
_exptl_crystal.preparation           ? 
# 
_exptl_crystal_grow.crystal_id      1 
_exptl_crystal_grow.method          'VAPOR DIFFUSION, SITTING DROP' 
_exptl_crystal_grow.temp            298 
_exptl_crystal_grow.temp_details    ? 
_exptl_crystal_grow.pH              7.0 
_exptl_crystal_grow.pdbx_details    '0.2M AMMONIUM SULPHATE, 30% PEG, pH 7.0, VAPOR DIFFUSION, SITTING DROP, temperature 298K' 
_exptl_crystal_grow.pdbx_pH_range   . 
# 
_diffrn.id                     1 
_diffrn.ambient_temp           300 
_diffrn.ambient_temp_details   ? 
_diffrn.crystal_id             1 
# 
_diffrn_detector.diffrn_id              1 
_diffrn_detector.detector               'IMAGE PLATE' 
_diffrn_detector.type                   MARRESEARCH 
_diffrn_detector.pdbx_collection_date   2005-04-12 
_diffrn_detector.details                mirror 
# 
_diffrn_radiation.diffrn_id                        1 
_diffrn_radiation.wavelength_id                    1 
_diffrn_radiation.pdbx_monochromatic_or_laue_m_l   M 
_diffrn_radiation.monochromator                    Graphite 
_diffrn_radiation.pdbx_diffrn_protocol             'SINGLE WAVELENGTH' 
_diffrn_radiation.pdbx_scattering_type             x-ray 
# 
_diffrn_radiation_wavelength.id           1 
_diffrn_radiation_wavelength.wavelength   1.5418 
_diffrn_radiation_wavelength.wt           1.0 
# 
_diffrn_source.diffrn_id                   1 
_diffrn_source.source                      'ROTATING ANODE' 
_diffrn_source.type                        'RIGAKU RU300' 
_diffrn_source.pdbx_synchrotron_site       ? 
_diffrn_source.pdbx_synchrotron_beamline   ? 
_diffrn_source.pdbx_wavelength             ? 
_diffrn_source.pdbx_wavelength_list        1.5418 
# 
_reflns.entry_id                     1ZR8 
_reflns.observed_criterion_sigma_F   0.0 
_reflns.observed_criterion_sigma_I   0.0 
_reflns.d_resolution_high            2.03 
_reflns.d_resolution_low             54.5 
_reflns.number_all                   67845 
_reflns.number_obs                   8322 
_reflns.percent_possible_obs         98 
_reflns.pdbx_Rmerge_I_obs            ? 
_reflns.pdbx_Rsym_value              0.077 
_reflns.pdbx_netI_over_sigmaI        10.9 
_reflns.B_iso_Wilson_estimate        32.9 
_reflns.pdbx_redundancy              ? 
_reflns.R_free_details               ? 
_reflns.limit_h_max                  ? 
_reflns.limit_h_min                  ? 
_reflns.limit_k_max                  ? 
_reflns.limit_k_min                  ? 
_reflns.limit_l_max                  ? 
_reflns.limit_l_min                  ? 
_reflns.observed_criterion_F_max     ? 
_reflns.observed_criterion_F_min     ? 
_reflns.pdbx_chi_squared             ? 
_reflns.pdbx_scaling_rejects         ? 
_reflns.pdbx_diffrn_id               1 
_reflns.pdbx_ordinal                 1 
# 
_reflns_shell.d_res_high             2.03 
_reflns_shell.d_res_low              2.12 
_reflns_shell.percent_possible_all   94.1 
_reflns_shell.Rmerge_I_obs           ? 
_reflns_shell.pdbx_Rsym_value        0.528 
_reflns_shell.meanI_over_sigI_obs    2.8 
_reflns_shell.pdbx_redundancy        ? 
_reflns_shell.percent_possible_obs   ? 
_reflns_shell.number_unique_all      ? 
_reflns_shell.number_measured_all    ? 
_reflns_shell.number_measured_obs    ? 
_reflns_shell.number_unique_obs      ? 
_reflns_shell.pdbx_chi_squared       ? 
_reflns_shell.pdbx_diffrn_id         ? 
_reflns_shell.pdbx_ordinal           1 
# 
_refine.entry_id                                 1ZR8 
_refine.ls_number_reflns_obs                     8307 
_refine.ls_number_reflns_all                     8307 
_refine.pdbx_ls_sigma_I                          0.0 
_refine.pdbx_ls_sigma_F                          0.0 
_refine.pdbx_data_cutoff_high_absF               ? 
_refine.pdbx_data_cutoff_low_absF                ? 
_refine.pdbx_data_cutoff_high_rms_absF           ? 
_refine.ls_d_res_low                             20.00 
_refine.ls_d_res_high                            2.03 
_refine.ls_percent_reflns_obs                    98.12 
_refine.ls_R_factor_obs                          0.1896 
_refine.ls_R_factor_all                          0.1896 
_refine.ls_R_factor_R_work                       0.18596 
_refine.ls_R_factor_R_free                       0.22146 
_refine.ls_R_factor_R_free_error                 ? 
_refine.ls_R_factor_R_free_error_details         ? 
_refine.ls_percent_reflns_R_free                 4.8 
_refine.ls_number_reflns_R_free                  419 
_refine.ls_number_parameters                     ? 
_refine.ls_number_restraints                     ? 
_refine.occupancy_min                            ? 
_refine.occupancy_max                            ? 
_refine.correlation_coeff_Fo_to_Fc               0.949 
_refine.correlation_coeff_Fo_to_Fc_free          0.930 
_refine.B_iso_mean                               25.475 
_refine.aniso_B[1][1]                            0.21 
_refine.aniso_B[2][2]                            0.21 
_refine.aniso_B[3][3]                            -0.42 
_refine.aniso_B[1][2]                            0.00 
_refine.aniso_B[1][3]                            0.00 
_refine.aniso_B[2][3]                            0.00 
_refine.solvent_model_details                    'BABINET MODEL WITH MASK' 
_refine.solvent_model_param_ksol                 ? 
_refine.solvent_model_param_bsol                 ? 
_refine.pdbx_solvent_vdw_probe_radii             1.40 
_refine.pdbx_solvent_ion_probe_radii             0.80 
_refine.pdbx_solvent_shrinkage_radii             0.80 
_refine.pdbx_ls_cross_valid_method               THROUGHOUT 
_refine.details                                  'HYDROGENS HAVE BEEN ADDED IN THE RIDING POSITIONS' 
_refine.pdbx_starting_model                      'PDB ENTRY 1SKG' 
_refine.pdbx_method_to_determine_struct          'MOLECULAR REPLACEMENT' 
_refine.pdbx_isotropic_thermal_model             ? 
_refine.pdbx_stereochemistry_target_values       'MAXIMUM LIKELIHOOD' 
_refine.pdbx_stereochem_target_val_spec_case     ? 
_refine.pdbx_R_Free_selection_details            RANDOM 
_refine.pdbx_overall_ESU_R                       0.205 
_refine.pdbx_overall_ESU_R_Free                  0.167 
_refine.overall_SU_ML                            0.163 
_refine.overall_SU_B                             5.875 
_refine.ls_redundancy_reflns_obs                 ? 
_refine.B_iso_min                                ? 
_refine.B_iso_max                                ? 
_refine.overall_SU_R_Cruickshank_DPI             ? 
_refine.overall_SU_R_free                        ? 
_refine.ls_wR_factor_R_free                      ? 
_refine.ls_wR_factor_R_work                      ? 
_refine.overall_FOM_free_R_set                   ? 
_refine.overall_FOM_work_R_set                   ? 
_refine.pdbx_refine_id                           'X-RAY DIFFRACTION' 
_refine.pdbx_diffrn_id                           1 
_refine.pdbx_TLS_residual_ADP_flag               ? 
_refine.pdbx_overall_phase_error                 ? 
_refine.pdbx_overall_SU_R_free_Cruickshank_DPI   ? 
_refine.pdbx_overall_SU_R_Blow_DPI               ? 
_refine.pdbx_overall_SU_R_free_Blow_DPI          ? 
# 
_refine_analyze.entry_id                        1ZR8 
_refine_analyze.Luzzati_coordinate_error_obs    0.2313 
_refine_analyze.Luzzati_sigma_a_obs             ? 
_refine_analyze.Luzzati_d_res_low_obs           ? 
_refine_analyze.Luzzati_coordinate_error_free   ? 
_refine_analyze.Luzzati_sigma_a_free            ? 
_refine_analyze.Luzzati_d_res_low_free          ? 
_refine_analyze.number_disordered_residues      ? 
_refine_analyze.occupancy_sum_non_hydrogen      ? 
_refine_analyze.occupancy_sum_hydrogen          ? 
_refine_analyze.pdbx_Luzzati_d_res_high_obs     ? 
_refine_analyze.pdbx_refine_id                  'X-RAY DIFFRACTION' 
# 
_refine_hist.pdbx_refine_id                   'X-RAY DIFFRACTION' 
_refine_hist.cycle_id                         LAST 
_refine_hist.pdbx_number_atoms_protein        944 
_refine_hist.pdbx_number_atoms_nucleic_acid   0 
_refine_hist.pdbx_number_atoms_ligand         32 
_refine_hist.number_atoms_solvent             114 
_refine_hist.number_atoms_total               1090 
_refine_hist.d_res_high                       2.03 
_refine_hist.d_res_low                        20.00 
# 
loop_
_refine_ls_restr.type 
_refine_ls_restr.dev_ideal 
_refine_ls_restr.dev_ideal_target 
_refine_ls_restr.weight 
_refine_ls_restr.number 
_refine_ls_restr.pdbx_refine_id 
_refine_ls_restr.pdbx_restraint_function 
r_bond_refined_d             0.014  0.021  ? 1002 'X-RAY DIFFRACTION' ? 
r_bond_other_d               0.003  0.020  ? 831  'X-RAY DIFFRACTION' ? 
r_angle_refined_deg          3.925  2.036  ? 1347 'X-RAY DIFFRACTION' ? 
r_angle_other_deg            1.402  3.000  ? 1960 'X-RAY DIFFRACTION' ? 
r_dihedral_angle_1_deg       2.019  3.000  ? 113  'X-RAY DIFFRACTION' ? 
r_dihedral_angle_2_deg       ?      ?      ? ?    'X-RAY DIFFRACTION' ? 
r_dihedral_angle_3_deg       14.454 15.000 ? 187  'X-RAY DIFFRACTION' ? 
r_dihedral_angle_4_deg       ?      ?      ? ?    'X-RAY DIFFRACTION' ? 
r_chiral_restr               0.342  0.200  ? 139  'X-RAY DIFFRACTION' ? 
r_gen_planes_refined         0.030  0.020  ? 1051 'X-RAY DIFFRACTION' ? 
r_gen_planes_other           0.035  0.020  ? 197  'X-RAY DIFFRACTION' ? 
r_nbd_refined                0.447  0.300  ? 269  'X-RAY DIFFRACTION' ? 
r_nbd_other                  0.243  0.300  ? 812  'X-RAY DIFFRACTION' ? 
r_nbtor_refined              ?      ?      ? ?    'X-RAY DIFFRACTION' ? 
r_nbtor_other                1.033  0.500  ? 1    'X-RAY DIFFRACTION' ? 
r_xyhbond_nbd_refined        0.226  0.500  ? 72   'X-RAY DIFFRACTION' ? 
r_xyhbond_nbd_other          0.256  0.500  ? 2    'X-RAY DIFFRACTION' ? 
r_metal_ion_refined          ?      ?      ? ?    'X-RAY DIFFRACTION' ? 
r_metal_ion_other            ?      ?      ? ?    'X-RAY DIFFRACTION' ? 
r_symmetry_vdw_refined       0.278  0.300  ? 4    'X-RAY DIFFRACTION' ? 
r_symmetry_vdw_other         0.213  0.300  ? 30   'X-RAY DIFFRACTION' ? 
r_symmetry_hbond_refined     0.212  0.500  ? 3    'X-RAY DIFFRACTION' ? 
r_symmetry_hbond_other       0.051  0.500  ? 1    'X-RAY DIFFRACTION' ? 
r_symmetry_metal_ion_refined ?      ?      ? ?    'X-RAY DIFFRACTION' ? 
r_symmetry_metal_ion_other   ?      ?      ? ?    'X-RAY DIFFRACTION' ? 
r_mcbond_it                  0.994  1.500  ? 595  'X-RAY DIFFRACTION' ? 
r_mcbond_other               ?      ?      ? ?    'X-RAY DIFFRACTION' ? 
r_mcangle_it                 1.900  2.000  ? 936  'X-RAY DIFFRACTION' ? 
r_scbond_it                  2.314  3.000  ? 407  'X-RAY DIFFRACTION' ? 
r_scangle_it                 3.601  4.500  ? 411  'X-RAY DIFFRACTION' ? 
r_rigid_bond_restr           ?      ?      ? ?    'X-RAY DIFFRACTION' ? 
r_sphericity_free            ?      ?      ? ?    'X-RAY DIFFRACTION' ? 
r_sphericity_bonded          ?      ?      ? ?    'X-RAY DIFFRACTION' ? 
# 
_refine_ls_shell.pdbx_total_number_of_bins_used   20 
_refine_ls_shell.d_res_high                       2.031 
_refine_ls_shell.d_res_low                        2.083 
_refine_ls_shell.number_reflns_R_work             577 
_refine_ls_shell.R_factor_R_work                  0.275 
_refine_ls_shell.percent_reflns_obs               ? 
_refine_ls_shell.R_factor_R_free                  0.362 
_refine_ls_shell.R_factor_R_free_error            ? 
_refine_ls_shell.percent_reflns_R_free            ? 
_refine_ls_shell.number_reflns_R_free             36 
_refine_ls_shell.number_reflns_obs                ? 
_refine_ls_shell.redundancy_reflns_obs            ? 
_refine_ls_shell.number_reflns_all                ? 
_refine_ls_shell.pdbx_refine_id                   'X-RAY DIFFRACTION' 
_refine_ls_shell.R_factor_all                     ? 
# 
_struct.entry_id                  1ZR8 
_struct.title                     
'Crystal Structure of the complex formed between group II phospholipase A2 and a plant alkaloid ajmaline at 2.0A resolution' 
_struct.pdbx_model_details        ? 
_struct.pdbx_CASP_flag            ? 
_struct.pdbx_model_type_details   ? 
# 
_struct_keywords.entry_id        1ZR8 
_struct_keywords.pdbx_keywords   HYDROLASE 
_struct_keywords.text            'phospholipase A2, ajmaline, complex, HYDROLASE' 
# 
loop_
_struct_asym.id 
_struct_asym.pdbx_blank_PDB_chainid_flag 
_struct_asym.pdbx_modified 
_struct_asym.entity_id 
_struct_asym.details 
A N N 1 ? 
B N N 2 ? 
C N N 2 ? 
D N N 3 ? 
E N N 4 ? 
F N N 5 ? 
# 
_struct_ref.id                         1 
_struct_ref.db_name                    UNP 
_struct_ref.db_code                    PA28_DABRP 
_struct_ref.pdbx_db_accession          P59071 
_struct_ref.entity_id                  1 
_struct_ref.pdbx_seq_one_letter_code   
;SLLEFGKMILEETGKLAIPSYSSYGCYCGWGGKGTPKDATDRCCFVHDCCYGNLPDCNPKSDRYKYKRVNGAIVCEKGTS
CENRICECDKAAAICFRQNLNTYSKKYMLYPDFLCKGELKC
;
_struct_ref.pdbx_align_begin           1 
_struct_ref.pdbx_db_isoform            ? 
# 
_struct_ref_seq.align_id                      1 
_struct_ref_seq.ref_id                        1 
_struct_ref_seq.pdbx_PDB_id_code              1ZR8 
_struct_ref_seq.pdbx_strand_id                A 
_struct_ref_seq.seq_align_beg                 1 
_struct_ref_seq.pdbx_seq_align_beg_ins_code   ? 
_struct_ref_seq.seq_align_end                 111 
_struct_ref_seq.pdbx_seq_align_end_ins_code   ? 
_struct_ref_seq.pdbx_db_accession             P59071 
_struct_ref_seq.db_align_beg                  1 
_struct_ref_seq.pdbx_db_align_beg_ins_code    ? 
_struct_ref_seq.db_align_end                  121 
_struct_ref_seq.pdbx_db_align_end_ins_code    ? 
_struct_ref_seq.pdbx_auth_seq_align_beg       1 
_struct_ref_seq.pdbx_auth_seq_align_end       121 
# 
_pdbx_struct_assembly.id                   1 
_pdbx_struct_assembly.details              author_defined_assembly 
_pdbx_struct_assembly.method_details       ? 
_pdbx_struct_assembly.oligomeric_details   monomeric 
_pdbx_struct_assembly.oligomeric_count     1 
# 
_pdbx_struct_assembly_gen.assembly_id       1 
_pdbx_struct_assembly_gen.oper_expression   1 
_pdbx_struct_assembly_gen.asym_id_list      A,B,C,D,E,F 
# 
_pdbx_struct_oper_list.id                   1 
_pdbx_struct_oper_list.type                 'identity operation' 
_pdbx_struct_oper_list.name                 1_555 
_pdbx_struct_oper_list.symmetry_operation   x,y,z 
_pdbx_struct_oper_list.matrix[1][1]         1.0000000000 
_pdbx_struct_oper_list.matrix[1][2]         0.0000000000 
_pdbx_struct_oper_list.matrix[1][3]         0.0000000000 
_pdbx_struct_oper_list.vector[1]            0.0000000000 
_pdbx_struct_oper_list.matrix[2][1]         0.0000000000 
_pdbx_struct_oper_list.matrix[2][2]         1.0000000000 
_pdbx_struct_oper_list.matrix[2][3]         0.0000000000 
_pdbx_struct_oper_list.vector[2]            0.0000000000 
_pdbx_struct_oper_list.matrix[3][1]         0.0000000000 
_pdbx_struct_oper_list.matrix[3][2]         0.0000000000 
_pdbx_struct_oper_list.matrix[3][3]         1.0000000000 
_pdbx_struct_oper_list.vector[3]            0.0000000000 
# 
loop_
_struct_conf.conf_type_id 
_struct_conf.id 
_struct_conf.pdbx_PDB_helix_id 
_struct_conf.beg_label_comp_id 
_struct_conf.beg_label_asym_id 
_struct_conf.beg_label_seq_id 
_struct_conf.pdbx_beg_PDB_ins_code 
_struct_conf.end_label_comp_id 
_struct_conf.end_label_asym_id 
_struct_conf.end_label_seq_id 
_struct_conf.pdbx_end_PDB_ins_code 
_struct_conf.beg_auth_comp_id 
_struct_conf.beg_auth_asym_id 
_struct_conf.beg_auth_seq_id 
_struct_conf.end_auth_comp_id 
_struct_conf.end_auth_asym_id 
_struct_conf.end_auth_seq_id 
_struct_conf.pdbx_PDB_helix_class 
_struct_conf.details 
_struct_conf.pdbx_PDB_helix_length 
HELX_P HELX_P1 1 SER A 1   ? GLY A 14  ? SER A 1   GLY A 14  1 ? 14 
HELX_P HELX_P2 2 LEU A 16  ? TYR A 21  ? LEU A 17  TYR A 22  1 ? 6  
HELX_P HELX_P3 3 ASP A 38  ? ASN A 53  ? ASP A 39  ASN A 54  1 ? 16 
HELX_P HELX_P4 4 THR A 79  ? ASN A 99  ? THR A 89  ASN A 109 1 ? 21 
HELX_P HELX_P5 5 LEU A 100 ? TYR A 103 ? LEU A 110 TYR A 113 5 ? 4  
HELX_P HELX_P6 6 SER A 104 ? MET A 108 ? SER A 114 MET A 118 5 ? 5  
HELX_P HELX_P7 7 PRO A 111 ? CYS A 115 ? PRO A 121 CYS A 126 5 ? 5  
# 
_struct_conf_type.id          HELX_P 
_struct_conf_type.criteria    ? 
_struct_conf_type.reference   ? 
# 
loop_
_struct_conn.id 
_struct_conn.conn_type_id 
_struct_conn.pdbx_leaving_atom_flag 
_struct_conn.pdbx_PDB_id 
_struct_conn.ptnr1_label_asym_id 
_struct_conn.ptnr1_label_comp_id 
_struct_conn.ptnr1_label_seq_id 
_struct_conn.ptnr1_label_atom_id 
_struct_conn.pdbx_ptnr1_label_alt_id 
_struct_conn.pdbx_ptnr1_PDB_ins_code 
_struct_conn.pdbx_ptnr1_standard_comp_id 
_struct_conn.ptnr1_symmetry 
_struct_conn.ptnr2_label_asym_id 
_struct_conn.ptnr2_label_comp_id 
_struct_conn.ptnr2_label_seq_id 
_struct_conn.ptnr2_label_atom_id 
_struct_conn.pdbx_ptnr2_label_alt_id 
_struct_conn.pdbx_ptnr2_PDB_ins_code 
_struct_conn.ptnr1_auth_asym_id 
_struct_conn.ptnr1_auth_comp_id 
_struct_conn.ptnr1_auth_seq_id 
_struct_conn.ptnr2_auth_asym_id 
_struct_conn.ptnr2_auth_comp_id 
_struct_conn.ptnr2_auth_seq_id 
_struct_conn.ptnr2_symmetry 
_struct_conn.pdbx_ptnr3_label_atom_id 
_struct_conn.pdbx_ptnr3_label_seq_id 
_struct_conn.pdbx_ptnr3_label_comp_id 
_struct_conn.pdbx_ptnr3_label_asym_id 
_struct_conn.pdbx_ptnr3_label_alt_id 
_struct_conn.pdbx_ptnr3_PDB_ins_code 
_struct_conn.details 
_struct_conn.pdbx_dist_value 
_struct_conn.pdbx_value_order 
_struct_conn.pdbx_role 
disulf1 disulf ? ? A CYS 26 SG ? ? ? 1_555 A CYS 115 SG ? ? A CYS 27 A CYS 126 1_555 ? ? ? ? ? ? ? 2.035 ? ? 
disulf2 disulf ? ? A CYS 28 SG ? ? ? 1_555 A CYS 44  SG ? ? A CYS 29 A CYS 45  1_555 ? ? ? ? ? ? ? 2.006 ? ? 
disulf3 disulf ? ? A CYS 43 SG ? ? ? 1_555 A CYS 95  SG ? ? A CYS 44 A CYS 105 1_555 ? ? ? ? ? ? ? 2.036 ? ? 
disulf4 disulf ? ? A CYS 49 SG ? ? ? 1_555 A CYS 121 SG ? ? A CYS 50 A CYS 133 1_555 ? ? ? ? ? ? ? 2.035 ? ? 
disulf5 disulf ? ? A CYS 50 SG ? ? ? 1_555 A CYS 88  SG ? ? A CYS 51 A CYS 98  1_555 ? ? ? ? ? ? ? 2.019 ? ? 
disulf6 disulf ? ? A CYS 57 SG ? ? ? 1_555 A CYS 81  SG ? ? A CYS 61 A CYS 91  1_555 ? ? ? ? ? ? ? 2.018 ? ? 
disulf7 disulf ? ? A CYS 75 SG ? ? ? 1_555 A CYS 86  SG ? ? A CYS 84 A CYS 96  1_555 ? ? ? ? ? ? ? 2.022 ? ? 
# 
_struct_conn_type.id          disulf 
_struct_conn_type.criteria    ? 
_struct_conn_type.reference   ? 
# 
loop_
_pdbx_modification_feature.ordinal 
_pdbx_modification_feature.label_comp_id 
_pdbx_modification_feature.label_asym_id 
_pdbx_modification_feature.label_seq_id 
_pdbx_modification_feature.label_alt_id 
_pdbx_modification_feature.modified_residue_label_comp_id 
_pdbx_modification_feature.modified_residue_label_asym_id 
_pdbx_modification_feature.modified_residue_label_seq_id 
_pdbx_modification_feature.modified_residue_label_alt_id 
_pdbx_modification_feature.auth_comp_id 
_pdbx_modification_feature.auth_asym_id 
_pdbx_modification_feature.auth_seq_id 
_pdbx_modification_feature.PDB_ins_code 
_pdbx_modification_feature.symmetry 
_pdbx_modification_feature.modified_residue_auth_comp_id 
_pdbx_modification_feature.modified_residue_auth_asym_id 
_pdbx_modification_feature.modified_residue_auth_seq_id 
_pdbx_modification_feature.modified_residue_PDB_ins_code 
_pdbx_modification_feature.modified_residue_symmetry 
_pdbx_modification_feature.comp_id_linking_atom 
_pdbx_modification_feature.modified_residue_id_linking_atom 
_pdbx_modification_feature.modified_residue_id 
_pdbx_modification_feature.ref_pcm_id 
_pdbx_modification_feature.ref_comp_id 
_pdbx_modification_feature.type 
_pdbx_modification_feature.category 
1 CYS A 26 ? CYS A 115 ? CYS A 27 ? 1_555 CYS A 126 ? 1_555 SG SG . . . None 'Disulfide bridge' 
2 CYS A 28 ? CYS A 44  ? CYS A 29 ? 1_555 CYS A 45  ? 1_555 SG SG . . . None 'Disulfide bridge' 
3 CYS A 43 ? CYS A 95  ? CYS A 44 ? 1_555 CYS A 105 ? 1_555 SG SG . . . None 'Disulfide bridge' 
4 CYS A 49 ? CYS A 121 ? CYS A 50 ? 1_555 CYS A 133 ? 1_555 SG SG . . . None 'Disulfide bridge' 
5 CYS A 50 ? CYS A 88  ? CYS A 51 ? 1_555 CYS A 98  ? 1_555 SG SG . . . None 'Disulfide bridge' 
6 CYS A 57 ? CYS A 81  ? CYS A 61 ? 1_555 CYS A 91  ? 1_555 SG SG . . . None 'Disulfide bridge' 
7 CYS A 75 ? CYS A 86  ? CYS A 84 ? 1_555 CYS A 96  ? 1_555 SG SG . . . None 'Disulfide bridge' 
# 
_struct_mon_prot_cis.pdbx_id                1 
_struct_mon_prot_cis.label_comp_id          ILE 
_struct_mon_prot_cis.label_seq_id           18 
_struct_mon_prot_cis.label_asym_id          A 
_struct_mon_prot_cis.label_alt_id           . 
_struct_mon_prot_cis.pdbx_PDB_ins_code      ? 
_struct_mon_prot_cis.auth_comp_id           ILE 
_struct_mon_prot_cis.auth_seq_id            19 
_struct_mon_prot_cis.auth_asym_id           A 
_struct_mon_prot_cis.pdbx_label_comp_id_2   PRO 
_struct_mon_prot_cis.pdbx_label_seq_id_2    19 
_struct_mon_prot_cis.pdbx_label_asym_id_2   A 
_struct_mon_prot_cis.pdbx_PDB_ins_code_2    ? 
_struct_mon_prot_cis.pdbx_auth_comp_id_2    PRO 
_struct_mon_prot_cis.pdbx_auth_seq_id_2     20 
_struct_mon_prot_cis.pdbx_auth_asym_id_2    A 
_struct_mon_prot_cis.pdbx_PDB_model_num     1 
_struct_mon_prot_cis.pdbx_omega_angle       4.06 
# 
loop_
_struct_sheet.id 
_struct_sheet.type 
_struct_sheet.number_strands 
_struct_sheet.details 
A ? 2 ? 
B ? 2 ? 
# 
loop_
_struct_sheet_order.sheet_id 
_struct_sheet_order.range_id_1 
_struct_sheet_order.range_id_2 
_struct_sheet_order.offset 
_struct_sheet_order.sense 
A 1 2 ? anti-parallel 
B 1 2 ? anti-parallel 
# 
loop_
_struct_sheet_range.sheet_id 
_struct_sheet_range.id 
_struct_sheet_range.beg_label_comp_id 
_struct_sheet_range.beg_label_asym_id 
_struct_sheet_range.beg_label_seq_id 
_struct_sheet_range.pdbx_beg_PDB_ins_code 
_struct_sheet_range.end_label_comp_id 
_struct_sheet_range.end_label_asym_id 
_struct_sheet_range.end_label_seq_id 
_struct_sheet_range.pdbx_end_PDB_ins_code 
_struct_sheet_range.beg_auth_comp_id 
_struct_sheet_range.beg_auth_asym_id 
_struct_sheet_range.beg_auth_seq_id 
_struct_sheet_range.end_auth_comp_id 
_struct_sheet_range.end_auth_asym_id 
_struct_sheet_range.end_auth_seq_id 
A 1 SER A 23 ? TYR A 24 ? SER A 24 TYR A 25 
A 2 CYS A 28 ? GLY A 29 ? CYS A 29 GLY A 30 
B 1 TYR A 66 ? VAL A 69 ? TYR A 75 VAL A 78 
B 2 ALA A 72 ? CYS A 75 ? ALA A 81 CYS A 84 
# 
loop_
_pdbx_struct_sheet_hbond.sheet_id 
_pdbx_struct_sheet_hbond.range_id_1 
_pdbx_struct_sheet_hbond.range_id_2 
_pdbx_struct_sheet_hbond.range_1_label_atom_id 
_pdbx_struct_sheet_hbond.range_1_label_comp_id 
_pdbx_struct_sheet_hbond.range_1_label_asym_id 
_pdbx_struct_sheet_hbond.range_1_label_seq_id 
_pdbx_struct_sheet_hbond.range_1_PDB_ins_code 
_pdbx_struct_sheet_hbond.range_1_auth_atom_id 
_pdbx_struct_sheet_hbond.range_1_auth_comp_id 
_pdbx_struct_sheet_hbond.range_1_auth_asym_id 
_pdbx_struct_sheet_hbond.range_1_auth_seq_id 
_pdbx_struct_sheet_hbond.range_2_label_atom_id 
_pdbx_struct_sheet_hbond.range_2_label_comp_id 
_pdbx_struct_sheet_hbond.range_2_label_asym_id 
_pdbx_struct_sheet_hbond.range_2_label_seq_id 
_pdbx_struct_sheet_hbond.range_2_PDB_ins_code 
_pdbx_struct_sheet_hbond.range_2_auth_atom_id 
_pdbx_struct_sheet_hbond.range_2_auth_comp_id 
_pdbx_struct_sheet_hbond.range_2_auth_asym_id 
_pdbx_struct_sheet_hbond.range_2_auth_seq_id 
A 1 2 N TYR A 24 ? N TYR A 25 O CYS A 28 ? O CYS A 29 
B 1 2 N LYS A 67 ? N LYS A 76 O VAL A 74 ? O VAL A 83 
# 
loop_
_struct_site.id 
_struct_site.pdbx_evidence_code 
_struct_site.pdbx_auth_asym_id 
_struct_site.pdbx_auth_comp_id 
_struct_site.pdbx_auth_seq_id 
_struct_site.pdbx_auth_ins_code 
_struct_site.pdbx_num_residues 
_struct_site.details 
AC1 Software A SO4 301 ? 5 'BINDING SITE FOR RESIDUE SO4 A 301' 
AC2 Software A SO4 302 ? 5 'BINDING SITE FOR RESIDUE SO4 A 302' 
AC3 Software A AJM 201 ? 6 'BINDING SITE FOR RESIDUE AJM A 201' 
AC4 Software A ACY 401 ? 6 'BINDING SITE FOR RESIDUE ACY A 401' 
# 
loop_
_struct_site_gen.id 
_struct_site_gen.site_id 
_struct_site_gen.pdbx_num_res 
_struct_site_gen.label_comp_id 
_struct_site_gen.label_asym_id 
_struct_site_gen.label_seq_id 
_struct_site_gen.pdbx_auth_ins_code 
_struct_site_gen.auth_comp_id 
_struct_site_gen.auth_asym_id 
_struct_site_gen.auth_seq_id 
_struct_site_gen.label_atom_id 
_struct_site_gen.label_alt_id 
_struct_site_gen.symmetry 
_struct_site_gen.details 
1  AC1 5 SER A 104 ? SER A 114 . ? 1_555 ? 
2  AC1 5 LYS A 105 ? LYS A 115 . ? 1_555 ? 
3  AC1 5 LYS A 106 ? LYS A 116 . ? 1_555 ? 
4  AC1 5 LYS A 120 ? LYS A 131 . ? 4_465 ? 
5  AC1 5 HOH F .   ? HOH A 457 . ? 1_555 ? 
6  AC2 5 ALA A 72  ? ALA A 81  . ? 1_555 ? 
7  AC2 5 ILE A 73  ? ILE A 82  . ? 1_555 ? 
8  AC2 5 VAL A 74  ? VAL A 83  . ? 1_555 ? 
9  AC2 5 LYS A 90  ? LYS A 100 . ? 1_555 ? 
10 AC2 5 HOH F .   ? HOH A 489 . ? 1_555 ? 
11 AC3 6 ASP A 48  ? ASP A 49  . ? 1_555 ? 
12 AC3 6 TYR A 51  ? TYR A 52  . ? 1_555 ? 
13 AC3 6 GLY A 52  ? GLY A 53  . ? 1_555 ? 
14 AC3 6 PRO A 55  ? PRO A 56  . ? 1_555 ? 
15 AC3 6 HOH F .   ? HOH A 430 . ? 1_555 ? 
16 AC3 6 HOH F .   ? HOH A 488 . ? 1_555 ? 
17 AC4 6 LYS A 65  ? LYS A 74  . ? 1_555 ? 
18 AC4 6 GLU A 76  ? GLU A 85  . ? 1_555 ? 
19 AC4 6 LYS A 77  ? LYS A 86  . ? 1_555 ? 
20 AC4 6 GLU A 82  ? GLU A 92  . ? 1_555 ? 
21 AC4 6 GLN A 98  ? GLN A 108 . ? 3_654 ? 
22 AC4 6 HOH F .   ? HOH A 437 . ? 1_555 ? 
# 
_pdbx_entry_details.entry_id                   1ZR8 
_pdbx_entry_details.compound_details           ? 
_pdbx_entry_details.source_details             ? 
_pdbx_entry_details.nonpolymer_details         ? 
_pdbx_entry_details.sequence_details           ? 
_pdbx_entry_details.has_ligand_of_interest     ? 
_pdbx_entry_details.has_protein_modification   Y 
# 
loop_
_pdbx_validate_rmsd_angle.id 
_pdbx_validate_rmsd_angle.PDB_model_num 
_pdbx_validate_rmsd_angle.auth_atom_id_1 
_pdbx_validate_rmsd_angle.auth_asym_id_1 
_pdbx_validate_rmsd_angle.auth_comp_id_1 
_pdbx_validate_rmsd_angle.auth_seq_id_1 
_pdbx_validate_rmsd_angle.PDB_ins_code_1 
_pdbx_validate_rmsd_angle.label_alt_id_1 
_pdbx_validate_rmsd_angle.auth_atom_id_2 
_pdbx_validate_rmsd_angle.auth_asym_id_2 
_pdbx_validate_rmsd_angle.auth_comp_id_2 
_pdbx_validate_rmsd_angle.auth_seq_id_2 
_pdbx_validate_rmsd_angle.PDB_ins_code_2 
_pdbx_validate_rmsd_angle.label_alt_id_2 
_pdbx_validate_rmsd_angle.auth_atom_id_3 
_pdbx_validate_rmsd_angle.auth_asym_id_3 
_pdbx_validate_rmsd_angle.auth_comp_id_3 
_pdbx_validate_rmsd_angle.auth_seq_id_3 
_pdbx_validate_rmsd_angle.PDB_ins_code_3 
_pdbx_validate_rmsd_angle.label_alt_id_3 
_pdbx_validate_rmsd_angle.angle_value 
_pdbx_validate_rmsd_angle.angle_target_value 
_pdbx_validate_rmsd_angle.angle_deviation 
_pdbx_validate_rmsd_angle.angle_standard_deviation 
_pdbx_validate_rmsd_angle.linker_flag 
1 1 CA A TRP 31 ? ? C A TRP 31 ? ? N  A GLY 32 ? ? 101.55 116.20 -14.65 2.00 Y 
2 1 O  A TRP 31 ? ? C A TRP 31 ? ? N  A GLY 32 ? ? 137.11 123.20 13.91  1.70 Y 
3 1 C  A TRP 31 ? ? N A GLY 32 ? ? CA A GLY 32 ? ? 103.73 122.30 -18.57 2.10 Y 
4 1 O  A GLY 32 ? ? C A GLY 32 ? ? N  A GLY 33 ? ? 111.88 123.20 -11.32 1.70 Y 
# 
loop_
_pdbx_validate_torsion.id 
_pdbx_validate_torsion.PDB_model_num 
_pdbx_validate_torsion.auth_comp_id 
_pdbx_validate_torsion.auth_asym_id 
_pdbx_validate_torsion.auth_seq_id 
_pdbx_validate_torsion.PDB_ins_code 
_pdbx_validate_torsion.label_alt_id 
_pdbx_validate_torsion.phi 
_pdbx_validate_torsion.psi 
1 1 SER A 24 ? ? -147.32 43.58   
2 1 ASN A 79 ? ? 61.87   -122.45 
# 
_pdbx_validate_chiral.id              1 
_pdbx_validate_chiral.PDB_model_num   1 
_pdbx_validate_chiral.auth_atom_id    C17 
_pdbx_validate_chiral.label_alt_id    ? 
_pdbx_validate_chiral.auth_asym_id    A 
_pdbx_validate_chiral.auth_comp_id    AJM 
_pdbx_validate_chiral.auth_seq_id     201 
_pdbx_validate_chiral.PDB_ins_code    ? 
_pdbx_validate_chiral.details         PLANAR 
_pdbx_validate_chiral.omega           . 
# 
_pdbx_validate_main_chain_plane.id                       1 
_pdbx_validate_main_chain_plane.PDB_model_num            1 
_pdbx_validate_main_chain_plane.auth_comp_id             GLY 
_pdbx_validate_main_chain_plane.auth_asym_id             A 
_pdbx_validate_main_chain_plane.auth_seq_id              32 
_pdbx_validate_main_chain_plane.PDB_ins_code             ? 
_pdbx_validate_main_chain_plane.label_alt_id             ? 
_pdbx_validate_main_chain_plane.improper_torsion_angle   -13.57 
# 
loop_
_chem_comp_atom.comp_id 
_chem_comp_atom.atom_id 
_chem_comp_atom.type_symbol 
_chem_comp_atom.pdbx_aromatic_flag 
_chem_comp_atom.pdbx_stereo_config 
_chem_comp_atom.pdbx_ordinal 
ACY C    C N N 1   
ACY O    O N N 2   
ACY OXT  O N N 3   
ACY CH3  C N N 4   
ACY HXT  H N N 5   
ACY H1   H N N 6   
ACY H2   H N N 7   
ACY H3   H N N 8   
AJM O1   O N N 9   
AJM C15  C N R 10  
AJM C5   C N R 11  
AJM C4   C N N 12  
AJM C6   C Y N 13  
AJM C7   C Y N 14  
AJM C8   C Y N 15  
AJM C9   C Y N 16  
AJM C11  C Y N 17  
AJM C10  C Y N 18  
AJM C14  C N S 19  
AJM C13  C N S 20  
AJM C16  C N N 21  
AJM C3   C N S 22  
AJM N2   N N N 23  
AJM C17  C N S 24  
AJM O2   O N N 25  
AJM C2   C N S 26  
AJM C12  C N N 27  
AJM C1   C N R 28  
AJM N1   N N N 29  
AJM C18  C N N 30  
AJM HO1  H N N 31  
AJM H15  H N N 32  
AJM H41  H N N 33  
AJM H42  H N N 34  
AJM H7   H N N 35  
AJM H8   H N N 36  
AJM H9   H N N 37  
AJM H10  H N N 38  
AJM H14  H N N 39  
AJM H13  H N N 40  
AJM H161 H N N 41  
AJM H162 H N N 42  
AJM H3   H N N 43  
AJM H17  H N N 44  
AJM HO2  H N N 45  
AJM H2   H N N 46  
AJM H121 H N N 47  
AJM H122 H N N 48  
AJM H1   H N N 49  
AJM H181 H N N 50  
AJM H182 H N N 51  
AJM H183 H N N 52  
ALA N    N N N 53  
ALA CA   C N S 54  
ALA C    C N N 55  
ALA O    O N N 56  
ALA CB   C N N 57  
ALA OXT  O N N 58  
ALA H    H N N 59  
ALA H2   H N N 60  
ALA HA   H N N 61  
ALA HB1  H N N 62  
ALA HB2  H N N 63  
ALA HB3  H N N 64  
ALA HXT  H N N 65  
ARG N    N N N 66  
ARG CA   C N S 67  
ARG C    C N N 68  
ARG O    O N N 69  
ARG CB   C N N 70  
ARG CG   C N N 71  
ARG CD   C N N 72  
ARG NE   N N N 73  
ARG CZ   C N N 74  
ARG NH1  N N N 75  
ARG NH2  N N N 76  
ARG OXT  O N N 77  
ARG H    H N N 78  
ARG H2   H N N 79  
ARG HA   H N N 80  
ARG HB2  H N N 81  
ARG HB3  H N N 82  
ARG HG2  H N N 83  
ARG HG3  H N N 84  
ARG HD2  H N N 85  
ARG HD3  H N N 86  
ARG HE   H N N 87  
ARG HH11 H N N 88  
ARG HH12 H N N 89  
ARG HH21 H N N 90  
ARG HH22 H N N 91  
ARG HXT  H N N 92  
ASN N    N N N 93  
ASN CA   C N S 94  
ASN C    C N N 95  
ASN O    O N N 96  
ASN CB   C N N 97  
ASN CG   C N N 98  
ASN OD1  O N N 99  
ASN ND2  N N N 100 
ASN OXT  O N N 101 
ASN H    H N N 102 
ASN H2   H N N 103 
ASN HA   H N N 104 
ASN HB2  H N N 105 
ASN HB3  H N N 106 
ASN HD21 H N N 107 
ASN HD22 H N N 108 
ASN HXT  H N N 109 
ASP N    N N N 110 
ASP CA   C N S 111 
ASP C    C N N 112 
ASP O    O N N 113 
ASP CB   C N N 114 
ASP CG   C N N 115 
ASP OD1  O N N 116 
ASP OD2  O N N 117 
ASP OXT  O N N 118 
ASP H    H N N 119 
ASP H2   H N N 120 
ASP HA   H N N 121 
ASP HB2  H N N 122 
ASP HB3  H N N 123 
ASP HD2  H N N 124 
ASP HXT  H N N 125 
CYS N    N N N 126 
CYS CA   C N R 127 
CYS C    C N N 128 
CYS O    O N N 129 
CYS CB   C N N 130 
CYS SG   S N N 131 
CYS OXT  O N N 132 
CYS H    H N N 133 
CYS H2   H N N 134 
CYS HA   H N N 135 
CYS HB2  H N N 136 
CYS HB3  H N N 137 
CYS HG   H N N 138 
CYS HXT  H N N 139 
GLN N    N N N 140 
GLN CA   C N S 141 
GLN C    C N N 142 
GLN O    O N N 143 
GLN CB   C N N 144 
GLN CG   C N N 145 
GLN CD   C N N 146 
GLN OE1  O N N 147 
GLN NE2  N N N 148 
GLN OXT  O N N 149 
GLN H    H N N 150 
GLN H2   H N N 151 
GLN HA   H N N 152 
GLN HB2  H N N 153 
GLN HB3  H N N 154 
GLN HG2  H N N 155 
GLN HG3  H N N 156 
GLN HE21 H N N 157 
GLN HE22 H N N 158 
GLN HXT  H N N 159 
GLU N    N N N 160 
GLU CA   C N S 161 
GLU C    C N N 162 
GLU O    O N N 163 
GLU CB   C N N 164 
GLU CG   C N N 165 
GLU CD   C N N 166 
GLU OE1  O N N 167 
GLU OE2  O N N 168 
GLU OXT  O N N 169 
GLU H    H N N 170 
GLU H2   H N N 171 
GLU HA   H N N 172 
GLU HB2  H N N 173 
GLU HB3  H N N 174 
GLU HG2  H N N 175 
GLU HG3  H N N 176 
GLU HE2  H N N 177 
GLU HXT  H N N 178 
GLY N    N N N 179 
GLY CA   C N N 180 
GLY C    C N N 181 
GLY O    O N N 182 
GLY OXT  O N N 183 
GLY H    H N N 184 
GLY H2   H N N 185 
GLY HA2  H N N 186 
GLY HA3  H N N 187 
GLY HXT  H N N 188 
HIS N    N N N 189 
HIS CA   C N S 190 
HIS C    C N N 191 
HIS O    O N N 192 
HIS CB   C N N 193 
HIS CG   C Y N 194 
HIS ND1  N Y N 195 
HIS CD2  C Y N 196 
HIS CE1  C Y N 197 
HIS NE2  N Y N 198 
HIS OXT  O N N 199 
HIS H    H N N 200 
HIS H2   H N N 201 
HIS HA   H N N 202 
HIS HB2  H N N 203 
HIS HB3  H N N 204 
HIS HD1  H N N 205 
HIS HD2  H N N 206 
HIS HE1  H N N 207 
HIS HE2  H N N 208 
HIS HXT  H N N 209 
HOH O    O N N 210 
HOH H1   H N N 211 
HOH H2   H N N 212 
ILE N    N N N 213 
ILE CA   C N S 214 
ILE C    C N N 215 
ILE O    O N N 216 
ILE CB   C N S 217 
ILE CG1  C N N 218 
ILE CG2  C N N 219 
ILE CD1  C N N 220 
ILE OXT  O N N 221 
ILE H    H N N 222 
ILE H2   H N N 223 
ILE HA   H N N 224 
ILE HB   H N N 225 
ILE HG12 H N N 226 
ILE HG13 H N N 227 
ILE HG21 H N N 228 
ILE HG22 H N N 229 
ILE HG23 H N N 230 
ILE HD11 H N N 231 
ILE HD12 H N N 232 
ILE HD13 H N N 233 
ILE HXT  H N N 234 
LEU N    N N N 235 
LEU CA   C N S 236 
LEU C    C N N 237 
LEU O    O N N 238 
LEU CB   C N N 239 
LEU CG   C N N 240 
LEU CD1  C N N 241 
LEU CD2  C N N 242 
LEU OXT  O N N 243 
LEU H    H N N 244 
LEU H2   H N N 245 
LEU HA   H N N 246 
LEU HB2  H N N 247 
LEU HB3  H N N 248 
LEU HG   H N N 249 
LEU HD11 H N N 250 
LEU HD12 H N N 251 
LEU HD13 H N N 252 
LEU HD21 H N N 253 
LEU HD22 H N N 254 
LEU HD23 H N N 255 
LEU HXT  H N N 256 
LYS N    N N N 257 
LYS CA   C N S 258 
LYS C    C N N 259 
LYS O    O N N 260 
LYS CB   C N N 261 
LYS CG   C N N 262 
LYS CD   C N N 263 
LYS CE   C N N 264 
LYS NZ   N N N 265 
LYS OXT  O N N 266 
LYS H    H N N 267 
LYS H2   H N N 268 
LYS HA   H N N 269 
LYS HB2  H N N 270 
LYS HB3  H N N 271 
LYS HG2  H N N 272 
LYS HG3  H N N 273 
LYS HD2  H N N 274 
LYS HD3  H N N 275 
LYS HE2  H N N 276 
LYS HE3  H N N 277 
LYS HZ1  H N N 278 
LYS HZ2  H N N 279 
LYS HZ3  H N N 280 
LYS HXT  H N N 281 
MET N    N N N 282 
MET CA   C N S 283 
MET C    C N N 284 
MET O    O N N 285 
MET CB   C N N 286 
MET CG   C N N 287 
MET SD   S N N 288 
MET CE   C N N 289 
MET OXT  O N N 290 
MET H    H N N 291 
MET H2   H N N 292 
MET HA   H N N 293 
MET HB2  H N N 294 
MET HB3  H N N 295 
MET HG2  H N N 296 
MET HG3  H N N 297 
MET HE1  H N N 298 
MET HE2  H N N 299 
MET HE3  H N N 300 
MET HXT  H N N 301 
PHE N    N N N 302 
PHE CA   C N S 303 
PHE C    C N N 304 
PHE O    O N N 305 
PHE CB   C N N 306 
PHE CG   C Y N 307 
PHE CD1  C Y N 308 
PHE CD2  C Y N 309 
PHE CE1  C Y N 310 
PHE CE2  C Y N 311 
PHE CZ   C Y N 312 
PHE OXT  O N N 313 
PHE H    H N N 314 
PHE H2   H N N 315 
PHE HA   H N N 316 
PHE HB2  H N N 317 
PHE HB3  H N N 318 
PHE HD1  H N N 319 
PHE HD2  H N N 320 
PHE HE1  H N N 321 
PHE HE2  H N N 322 
PHE HZ   H N N 323 
PHE HXT  H N N 324 
PRO N    N N N 325 
PRO CA   C N S 326 
PRO C    C N N 327 
PRO O    O N N 328 
PRO CB   C N N 329 
PRO CG   C N N 330 
PRO CD   C N N 331 
PRO OXT  O N N 332 
PRO H    H N N 333 
PRO HA   H N N 334 
PRO HB2  H N N 335 
PRO HB3  H N N 336 
PRO HG2  H N N 337 
PRO HG3  H N N 338 
PRO HD2  H N N 339 
PRO HD3  H N N 340 
PRO HXT  H N N 341 
SER N    N N N 342 
SER CA   C N S 343 
SER C    C N N 344 
SER O    O N N 345 
SER CB   C N N 346 
SER OG   O N N 347 
SER OXT  O N N 348 
SER H    H N N 349 
SER H2   H N N 350 
SER HA   H N N 351 
SER HB2  H N N 352 
SER HB3  H N N 353 
SER HG   H N N 354 
SER HXT  H N N 355 
SO4 S    S N N 356 
SO4 O1   O N N 357 
SO4 O2   O N N 358 
SO4 O3   O N N 359 
SO4 O4   O N N 360 
THR N    N N N 361 
THR CA   C N S 362 
THR C    C N N 363 
THR O    O N N 364 
THR CB   C N R 365 
THR OG1  O N N 366 
THR CG2  C N N 367 
THR OXT  O N N 368 
THR H    H N N 369 
THR H2   H N N 370 
THR HA   H N N 371 
THR HB   H N N 372 
THR HG1  H N N 373 
THR HG21 H N N 374 
THR HG22 H N N 375 
THR HG23 H N N 376 
THR HXT  H N N 377 
TRP N    N N N 378 
TRP CA   C N S 379 
TRP C    C N N 380 
TRP O    O N N 381 
TRP CB   C N N 382 
TRP CG   C Y N 383 
TRP CD1  C Y N 384 
TRP CD2  C Y N 385 
TRP NE1  N Y N 386 
TRP CE2  C Y N 387 
TRP CE3  C Y N 388 
TRP CZ2  C Y N 389 
TRP CZ3  C Y N 390 
TRP CH2  C Y N 391 
TRP OXT  O N N 392 
TRP H    H N N 393 
TRP H2   H N N 394 
TRP HA   H N N 395 
TRP HB2  H N N 396 
TRP HB3  H N N 397 
TRP HD1  H N N 398 
TRP HE1  H N N 399 
TRP HE3  H N N 400 
TRP HZ2  H N N 401 
TRP HZ3  H N N 402 
TRP HH2  H N N 403 
TRP HXT  H N N 404 
TYR N    N N N 405 
TYR CA   C N S 406 
TYR C    C N N 407 
TYR O    O N N 408 
TYR CB   C N N 409 
TYR CG   C Y N 410 
TYR CD1  C Y N 411 
TYR CD2  C Y N 412 
TYR CE1  C Y N 413 
TYR CE2  C Y N 414 
TYR CZ   C Y N 415 
TYR OH   O N N 416 
TYR OXT  O N N 417 
TYR H    H N N 418 
TYR H2   H N N 419 
TYR HA   H N N 420 
TYR HB2  H N N 421 
TYR HB3  H N N 422 
TYR HD1  H N N 423 
TYR HD2  H N N 424 
TYR HE1  H N N 425 
TYR HE2  H N N 426 
TYR HH   H N N 427 
TYR HXT  H N N 428 
VAL N    N N N 429 
VAL CA   C N S 430 
VAL C    C N N 431 
VAL O    O N N 432 
VAL CB   C N N 433 
VAL CG1  C N N 434 
VAL CG2  C N N 435 
VAL OXT  O N N 436 
VAL H    H N N 437 
VAL H2   H N N 438 
VAL HA   H N N 439 
VAL HB   H N N 440 
VAL HG11 H N N 441 
VAL HG12 H N N 442 
VAL HG13 H N N 443 
VAL HG21 H N N 444 
VAL HG22 H N N 445 
VAL HG23 H N N 446 
VAL HXT  H N N 447 
# 
loop_
_chem_comp_bond.comp_id 
_chem_comp_bond.atom_id_1 
_chem_comp_bond.atom_id_2 
_chem_comp_bond.value_order 
_chem_comp_bond.pdbx_aromatic_flag 
_chem_comp_bond.pdbx_stereo_config 
_chem_comp_bond.pdbx_ordinal 
ACY C   O    doub N N 1   
ACY C   OXT  sing N N 2   
ACY C   CH3  sing N N 3   
ACY OXT HXT  sing N N 4   
ACY CH3 H1   sing N N 5   
ACY CH3 H2   sing N N 6   
ACY CH3 H3   sing N N 7   
AJM O1  C15  sing N N 8   
AJM O1  HO1  sing N N 9   
AJM C15 C5   sing N N 10  
AJM C15 C14  sing N N 11  
AJM C15 H15  sing N N 12  
AJM C5  C4   sing N N 13  
AJM C5  C6   sing N N 14  
AJM C5  C1   sing N N 15  
AJM C4  C3   sing N N 16  
AJM C4  H41  sing N N 17  
AJM C4  H42  sing N N 18  
AJM C6  C7   doub Y N 19  
AJM C6  C11  sing Y N 20  
AJM C7  C8   sing Y N 21  
AJM C7  H7   sing N N 22  
AJM C8  C9   doub Y N 23  
AJM C8  H8   sing N N 24  
AJM C9  C10  sing Y N 25  
AJM C9  H9   sing N N 26  
AJM C11 C10  doub Y N 27  
AJM C11 N1   sing N N 28  
AJM C10 H10  sing N N 29  
AJM C14 C13  sing N N 30  
AJM C14 C3   sing N N 31  
AJM C14 H14  sing N N 32  
AJM C13 C16  sing N N 33  
AJM C13 C12  sing N N 34  
AJM C13 H13  sing N N 35  
AJM C16 C17  sing N N 36  
AJM C16 H161 sing N N 37  
AJM C16 H162 sing N N 38  
AJM C3  N2   sing N N 39  
AJM C3  H3   sing N N 40  
AJM N2  C17  sing N N 41  
AJM N2  C2   sing N N 42  
AJM C17 O2   sing N N 43  
AJM C17 H17  sing N N 44  
AJM O2  HO2  sing N N 45  
AJM C2  C12  sing N N 46  
AJM C2  C1   sing N N 47  
AJM C2  H2   sing N N 48  
AJM C12 H121 sing N N 49  
AJM C12 H122 sing N N 50  
AJM C1  N1   sing N N 51  
AJM C1  H1   sing N N 52  
AJM N1  C18  sing N N 53  
AJM C18 H181 sing N N 54  
AJM C18 H182 sing N N 55  
AJM C18 H183 sing N N 56  
ALA N   CA   sing N N 57  
ALA N   H    sing N N 58  
ALA N   H2   sing N N 59  
ALA CA  C    sing N N 60  
ALA CA  CB   sing N N 61  
ALA CA  HA   sing N N 62  
ALA C   O    doub N N 63  
ALA C   OXT  sing N N 64  
ALA CB  HB1  sing N N 65  
ALA CB  HB2  sing N N 66  
ALA CB  HB3  sing N N 67  
ALA OXT HXT  sing N N 68  
ARG N   CA   sing N N 69  
ARG N   H    sing N N 70  
ARG N   H2   sing N N 71  
ARG CA  C    sing N N 72  
ARG CA  CB   sing N N 73  
ARG CA  HA   sing N N 74  
ARG C   O    doub N N 75  
ARG C   OXT  sing N N 76  
ARG CB  CG   sing N N 77  
ARG CB  HB2  sing N N 78  
ARG CB  HB3  sing N N 79  
ARG CG  CD   sing N N 80  
ARG CG  HG2  sing N N 81  
ARG CG  HG3  sing N N 82  
ARG CD  NE   sing N N 83  
ARG CD  HD2  sing N N 84  
ARG CD  HD3  sing N N 85  
ARG NE  CZ   sing N N 86  
ARG NE  HE   sing N N 87  
ARG CZ  NH1  sing N N 88  
ARG CZ  NH2  doub N N 89  
ARG NH1 HH11 sing N N 90  
ARG NH1 HH12 sing N N 91  
ARG NH2 HH21 sing N N 92  
ARG NH2 HH22 sing N N 93  
ARG OXT HXT  sing N N 94  
ASN N   CA   sing N N 95  
ASN N   H    sing N N 96  
ASN N   H2   sing N N 97  
ASN CA  C    sing N N 98  
ASN CA  CB   sing N N 99  
ASN CA  HA   sing N N 100 
ASN C   O    doub N N 101 
ASN C   OXT  sing N N 102 
ASN CB  CG   sing N N 103 
ASN CB  HB2  sing N N 104 
ASN CB  HB3  sing N N 105 
ASN CG  OD1  doub N N 106 
ASN CG  ND2  sing N N 107 
ASN ND2 HD21 sing N N 108 
ASN ND2 HD22 sing N N 109 
ASN OXT HXT  sing N N 110 
ASP N   CA   sing N N 111 
ASP N   H    sing N N 112 
ASP N   H2   sing N N 113 
ASP CA  C    sing N N 114 
ASP CA  CB   sing N N 115 
ASP CA  HA   sing N N 116 
ASP C   O    doub N N 117 
ASP C   OXT  sing N N 118 
ASP CB  CG   sing N N 119 
ASP CB  HB2  sing N N 120 
ASP CB  HB3  sing N N 121 
ASP CG  OD1  doub N N 122 
ASP CG  OD2  sing N N 123 
ASP OD2 HD2  sing N N 124 
ASP OXT HXT  sing N N 125 
CYS N   CA   sing N N 126 
CYS N   H    sing N N 127 
CYS N   H2   sing N N 128 
CYS CA  C    sing N N 129 
CYS CA  CB   sing N N 130 
CYS CA  HA   sing N N 131 
CYS C   O    doub N N 132 
CYS C   OXT  sing N N 133 
CYS CB  SG   sing N N 134 
CYS CB  HB2  sing N N 135 
CYS CB  HB3  sing N N 136 
CYS SG  HG   sing N N 137 
CYS OXT HXT  sing N N 138 
GLN N   CA   sing N N 139 
GLN N   H    sing N N 140 
GLN N   H2   sing N N 141 
GLN CA  C    sing N N 142 
GLN CA  CB   sing N N 143 
GLN CA  HA   sing N N 144 
GLN C   O    doub N N 145 
GLN C   OXT  sing N N 146 
GLN CB  CG   sing N N 147 
GLN CB  HB2  sing N N 148 
GLN CB  HB3  sing N N 149 
GLN CG  CD   sing N N 150 
GLN CG  HG2  sing N N 151 
GLN CG  HG3  sing N N 152 
GLN CD  OE1  doub N N 153 
GLN CD  NE2  sing N N 154 
GLN NE2 HE21 sing N N 155 
GLN NE2 HE22 sing N N 156 
GLN OXT HXT  sing N N 157 
GLU N   CA   sing N N 158 
GLU N   H    sing N N 159 
GLU N   H2   sing N N 160 
GLU CA  C    sing N N 161 
GLU CA  CB   sing N N 162 
GLU CA  HA   sing N N 163 
GLU C   O    doub N N 164 
GLU C   OXT  sing N N 165 
GLU CB  CG   sing N N 166 
GLU CB  HB2  sing N N 167 
GLU CB  HB3  sing N N 168 
GLU CG  CD   sing N N 169 
GLU CG  HG2  sing N N 170 
GLU CG  HG3  sing N N 171 
GLU CD  OE1  doub N N 172 
GLU CD  OE2  sing N N 173 
GLU OE2 HE2  sing N N 174 
GLU OXT HXT  sing N N 175 
GLY N   CA   sing N N 176 
GLY N   H    sing N N 177 
GLY N   H2   sing N N 178 
GLY CA  C    sing N N 179 
GLY CA  HA2  sing N N 180 
GLY CA  HA3  sing N N 181 
GLY C   O    doub N N 182 
GLY C   OXT  sing N N 183 
GLY OXT HXT  sing N N 184 
HIS N   CA   sing N N 185 
HIS N   H    sing N N 186 
HIS N   H2   sing N N 187 
HIS CA  C    sing N N 188 
HIS CA  CB   sing N N 189 
HIS CA  HA   sing N N 190 
HIS C   O    doub N N 191 
HIS C   OXT  sing N N 192 
HIS CB  CG   sing N N 193 
HIS CB  HB2  sing N N 194 
HIS CB  HB3  sing N N 195 
HIS CG  ND1  sing Y N 196 
HIS CG  CD2  doub Y N 197 
HIS ND1 CE1  doub Y N 198 
HIS ND1 HD1  sing N N 199 
HIS CD2 NE2  sing Y N 200 
HIS CD2 HD2  sing N N 201 
HIS CE1 NE2  sing Y N 202 
HIS CE1 HE1  sing N N 203 
HIS NE2 HE2  sing N N 204 
HIS OXT HXT  sing N N 205 
HOH O   H1   sing N N 206 
HOH O   H2   sing N N 207 
ILE N   CA   sing N N 208 
ILE N   H    sing N N 209 
ILE N   H2   sing N N 210 
ILE CA  C    sing N N 211 
ILE CA  CB   sing N N 212 
ILE CA  HA   sing N N 213 
ILE C   O    doub N N 214 
ILE C   OXT  sing N N 215 
ILE CB  CG1  sing N N 216 
ILE CB  CG2  sing N N 217 
ILE CB  HB   sing N N 218 
ILE CG1 CD1  sing N N 219 
ILE CG1 HG12 sing N N 220 
ILE CG1 HG13 sing N N 221 
ILE CG2 HG21 sing N N 222 
ILE CG2 HG22 sing N N 223 
ILE CG2 HG23 sing N N 224 
ILE CD1 HD11 sing N N 225 
ILE CD1 HD12 sing N N 226 
ILE CD1 HD13 sing N N 227 
ILE OXT HXT  sing N N 228 
LEU N   CA   sing N N 229 
LEU N   H    sing N N 230 
LEU N   H2   sing N N 231 
LEU CA  C    sing N N 232 
LEU CA  CB   sing N N 233 
LEU CA  HA   sing N N 234 
LEU C   O    doub N N 235 
LEU C   OXT  sing N N 236 
LEU CB  CG   sing N N 237 
LEU CB  HB2  sing N N 238 
LEU CB  HB3  sing N N 239 
LEU CG  CD1  sing N N 240 
LEU CG  CD2  sing N N 241 
LEU CG  HG   sing N N 242 
LEU CD1 HD11 sing N N 243 
LEU CD1 HD12 sing N N 244 
LEU CD1 HD13 sing N N 245 
LEU CD2 HD21 sing N N 246 
LEU CD2 HD22 sing N N 247 
LEU CD2 HD23 sing N N 248 
LEU OXT HXT  sing N N 249 
LYS N   CA   sing N N 250 
LYS N   H    sing N N 251 
LYS N   H2   sing N N 252 
LYS CA  C    sing N N 253 
LYS CA  CB   sing N N 254 
LYS CA  HA   sing N N 255 
LYS C   O    doub N N 256 
LYS C   OXT  sing N N 257 
LYS CB  CG   sing N N 258 
LYS CB  HB2  sing N N 259 
LYS CB  HB3  sing N N 260 
LYS CG  CD   sing N N 261 
LYS CG  HG2  sing N N 262 
LYS CG  HG3  sing N N 263 
LYS CD  CE   sing N N 264 
LYS CD  HD2  sing N N 265 
LYS CD  HD3  sing N N 266 
LYS CE  NZ   sing N N 267 
LYS CE  HE2  sing N N 268 
LYS CE  HE3  sing N N 269 
LYS NZ  HZ1  sing N N 270 
LYS NZ  HZ2  sing N N 271 
LYS NZ  HZ3  sing N N 272 
LYS OXT HXT  sing N N 273 
MET N   CA   sing N N 274 
MET N   H    sing N N 275 
MET N   H2   sing N N 276 
MET CA  C    sing N N 277 
MET CA  CB   sing N N 278 
MET CA  HA   sing N N 279 
MET C   O    doub N N 280 
MET C   OXT  sing N N 281 
MET CB  CG   sing N N 282 
MET CB  HB2  sing N N 283 
MET CB  HB3  sing N N 284 
MET CG  SD   sing N N 285 
MET CG  HG2  sing N N 286 
MET CG  HG3  sing N N 287 
MET SD  CE   sing N N 288 
MET CE  HE1  sing N N 289 
MET CE  HE2  sing N N 290 
MET CE  HE3  sing N N 291 
MET OXT HXT  sing N N 292 
PHE N   CA   sing N N 293 
PHE N   H    sing N N 294 
PHE N   H2   sing N N 295 
PHE CA  C    sing N N 296 
PHE CA  CB   sing N N 297 
PHE CA  HA   sing N N 298 
PHE C   O    doub N N 299 
PHE C   OXT  sing N N 300 
PHE CB  CG   sing N N 301 
PHE CB  HB2  sing N N 302 
PHE CB  HB3  sing N N 303 
PHE CG  CD1  doub Y N 304 
PHE CG  CD2  sing Y N 305 
PHE CD1 CE1  sing Y N 306 
PHE CD1 HD1  sing N N 307 
PHE CD2 CE2  doub Y N 308 
PHE CD2 HD2  sing N N 309 
PHE CE1 CZ   doub Y N 310 
PHE CE1 HE1  sing N N 311 
PHE CE2 CZ   sing Y N 312 
PHE CE2 HE2  sing N N 313 
PHE CZ  HZ   sing N N 314 
PHE OXT HXT  sing N N 315 
PRO N   CA   sing N N 316 
PRO N   CD   sing N N 317 
PRO N   H    sing N N 318 
PRO CA  C    sing N N 319 
PRO CA  CB   sing N N 320 
PRO CA  HA   sing N N 321 
PRO C   O    doub N N 322 
PRO C   OXT  sing N N 323 
PRO CB  CG   sing N N 324 
PRO CB  HB2  sing N N 325 
PRO CB  HB3  sing N N 326 
PRO CG  CD   sing N N 327 
PRO CG  HG2  sing N N 328 
PRO CG  HG3  sing N N 329 
PRO CD  HD2  sing N N 330 
PRO CD  HD3  sing N N 331 
PRO OXT HXT  sing N N 332 
SER N   CA   sing N N 333 
SER N   H    sing N N 334 
SER N   H2   sing N N 335 
SER CA  C    sing N N 336 
SER CA  CB   sing N N 337 
SER CA  HA   sing N N 338 
SER C   O    doub N N 339 
SER C   OXT  sing N N 340 
SER CB  OG   sing N N 341 
SER CB  HB2  sing N N 342 
SER CB  HB3  sing N N 343 
SER OG  HG   sing N N 344 
SER OXT HXT  sing N N 345 
SO4 S   O1   doub N N 346 
SO4 S   O2   doub N N 347 
SO4 S   O3   sing N N 348 
SO4 S   O4   sing N N 349 
THR N   CA   sing N N 350 
THR N   H    sing N N 351 
THR N   H2   sing N N 352 
THR CA  C    sing N N 353 
THR CA  CB   sing N N 354 
THR CA  HA   sing N N 355 
THR C   O    doub N N 356 
THR C   OXT  sing N N 357 
THR CB  OG1  sing N N 358 
THR CB  CG2  sing N N 359 
THR CB  HB   sing N N 360 
THR OG1 HG1  sing N N 361 
THR CG2 HG21 sing N N 362 
THR CG2 HG22 sing N N 363 
THR CG2 HG23 sing N N 364 
THR OXT HXT  sing N N 365 
TRP N   CA   sing N N 366 
TRP N   H    sing N N 367 
TRP N   H2   sing N N 368 
TRP CA  C    sing N N 369 
TRP CA  CB   sing N N 370 
TRP CA  HA   sing N N 371 
TRP C   O    doub N N 372 
TRP C   OXT  sing N N 373 
TRP CB  CG   sing N N 374 
TRP CB  HB2  sing N N 375 
TRP CB  HB3  sing N N 376 
TRP CG  CD1  doub Y N 377 
TRP CG  CD2  sing Y N 378 
TRP CD1 NE1  sing Y N 379 
TRP CD1 HD1  sing N N 380 
TRP CD2 CE2  doub Y N 381 
TRP CD2 CE3  sing Y N 382 
TRP NE1 CE2  sing Y N 383 
TRP NE1 HE1  sing N N 384 
TRP CE2 CZ2  sing Y N 385 
TRP CE3 CZ3  doub Y N 386 
TRP CE3 HE3  sing N N 387 
TRP CZ2 CH2  doub Y N 388 
TRP CZ2 HZ2  sing N N 389 
TRP CZ3 CH2  sing Y N 390 
TRP CZ3 HZ3  sing N N 391 
TRP CH2 HH2  sing N N 392 
TRP OXT HXT  sing N N 393 
TYR N   CA   sing N N 394 
TYR N   H    sing N N 395 
TYR N   H2   sing N N 396 
TYR CA  C    sing N N 397 
TYR CA  CB   sing N N 398 
TYR CA  HA   sing N N 399 
TYR C   O    doub N N 400 
TYR C   OXT  sing N N 401 
TYR CB  CG   sing N N 402 
TYR CB  HB2  sing N N 403 
TYR CB  HB3  sing N N 404 
TYR CG  CD1  doub Y N 405 
TYR CG  CD2  sing Y N 406 
TYR CD1 CE1  sing Y N 407 
TYR CD1 HD1  sing N N 408 
TYR CD2 CE2  doub Y N 409 
TYR CD2 HD2  sing N N 410 
TYR CE1 CZ   doub Y N 411 
TYR CE1 HE1  sing N N 412 
TYR CE2 CZ   sing Y N 413 
TYR CE2 HE2  sing N N 414 
TYR CZ  OH   sing N N 415 
TYR OH  HH   sing N N 416 
TYR OXT HXT  sing N N 417 
VAL N   CA   sing N N 418 
VAL N   H    sing N N 419 
VAL N   H2   sing N N 420 
VAL CA  C    sing N N 421 
VAL CA  CB   sing N N 422 
VAL CA  HA   sing N N 423 
VAL C   O    doub N N 424 
VAL C   OXT  sing N N 425 
VAL CB  CG1  sing N N 426 
VAL CB  CG2  sing N N 427 
VAL CB  HB   sing N N 428 
VAL CG1 HG11 sing N N 429 
VAL CG1 HG12 sing N N 430 
VAL CG1 HG13 sing N N 431 
VAL CG2 HG21 sing N N 432 
VAL CG2 HG22 sing N N 433 
VAL CG2 HG23 sing N N 434 
VAL OXT HXT  sing N N 435 
# 
_pdbx_initial_refinement_model.id               1 
_pdbx_initial_refinement_model.entity_id_list   ? 
_pdbx_initial_refinement_model.type             'experimental model' 
_pdbx_initial_refinement_model.source_name      PDB 
_pdbx_initial_refinement_model.accession_code   1SKG 
_pdbx_initial_refinement_model.details          'PDB ENTRY 1SKG' 
# 
_atom_sites.entry_id                    1ZR8 
_atom_sites.fract_transf_matrix[1][1]   -0.01162938 
_atom_sites.fract_transf_matrix[1][2]   0.01257560 
_atom_sites.fract_transf_matrix[1][3]   -0.00769334 
_atom_sites.fract_transf_matrix[2][1]   -0.00052370 
_atom_sites.fract_transf_matrix[2][2]   0.00944032 
_atom_sites.fract_transf_matrix[2][3]   0.01622288 
_atom_sites.fract_transf_matrix[3][1]   0.01612563 
_atom_sites.fract_transf_matrix[3][2]   0.01123216 
_atom_sites.fract_transf_matrix[3][3]   -0.00601559 
_atom_sites.fract_transf_vector[1]      0.163022 
_atom_sites.fract_transf_vector[2]      0.469599 
_atom_sites.fract_transf_vector[3]      0.000078 
# 
loop_
_atom_type.symbol 
C 
N 
O 
S 
# 
loop_
_atom_site.group_PDB 
_atom_site.id 
_atom_site.type_symbol 
_atom_site.label_atom_id 
_atom_site.label_alt_id 
_atom_site.label_comp_id 
_atom_site.label_asym_id 
_atom_site.label_entity_id 
_atom_site.label_seq_id 
_atom_site.pdbx_PDB_ins_code 
_atom_site.Cartn_x 
_atom_site.Cartn_y 
_atom_site.Cartn_z 
_atom_site.occupancy 
_atom_site.B_iso_or_equiv 
_atom_site.pdbx_formal_charge 
_atom_site.auth_seq_id 
_atom_site.auth_comp_id 
_atom_site.auth_asym_id 
_atom_site.auth_atom_id 
_atom_site.pdbx_PDB_model_num 
ATOM   1    N N   . SER A 1 1   ? -5.836  -3.097  -9.428  1.00 19.82 ? 1   SER A N   1 
ATOM   2    C CA  . SER A 1 1   ? -6.226  -4.288  -8.611  1.00 21.61 ? 1   SER A CA  1 
ATOM   3    C C   . SER A 1 1   ? -5.034  -4.862  -7.852  1.00 22.10 ? 1   SER A C   1 
ATOM   4    O O   . SER A 1 1   ? -3.891  -4.463  -8.089  1.00 20.36 ? 1   SER A O   1 
ATOM   5    C CB  . SER A 1 1   ? -6.821  -5.377  -9.504  1.00 21.85 ? 1   SER A CB  1 
ATOM   6    O OG  . SER A 1 1   ? -5.805  -6.121  -10.158 1.00 23.41 ? 1   SER A OG  1 
ATOM   7    N N   . LEU A 1 2   ? -5.311  -5.746  -6.897  1.00 23.87 ? 2   LEU A N   1 
ATOM   8    C CA  . LEU A 1 2   ? -4.265  -6.413  -6.145  1.00 25.74 ? 2   LEU A CA  1 
ATOM   9    C C   . LEU A 1 2   ? -3.179  -7.031  -7.001  1.00 25.55 ? 2   LEU A C   1 
ATOM   10   O O   . LEU A 1 2   ? -2.050  -7.139  -6.567  1.00 25.27 ? 2   LEU A O   1 
ATOM   11   C CB  . LEU A 1 2   ? -4.867  -7.471  -5.219  1.00 26.73 ? 2   LEU A CB  1 
ATOM   12   C CG  . LEU A 1 2   ? -5.225  -6.979  -3.814  1.00 30.13 ? 2   LEU A CG  1 
ATOM   13   C CD1 . LEU A 1 2   ? -5.719  -5.574  -3.814  1.00 32.66 ? 2   LEU A CD1 1 
ATOM   14   C CD2 . LEU A 1 2   ? -6.291  -7.897  -3.203  1.00 33.12 ? 2   LEU A CD2 1 
ATOM   15   N N   . LEU A 1 3   ? -3.513  -7.400  -8.227  1.00 25.57 ? 3   LEU A N   1 
ATOM   16   C CA  . LEU A 1 3   ? -2.539  -8.004  -9.131  1.00 26.18 ? 3   LEU A CA  1 
ATOM   17   C C   . LEU A 1 3   ? -1.473  -6.994  -9.550  1.00 25.32 ? 3   LEU A C   1 
ATOM   18   O O   . LEU A 1 3   ? -0.295  -7.315  -9.556  1.00 24.84 ? 3   LEU A O   1 
ATOM   19   C CB  . LEU A 1 3   ? -3.230  -8.554  -10.378 1.00 26.85 ? 3   LEU A CB  1 
ATOM   20   C CG  . LEU A 1 3   ? -3.989  -9.860  -10.188 1.00 30.27 ? 3   LEU A CG  1 
ATOM   21   C CD1 . LEU A 1 3   ? -3.045  -10.949 -9.668  1.00 33.05 ? 3   LEU A CD1 1 
ATOM   22   C CD2 . LEU A 1 3   ? -5.151  -9.684  -9.235  1.00 34.69 ? 3   LEU A CD2 1 
ATOM   23   N N   . GLU A 1 4   ? -1.888  -5.781  -9.901  1.00 24.25 ? 4   GLU A N   1 
ATOM   24   C CA  . GLU A 1 4   ? -0.941  -4.752  -10.298 1.00 23.79 ? 4   GLU A CA  1 
ATOM   25   C C   . GLU A 1 4   ? -0.183  -4.255  -9.072  1.00 23.14 ? 4   GLU A C   1 
ATOM   26   O O   . GLU A 1 4   ? 1.025   -4.041  -9.131  1.00 23.54 ? 4   GLU A O   1 
ATOM   27   C CB  . GLU A 1 4   ? -1.610  -3.571  -10.997 1.00 23.32 ? 4   GLU A CB  1 
ATOM   28   C CG  . GLU A 1 4   ? -2.222  -3.887  -12.338 1.00 24.68 ? 4   GLU A CG  1 
ATOM   29   C CD  . GLU A 1 4   ? -3.524  -4.648  -12.195 1.00 24.82 ? 4   GLU A CD  1 
ATOM   30   O OE1 . GLU A 1 4   ? -4.356  -4.227  -11.390 1.00 23.81 ? 4   GLU A OE1 1 
ATOM   31   O OE2 . GLU A 1 4   ? -3.699  -5.666  -12.886 1.00 28.88 ? 4   GLU A OE2 1 
ATOM   32   N N   . PHE A 1 5   ? -0.889  -4.071  -7.968  1.00 22.64 ? 5   PHE A N   1 
ATOM   33   C CA  . PHE A 1 5   ? -0.263  -3.569  -6.756  1.00 22.68 ? 5   PHE A CA  1 
ATOM   34   C C   . PHE A 1 5   ? 0.850   -4.525  -6.277  1.00 23.66 ? 5   PHE A C   1 
ATOM   35   O O   . PHE A 1 5   ? 1.972   -4.092  -6.001  1.00 22.72 ? 5   PHE A O   1 
ATOM   36   C CB  . PHE A 1 5   ? -1.301  -3.378  -5.659  1.00 22.42 ? 5   PHE A CB  1 
ATOM   37   C CG  . PHE A 1 5   ? -0.789  -2.637  -4.447  1.00 22.48 ? 5   PHE A CG  1 
ATOM   38   C CD1 . PHE A 1 5   ? 0.077   -1.574  -4.584  1.00 22.44 ? 5   PHE A CD1 1 
ATOM   39   C CD2 . PHE A 1 5   ? -1.215  -2.972  -3.175  1.00 22.62 ? 5   PHE A CD2 1 
ATOM   40   C CE1 . PHE A 1 5   ? 0.512   -0.879  -3.470  1.00 24.03 ? 5   PHE A CE1 1 
ATOM   41   C CE2 . PHE A 1 5   ? -0.785  -2.275  -2.063  1.00 25.07 ? 5   PHE A CE2 1 
ATOM   42   C CZ  . PHE A 1 5   ? 0.083   -1.218  -2.210  1.00 24.18 ? 5   PHE A CZ  1 
ATOM   43   N N   . GLY A 1 6   ? 0.528   -5.819  -6.202  1.00 23.76 ? 6   GLY A N   1 
ATOM   44   C CA  . GLY A 1 6   ? 1.487   -6.814  -5.779  1.00 24.41 ? 6   GLY A CA  1 
ATOM   45   C C   . GLY A 1 6   ? 2.732   -6.821  -6.661  1.00 24.65 ? 6   GLY A C   1 
ATOM   46   O O   . GLY A 1 6   ? 3.864   -6.952  -6.194  1.00 24.43 ? 6   GLY A O   1 
ATOM   47   N N   . LYS A 1 7   ? 2.549   -6.671  -7.954  1.00 25.04 ? 7   LYS A N   1 
ATOM   48   C CA  . LYS A 1 7   ? 3.672   -6.696  -8.834  1.00 26.29 ? 7   LYS A CA  1 
ATOM   49   C C   . LYS A 1 7   ? 4.526   -5.432  -8.715  1.00 25.83 ? 7   LYS A C   1 
ATOM   50   O O   . LYS A 1 7   ? 5.750   -5.497  -8.822  1.00 25.61 ? 7   LYS A O   1 
ATOM   51   C CB  . LYS A 1 7   ? 3.229   -6.853  -10.263 1.00 26.99 ? 7   LYS A CB  1 
ATOM   52   C CG  . LYS A 1 7   ? 4.385   -7.052  -11.205 1.00 30.69 ? 7   LYS A CG  1 
ATOM   53   C CD  . LYS A 1 7   ? 4.058   -6.634  -12.612 1.00 35.69 ? 7   LYS A CD  1 
ATOM   54   C CE  . LYS A 1 7   ? 3.233   -7.654  -13.336 1.00 38.18 ? 7   LYS A CE  1 
ATOM   55   N NZ  . LYS A 1 7   ? 3.209   -7.335  -14.801 1.00 42.57 ? 7   LYS A NZ  1 
ATOM   56   N N   . MET A 1 8   ? 3.860   -4.303  -8.491  1.00 24.21 ? 8   MET A N   1 
ATOM   57   C CA  . MET A 1 8   ? 4.524   -3.025  -8.319  1.00 24.05 ? 8   MET A CA  1 
ATOM   58   C C   . MET A 1 8   ? 5.460   -3.111  -7.111  1.00 23.43 ? 8   MET A C   1 
ATOM   59   O O   . MET A 1 8   ? 6.617   -2.669  -7.198  1.00 22.37 ? 8   MET A O   1 
ATOM   60   C CB  . MET A 1 8   ? 3.474   -1.937  -8.091  1.00 23.40 ? 8   MET A CB  1 
ATOM   61   C CG  . MET A 1 8   ? 3.871   -0.557  -8.481  1.00 26.35 ? 8   MET A CG  1 
ATOM   62   S SD  . MET A 1 8   ? 2.505   0.619   -8.245  1.00 22.90 ? 8   MET A SD  1 
ATOM   63   C CE  . MET A 1 8   ? 1.650   0.525   -9.790  1.00 22.67 ? 8   MET A CE  1 
ATOM   64   N N   . ILE A 1 9   ? 4.943   -3.679  -6.010  1.00 22.22 ? 9   ILE A N   1 
ATOM   65   C CA  . ILE A 1 9   ? 5.677   -3.852  -4.754  1.00 23.27 ? 9   ILE A CA  1 
ATOM   66   C C   . ILE A 1 9   ? 6.920   -4.696  -4.939  1.00 23.04 ? 9   ILE A C   1 
ATOM   67   O O   . ILE A 1 9   ? 8.014   -4.328  -4.503  1.00 22.84 ? 9   ILE A O   1 
ATOM   68   C CB  . ILE A 1 9   ? 4.808   -4.533  -3.694  1.00 23.33 ? 9   ILE A CB  1 
ATOM   69   C CG1 . ILE A 1 9   ? 3.551   -3.697  -3.405  1.00 26.14 ? 9   ILE A CG1 1 
ATOM   70   C CG2 . ILE A 1 9   ? 5.600   -4.743  -2.419  1.00 23.37 ? 9   ILE A CG2 1 
ATOM   71   C CD1 . ILE A 1 9   ? 3.845   -2.293  -3.009  1.00 29.21 ? 9   ILE A CD1 1 
ATOM   72   N N   . LEU A 1 10  ? 6.738   -5.838  -5.579  1.00 23.17 ? 10  LEU A N   1 
ATOM   73   C CA  . LEU A 1 10  ? 7.845   -6.757  -5.848  1.00 23.43 ? 10  LEU A CA  1 
ATOM   74   C C   . LEU A 1 10  ? 8.948   -6.051  -6.615  1.00 23.29 ? 10  LEU A C   1 
ATOM   75   O O   . LEU A 1 10  ? 10.114  -6.095  -6.221  1.00 22.31 ? 10  LEU A O   1 
ATOM   76   C CB  . LEU A 1 10  ? 7.341   -7.973  -6.632  1.00 23.67 ? 10  LEU A CB  1 
ATOM   77   C CG  . LEU A 1 10  ? 8.419   -8.989  -7.013  1.00 24.49 ? 10  LEU A CG  1 
ATOM   78   C CD1 . LEU A 1 10  ? 9.229   -9.396  -5.793  1.00 25.48 ? 10  LEU A CD1 1 
ATOM   79   C CD2 . LEU A 1 10  ? 7.777   -10.187 -7.659  1.00 24.84 ? 10  LEU A CD2 1 
ATOM   80   N N   . GLU A 1 11  ? 8.572   -5.386  -7.709  1.00 23.10 ? 11  GLU A N   1 
ATOM   81   C CA  . GLU A 1 11  ? 9.523   -4.672  -8.533  1.00 23.39 ? 11  GLU A CA  1 
ATOM   82   C C   . GLU A 1 11  ? 10.248  -3.581  -7.741  1.00 23.20 ? 11  GLU A C   1 
ATOM   83   O O   . GLU A 1 11  ? 11.462  -3.429  -7.816  1.00 21.91 ? 11  GLU A O   1 
ATOM   84   C CB  . GLU A 1 11  ? 8.832   -4.012  -9.724  1.00 24.10 ? 11  GLU A CB  1 
ATOM   85   C CG  . GLU A 1 11  ? 7.948   -4.924  -10.513 1.00 25.82 ? 11  GLU A CG  1 
ATOM   86   C CD  . GLU A 1 11  ? 7.367   -4.236  -11.717 1.00 27.67 ? 11  GLU A CD  1 
ATOM   87   O OE1 . GLU A 1 11  ? 7.005   -3.051  -11.606 1.00 24.86 ? 11  GLU A OE1 1 
ATOM   88   O OE2 . GLU A 1 11  ? 7.262   -4.902  -12.759 1.00 29.56 ? 11  GLU A OE2 1 
ATOM   89   N N   . GLU A 1 12  ? 9.491   -2.823  -6.975  1.00 23.27 ? 12  GLU A N   1 
ATOM   90   C CA  . GLU A 1 12  ? 10.057  -1.721  -6.212  1.00 23.28 ? 12  GLU A CA  1 
ATOM   91   C C   . GLU A 1 12  ? 10.935  -2.157  -5.033  1.00 22.66 ? 12  GLU A C   1 
ATOM   92   O O   . GLU A 1 12  ? 12.029  -1.659  -4.897  1.00 22.30 ? 12  GLU A O   1 
ATOM   93   C CB  . GLU A 1 12  ? 8.950   -0.811  -5.716  1.00 23.52 ? 12  GLU A CB  1 
ATOM   94   C CG  . GLU A 1 12  ? 9.372   0.640   -5.637  1.00 24.85 ? 12  GLU A CG  1 
ATOM   95   C CD  . GLU A 1 12  ? 9.552   1.273   -6.993  1.00 22.34 ? 12  GLU A CD  1 
ATOM   96   O OE1 . GLU A 1 12  ? 10.081  2.379   -7.059  1.00 27.34 ? 12  GLU A OE1 1 
ATOM   97   O OE2 . GLU A 1 12  ? 9.186   0.715   -8.022  1.00 23.76 ? 12  GLU A OE2 1 
ATOM   98   N N   . THR A 1 13  ? 10.452  -3.079  -4.205  1.00 22.72 ? 13  THR A N   1 
ATOM   99   C CA  . THR A 1 13  ? 11.156  -3.480  -2.989  1.00 22.99 ? 13  THR A CA  1 
ATOM   100  C C   . THR A 1 13  ? 11.901  -4.806  -3.042  1.00 24.03 ? 13  THR A C   1 
ATOM   101  O O   . THR A 1 13  ? 12.797  -5.038  -2.227  1.00 22.57 ? 13  THR A O   1 
ATOM   102  C CB  . THR A 1 13  ? 10.203  -3.576  -1.804  1.00 23.24 ? 13  THR A CB  1 
ATOM   103  O OG1 . THR A 1 13  ? 9.294   -4.684  -1.984  1.00 23.01 ? 13  THR A OG1 1 
ATOM   104  C CG2 . THR A 1 13  ? 9.358   -2.310  -1.668  1.00 23.75 ? 13  THR A CG2 1 
ATOM   105  N N   . GLY A 1 14  ? 11.525  -5.678  -3.963  1.00 24.84 ? 14  GLY A N   1 
ATOM   106  C CA  . GLY A 1 14  ? 12.153  -6.978  -4.062  1.00 25.71 ? 14  GLY A CA  1 
ATOM   107  C C   . GLY A 1 14  ? 11.445  -7.927  -3.127  1.00 27.01 ? 14  GLY A C   1 
ATOM   108  O O   . GLY A 1 14  ? 11.650  -9.137  -3.143  1.00 29.39 ? 14  GLY A O   1 
ATOM   109  N N   . LYS A 1 15  ? 10.462  -7.411  -2.347  1.00 30.05 ? 16  LYS A N   1 
ATOM   110  C CA  . LYS A 1 15  ? 9.705   -8.232  -1.411  1.00 30.47 ? 16  LYS A CA  1 
ATOM   111  C C   . LYS A 1 15  ? 8.351   -8.593  -1.986  1.00 30.55 ? 16  LYS A C   1 
ATOM   112  O O   . LYS A 1 15  ? 7.742   -7.818  -2.711  1.00 30.12 ? 16  LYS A O   1 
ATOM   113  C CB  . LYS A 1 15  ? 9.481   -7.485  -0.103  1.00 30.44 ? 16  LYS A CB  1 
ATOM   114  C CG  . LYS A 1 15  ? 10.690  -7.321  0.791   1.00 31.12 ? 16  LYS A CG  1 
ATOM   115  C CD  . LYS A 1 15  ? 10.281  -6.559  2.049   1.00 32.13 ? 16  LYS A CD  1 
ATOM   116  C CE  . LYS A 1 15  ? 11.401  -6.405  3.051   1.00 33.67 ? 16  LYS A CE  1 
ATOM   117  N NZ  . LYS A 1 15  ? 11.704  -7.675  3.744   1.00 36.83 ? 16  LYS A NZ  1 
ATOM   118  N N   . LEU A 1 16  ? 7.885   -9.779  -1.637  1.00 31.36 ? 17  LEU A N   1 
ATOM   119  C CA  . LEU A 1 16  ? 6.593   -10.274 -2.087  1.00 32.26 ? 17  LEU A CA  1 
ATOM   120  C C   . LEU A 1 16  ? 5.544   -9.646  -1.235  1.00 32.43 ? 17  LEU A C   1 
ATOM   121  O O   . LEU A 1 16  ? 5.571   -9.791  -0.005  1.00 31.57 ? 17  LEU A O   1 
ATOM   122  C CB  . LEU A 1 16  ? 6.550   -11.788 -1.997  1.00 32.56 ? 17  LEU A CB  1 
ATOM   123  C CG  . LEU A 1 16  ? 7.302   -12.469 -3.098  1.00 34.35 ? 17  LEU A CG  1 
ATOM   124  C CD1 . LEU A 1 16  ? 7.722   -13.874 -2.694  1.00 35.99 ? 17  LEU A CD1 1 
ATOM   125  C CD2 . LEU A 1 16  ? 6.451   -12.500 -4.352  1.00 35.02 ? 17  LEU A CD2 1 
ATOM   126  N N   . ALA A 1 17  ? 4.640   -8.949  -1.826  1.00 33.13 ? 18  ALA A N   1 
ATOM   127  C CA  . ALA A 1 17  ? 3.696   -8.293  -0.983  1.00 33.78 ? 18  ALA A CA  1 
ATOM   128  C C   . ALA A 1 17  ? 3.118   -9.240  0.059   1.00 34.95 ? 18  ALA A C   1 
ATOM   129  O O   . ALA A 1 17  ? 2.888   -8.860  1.219   1.00 34.70 ? 18  ALA A O   1 
ATOM   130  C CB  . ALA A 1 17  ? 2.565   -7.686  -1.801  1.00 33.66 ? 18  ALA A CB  1 
ATOM   131  N N   . ILE A 1 18  ? 2.880   -10.477 -0.346  1.00 36.48 ? 19  ILE A N   1 
ATOM   132  C CA  . ILE A 1 18  ? 2.411   -11.465 0.604   1.00 38.18 ? 19  ILE A CA  1 
ATOM   133  C C   . ILE A 1 18  ? 3.605   -12.386 0.814   1.00 38.38 ? 19  ILE A C   1 
ATOM   134  O O   . ILE A 1 18  ? 4.090   -12.955 -0.157  1.00 39.78 ? 19  ILE A O   1 
ATOM   135  C CB  . ILE A 1 18  ? 1.225   -12.263 0.015   1.00 38.85 ? 19  ILE A CB  1 
ATOM   136  C CG1 . ILE A 1 18  ? 0.061   -11.323 -0.309  1.00 41.26 ? 19  ILE A CG1 1 
ATOM   137  C CG2 . ILE A 1 18  ? 0.781   -13.353 0.983   1.00 38.67 ? 19  ILE A CG2 1 
ATOM   138  C CD1 . ILE A 1 18  ? -1.105  -11.992 -1.008  1.00 43.99 ? 19  ILE A CD1 1 
ATOM   139  N N   . PRO A 1 19  ? 3.967   -12.451 2.075   1.00 37.35 ? 20  PRO A N   1 
ATOM   140  C CA  . PRO A 1 19  ? 3.418   -11.888 3.309   1.00 36.82 ? 20  PRO A CA  1 
ATOM   141  C C   . PRO A 1 19  ? 4.135   -10.676 3.913   1.00 35.74 ? 20  PRO A C   1 
ATOM   142  O O   . PRO A 1 19  ? 3.836   -10.339 5.054   1.00 36.16 ? 20  PRO A O   1 
ATOM   143  C CB  . PRO A 1 19  ? 3.585   -13.064 4.256   1.00 37.37 ? 20  PRO A CB  1 
ATOM   144  C CG  . PRO A 1 19  ? 4.941   -13.582 3.870   1.00 38.05 ? 20  PRO A CG  1 
ATOM   145  C CD  . PRO A 1 19  ? 5.013   -13.444 2.367   1.00 37.44 ? 20  PRO A CD  1 
ATOM   146  N N   . SER A 1 20  ? 5.009   -10.122 3.093   1.00 33.58 ? 21  SER A N   1 
ATOM   147  C CA  . SER A 1 20  ? 5.757   -9.024  3.688   1.00 31.51 ? 21  SER A CA  1 
ATOM   148  C C   . SER A 1 20  ? 4.968   -7.747  4.026   1.00 30.14 ? 21  SER A C   1 
ATOM   149  O O   . SER A 1 20  ? 5.340   -7.009  4.956   1.00 29.35 ? 21  SER A O   1 
ATOM   150  C CB  . SER A 1 20  ? 6.854   -8.674  2.677   1.00 31.55 ? 21  SER A CB  1 
ATOM   151  O OG  . SER A 1 20  ? 7.851   -9.680  2.644   1.00 30.06 ? 21  SER A OG  1 
ATOM   152  N N   . TYR A 1 21  ? 3.934   -7.501  3.219   1.00 28.77 ? 22  TYR A N   1 
ATOM   153  C CA  . TYR A 1 21  ? 3.128   -6.308  3.393   1.00 28.37 ? 22  TYR A CA  1 
ATOM   154  C C   . TYR A 1 21  ? 1.654   -6.553  3.718   1.00 28.87 ? 22  TYR A C   1 
ATOM   155  O O   . TYR A 1 21  ? 0.855   -5.638  3.604   1.00 29.20 ? 22  TYR A O   1 
ATOM   156  C CB  . TYR A 1 21  ? 3.225   -5.430  2.136   1.00 27.46 ? 22  TYR A CB  1 
ATOM   157  C CG  . TYR A 1 21  ? 4.582   -4.834  1.884   1.00 25.72 ? 22  TYR A CG  1 
ATOM   158  C CD1 . TYR A 1 21  ? 5.033   -3.737  2.609   1.00 24.88 ? 22  TYR A CD1 1 
ATOM   159  C CD2 . TYR A 1 21  ? 5.427   -5.379  0.928   1.00 23.41 ? 22  TYR A CD2 1 
ATOM   160  C CE1 . TYR A 1 21  ? 6.286   -3.212  2.389   1.00 22.82 ? 22  TYR A CE1 1 
ATOM   161  C CE2 . TYR A 1 21  ? 6.667   -4.835  0.681   1.00 25.01 ? 22  TYR A CE2 1 
ATOM   162  C CZ  . TYR A 1 21  ? 7.084   -3.747  1.423   1.00 22.97 ? 22  TYR A CZ  1 
ATOM   163  O OH  . TYR A 1 21  ? 8.297   -3.217  1.181   1.00 23.14 ? 22  TYR A OH  1 
ATOM   164  N N   . SER A 1 22  ? 1.296   -7.760  4.143   1.00 29.32 ? 23  SER A N   1 
ATOM   165  C CA  . SER A 1 22  ? -0.216  -8.067  4.000   1.00 29.37 ? 23  SER A CA  1 
ATOM   166  C C   . SER A 1 22  ? -0.634  -8.318  5.442   1.00 28.79 ? 23  SER A C   1 
ATOM   167  O O   . SER A 1 22  ? -1.822  -8.426  5.732   1.00 28.81 ? 23  SER A O   1 
ATOM   168  C CB  . SER A 1 22  ? -0.602  -9.269  3.144   1.00 29.91 ? 23  SER A CB  1 
ATOM   169  O OG  . SER A 1 22  ? -0.102  -10.470 3.716   1.00 29.79 ? 23  SER A OG  1 
ATOM   170  N N   . SER A 1 23  ? 0.329   -8.409  6.346   1.00 28.62 ? 24  SER A N   1 
ATOM   171  C CA  . SER A 1 23  ? 0.036   -8.610  7.763   1.00 29.32 ? 24  SER A CA  1 
ATOM   172  C C   . SER A 1 23  ? 1.098   -7.903  8.610   1.00 28.44 ? 24  SER A C   1 
ATOM   173  O O   . SER A 1 23  ? 1.565   -8.433  9.609   1.00 30.23 ? 24  SER A O   1 
ATOM   174  C CB  . SER A 1 23  ? 0.000   -10.095 8.098   1.00 29.70 ? 24  SER A CB  1 
ATOM   175  O OG  . SER A 1 23  ? 1.232   -10.727 7.763   1.00 33.16 ? 24  SER A OG  1 
ATOM   176  N N   . TYR A 1 24  ? 1.445   -6.688  8.220   1.00 26.27 ? 25  TYR A N   1 
ATOM   177  C CA  . TYR A 1 24  ? 2.467   -5.916  8.925   1.00 25.14 ? 25  TYR A CA  1 
ATOM   178  C C   . TYR A 1 24  ? 1.854   -4.778  9.743   1.00 24.29 ? 25  TYR A C   1 
ATOM   179  O O   . TYR A 1 24  ? 0.996   -4.047  9.260   1.00 24.92 ? 25  TYR A O   1 
ATOM   180  C CB  . TYR A 1 24  ? 3.455   -5.366  7.886   1.00 24.18 ? 25  TYR A CB  1 
ATOM   181  C CG  . TYR A 1 24  ? 4.687   -4.681  8.416   1.00 22.06 ? 25  TYR A CG  1 
ATOM   182  C CD1 . TYR A 1 24  ? 4.637   -3.367  8.858   1.00 22.47 ? 25  TYR A CD1 1 
ATOM   183  C CD2 . TYR A 1 24  ? 5.921   -5.323  8.402   1.00 21.49 ? 25  TYR A CD2 1 
ATOM   184  C CE1 . TYR A 1 24  ? 5.814   -2.697  9.306   1.00 20.75 ? 25  TYR A CE1 1 
ATOM   185  C CE2 . TYR A 1 24  ? 7.088   -4.681  8.840   1.00 20.62 ? 25  TYR A CE2 1 
ATOM   186  C CZ  . TYR A 1 24  ? 7.019   -3.368  9.282   1.00 21.32 ? 25  TYR A CZ  1 
ATOM   187  O OH  . TYR A 1 24  ? 8.153   -2.757  9.712   1.00 19.89 ? 25  TYR A OH  1 
ATOM   188  N N   . GLY A 1 25  ? 2.292   -4.637  10.984  1.00 23.27 ? 26  GLY A N   1 
ATOM   189  C CA  . GLY A 1 25  ? 1.812   -3.569  11.843  1.00 22.97 ? 26  GLY A CA  1 
ATOM   190  C C   . GLY A 1 25  ? 0.305   -3.488  12.013  1.00 22.62 ? 26  GLY A C   1 
ATOM   191  O O   . GLY A 1 25  ? -0.402  -4.497  12.087  1.00 23.85 ? 26  GLY A O   1 
ATOM   192  N N   . CYS A 1 26  ? -0.211  -2.274  12.059  1.00 22.02 ? 27  CYS A N   1 
ATOM   193  C CA  . CYS A 1 26  ? -1.636  -2.063  12.249  1.00 21.67 ? 27  CYS A CA  1 
ATOM   194  C C   . CYS A 1 26  ? -2.451  -1.789  11.002  1.00 21.54 ? 27  CYS A C   1 
ATOM   195  O O   . CYS A 1 26  ? -3.676  -1.955  11.036  1.00 21.79 ? 27  CYS A O   1 
ATOM   196  C CB  . CYS A 1 26  ? -1.846  -0.952  13.260  1.00 21.31 ? 27  CYS A CB  1 
ATOM   197  S SG  . CYS A 1 26  ? -1.180  -1.419  14.874  1.00 25.25 ? 27  CYS A SG  1 
ATOM   198  N N   . TYR A 1 27  ? -1.803  -1.394  9.912   1.00 21.67 ? 28  TYR A N   1 
ATOM   199  C CA  . TYR A 1 27  ? -2.517  -1.055  8.671   1.00 22.19 ? 28  TYR A CA  1 
ATOM   200  C C   . TYR A 1 27  ? -2.158  -1.846  7.436   1.00 23.23 ? 28  TYR A C   1 
ATOM   201  O O   . TYR A 1 27  ? -2.937  -1.855  6.504   1.00 23.72 ? 28  TYR A O   1 
ATOM   202  C CB  . TYR A 1 27  ? -2.377  0.449   8.353   1.00 21.50 ? 28  TYR A CB  1 
ATOM   203  C CG  . TYR A 1 27  ? -3.132  1.264   9.348   1.00 20.94 ? 28  TYR A CG  1 
ATOM   204  C CD1 . TYR A 1 27  ? -2.549  1.640   10.549  1.00 21.43 ? 28  TYR A CD1 1 
ATOM   205  C CD2 . TYR A 1 27  ? -4.455  1.582   9.149   1.00 19.04 ? 28  TYR A CD2 1 
ATOM   206  C CE1 . TYR A 1 27  ? -3.271  2.354   11.502  1.00 22.48 ? 28  TYR A CE1 1 
ATOM   207  C CE2 . TYR A 1 27  ? -5.177  2.290   10.114  1.00 21.20 ? 28  TYR A CE2 1 
ATOM   208  C CZ  . TYR A 1 27  ? -4.576  2.675   11.270  1.00 20.96 ? 28  TYR A CZ  1 
ATOM   209  O OH  . TYR A 1 27  ? -5.316  3.373   12.231  1.00 23.88 ? 28  TYR A OH  1 
ATOM   210  N N   . CYS A 1 28  ? -0.995  -2.474  7.391   1.00 24.85 ? 29  CYS A N   1 
ATOM   211  C CA  . CYS A 1 28  ? -0.614  -3.231  6.208   1.00 26.99 ? 29  CYS A CA  1 
ATOM   212  C C   . CYS A 1 28  ? -1.366  -4.554  6.164   1.00 31.52 ? 29  CYS A C   1 
ATOM   213  O O   . CYS A 1 28  ? -0.974  -5.538  6.817   1.00 31.76 ? 29  CYS A O   1 
ATOM   214  C CB  . CYS A 1 28  ? 0.889   -3.478  6.185   1.00 25.88 ? 29  CYS A CB  1 
ATOM   215  S SG  . CYS A 1 28  ? 1.846   -1.935  6.101   1.00 21.77 ? 29  CYS A SG  1 
ATOM   216  N N   . GLY A 1 29  ? -2.429  -4.585  5.379   1.00 36.00 ? 30  GLY A N   1 
ATOM   217  C CA  . GLY A 1 29  ? -3.239  -5.786  5.268   1.00 40.10 ? 30  GLY A CA  1 
ATOM   218  C C   . GLY A 1 29  ? -4.583  -5.572  5.940   1.00 43.41 ? 30  GLY A C   1 
ATOM   219  O O   . GLY A 1 29  ? -5.009  -4.447  6.156   1.00 44.15 ? 30  GLY A O   1 
ATOM   220  N N   . TRP A 1 30  ? -5.261  -6.654  6.283   1.00 47.61 ? 31  TRP A N   1 
ATOM   221  C CA  . TRP A 1 30  ? -6.563  -6.538  6.926   1.00 50.56 ? 31  TRP A CA  1 
ATOM   222  C C   . TRP A 1 30  ? -6.428  -5.706  8.199   1.00 51.35 ? 31  TRP A C   1 
ATOM   223  O O   . TRP A 1 30  ? -5.551  -5.966  9.034   1.00 51.93 ? 31  TRP A O   1 
ATOM   224  C CB  . TRP A 1 30  ? -7.140  -7.919  7.270   1.00 51.63 ? 31  TRP A CB  1 
ATOM   225  C CG  . TRP A 1 30  ? -8.640  -7.928  7.265   1.00 55.63 ? 31  TRP A CG  1 
ATOM   226  C CD1 . TRP A 1 30  ? -9.460  -7.835  6.164   1.00 58.78 ? 31  TRP A CD1 1 
ATOM   227  C CD2 . TRP A 1 30  ? -9.510  -8.020  8.402   1.00 59.07 ? 31  TRP A CD2 1 
ATOM   228  N NE1 . TRP A 1 30  ? -10.778 -7.865  6.555   1.00 59.93 ? 31  TRP A NE1 1 
ATOM   229  C CE2 . TRP A 1 30  ? -10.838 -7.980  7.922   1.00 59.90 ? 31  TRP A CE2 1 
ATOM   230  C CE3 . TRP A 1 30  ? -9.299  -8.136  9.785   1.00 59.78 ? 31  TRP A CE3 1 
ATOM   231  C CZ2 . TRP A 1 30  ? -11.946 -8.053  8.772   1.00 60.66 ? 31  TRP A CZ2 1 
ATOM   232  C CZ3 . TRP A 1 30  ? -10.399 -8.216  10.624  1.00 60.50 ? 31  TRP A CZ3 1 
ATOM   233  C CH2 . TRP A 1 30  ? -11.703 -8.172  10.115  1.00 60.78 ? 31  TRP A CH2 1 
ATOM   234  N N   . GLY A 1 31  ? -7.315  -4.703  7.964   1.00 51.76 ? 32  GLY A N   1 
ATOM   235  C CA  . GLY A 1 31  ? -7.196  -3.859  9.134   1.00 52.06 ? 32  GLY A CA  1 
ATOM   236  C C   . GLY A 1 31  ? -7.436  -2.379  8.948   1.00 51.48 ? 32  GLY A C   1 
ATOM   237  O O   . GLY A 1 31  ? -7.023  -1.769  7.966   1.00 52.73 ? 32  GLY A O   1 
ATOM   238  N N   . GLY A 1 32  ? -7.653  -1.524  10.042  1.00 50.76 ? 33  GLY A N   1 
ATOM   239  C CA  . GLY A 1 32  ? -7.648  -0.087  9.917   1.00 49.64 ? 33  GLY A CA  1 
ATOM   240  C C   . GLY A 1 32  ? -7.911  0.496   11.283  1.00 48.19 ? 33  GLY A C   1 
ATOM   241  O O   . GLY A 1 32  ? -8.924  1.166   11.488  1.00 49.07 ? 33  GLY A O   1 
ATOM   242  N N   . LYS A 1 33  ? -7.006  0.240   12.225  1.00 45.96 ? 34  LYS A N   1 
ATOM   243  C CA  . LYS A 1 33  ? -7.167  0.751   13.593  1.00 44.46 ? 34  LYS A CA  1 
ATOM   244  C C   . LYS A 1 33  ? -5.857  1.060   14.299  1.00 41.30 ? 34  LYS A C   1 
ATOM   245  O O   . LYS A 1 33  ? -4.841  0.438   14.045  1.00 40.14 ? 34  LYS A O   1 
ATOM   246  C CB  . LYS A 1 33  ? -7.942  -0.251  14.455  1.00 45.16 ? 34  LYS A CB  1 
ATOM   247  C CG  . LYS A 1 33  ? -9.414  -0.342  14.157  1.00 48.08 ? 34  LYS A CG  1 
ATOM   248  C CD  . LYS A 1 33  ? -10.102 -1.204  15.214  1.00 52.68 ? 34  LYS A CD  1 
ATOM   249  C CE  . LYS A 1 33  ? -11.593 -1.364  14.946  1.00 54.42 ? 34  LYS A CE  1 
ATOM   250  N NZ  . LYS A 1 33  ? -12.246 -2.243  15.968  1.00 55.77 ? 34  LYS A NZ  1 
ATOM   251  N N   . GLY A 1 34  ? -5.913  2.015   15.215  1.00 38.56 ? 35  GLY A N   1 
ATOM   252  C CA  . GLY A 1 34  ? -4.757  2.379   16.020  1.00 36.82 ? 35  GLY A CA  1 
ATOM   253  C C   . GLY A 1 34  ? -3.743  3.307   15.389  1.00 35.35 ? 35  GLY A C   1 
ATOM   254  O O   . GLY A 1 34  ? -3.968  3.901   14.335  1.00 35.16 ? 35  GLY A O   1 
ATOM   255  N N   . THR A 1 35  ? -2.610  3.425   16.077  1.00 34.11 ? 36  THR A N   1 
ATOM   256  C CA  . THR A 1 35  ? -1.499  4.257   15.659  1.00 32.93 ? 36  THR A CA  1 
ATOM   257  C C   . THR A 1 35  ? -0.516  3.404   14.860  1.00 31.44 ? 36  THR A C   1 
ATOM   258  O O   . THR A 1 35  ? -0.095  2.352   15.333  1.00 31.12 ? 36  THR A O   1 
ATOM   259  C CB  . THR A 1 35  ? -0.790  4.817   16.894  1.00 33.25 ? 36  THR A CB  1 
ATOM   260  O OG1 . THR A 1 35  ? -1.732  5.514   17.721  1.00 34.85 ? 36  THR A OG1 1 
ATOM   261  C CG2 . THR A 1 35  ? 0.257   5.845   16.501  1.00 34.93 ? 36  THR A CG2 1 
ATOM   262  N N   . PRO A 1 36  ? -0.131  3.850   13.667  1.00 29.70 ? 37  PRO A N   1 
ATOM   263  C CA  . PRO A 1 36  ? 0.803   3.085   12.849  1.00 28.93 ? 37  PRO A CA  1 
ATOM   264  C C   . PRO A 1 36  ? 2.096   2.865   13.614  1.00 28.21 ? 37  PRO A C   1 
ATOM   265  O O   . PRO A 1 36  ? 2.602   3.818   14.193  1.00 27.58 ? 37  PRO A O   1 
ATOM   266  C CB  . PRO A 1 36  ? 1.004   3.991   11.621  1.00 28.72 ? 37  PRO A CB  1 
ATOM   267  C CG  . PRO A 1 36  ? -0.284  4.735   11.539  1.00 28.98 ? 37  PRO A CG  1 
ATOM   268  C CD  . PRO A 1 36  ? -0.542  5.091   12.983  1.00 29.63 ? 37  PRO A CD  1 
ATOM   269  N N   . LYS A 1 37  ? 2.606   1.633   13.599  1.00 27.51 ? 38  LYS A N   1 
ATOM   270  C CA  . LYS A 1 37  ? 3.812   1.270   14.359  1.00 27.12 ? 38  LYS A CA  1 
ATOM   271  C C   . LYS A 1 37  ? 5.119   1.880   13.867  1.00 26.63 ? 38  LYS A C   1 
ATOM   272  O O   . LYS A 1 37  ? 6.002   2.170   14.669  1.00 26.52 ? 38  LYS A O   1 
ATOM   273  C CB  . LYS A 1 37  ? 3.946   -0.246  14.412  1.00 27.93 ? 38  LYS A CB  1 
ATOM   274  C CG  . LYS A 1 37  ? 2.700   -0.960  14.978  1.00 27.78 ? 38  LYS A CG  1 
ATOM   275  C CD  . LYS A 1 37  ? 2.245   -0.355  16.284  1.00 30.87 ? 38  LYS A CD  1 
ATOM   276  C CE  . LYS A 1 37  ? 3.357   -0.342  17.326  1.00 33.89 ? 38  LYS A CE  1 
ATOM   277  N NZ  . LYS A 1 37  ? 2.865   0.182   18.633  1.00 36.33 ? 38  LYS A NZ  1 
ATOM   278  N N   . ASP A 1 38  ? 5.266   2.057   12.555  1.00 24.74 ? 39  ASP A N   1 
ATOM   279  C CA  . ASP A 1 38  ? 6.494   2.623   12.005  1.00 23.52 ? 39  ASP A CA  1 
ATOM   280  C C   . ASP A 1 38  ? 6.258   3.249   10.615  1.00 22.66 ? 39  ASP A C   1 
ATOM   281  O O   . ASP A 1 38  ? 5.102   3.363   10.160  1.00 20.88 ? 39  ASP A O   1 
ATOM   282  C CB  . ASP A 1 38  ? 7.604   1.570   11.959  1.00 23.45 ? 39  ASP A CB  1 
ATOM   283  C CG  . ASP A 1 38  ? 7.349   0.461   10.956  1.00 24.07 ? 39  ASP A CG  1 
ATOM   284  O OD1 . ASP A 1 38  ? 6.271   0.428   10.315  1.00 24.03 ? 39  ASP A OD1 1 
ATOM   285  O OD2 . ASP A 1 38  ? 8.232   -0.396  10.722  1.00 21.28 ? 39  ASP A OD2 1 
ATOM   286  N N   . ALA A 1 39  ? 7.342   3.677   9.969   1.00 20.70 ? 40  ALA A N   1 
ATOM   287  C CA  . ALA A 1 39  ? 7.245   4.333   8.671   1.00 20.21 ? 40  ALA A CA  1 
ATOM   288  C C   . ALA A 1 39  ? 6.491   3.454   7.659   1.00 19.15 ? 40  ALA A C   1 
ATOM   289  O O   . ALA A 1 39  ? 5.633   3.934   6.951   1.00 19.19 ? 40  ALA A O   1 
ATOM   290  C CB  . ALA A 1 39  ? 8.629   4.692   8.133   1.00 20.45 ? 40  ALA A CB  1 
ATOM   291  N N   . THR A 1 40  ? 6.857   2.187   7.575   1.00 19.39 ? 41  THR A N   1 
ATOM   292  C CA  . THR A 1 40  ? 6.193   1.260   6.666   1.00 18.91 ? 41  THR A CA  1 
ATOM   293  C C   . THR A 1 40  ? 4.707   1.167   6.958   1.00 18.57 ? 41  THR A C   1 
ATOM   294  O O   . THR A 1 40  ? 3.888   1.185   6.033   1.00 19.02 ? 41  THR A O   1 
ATOM   295  C CB  . THR A 1 40  ? 6.821   -0.111  6.747   1.00 18.83 ? 41  THR A CB  1 
ATOM   296  O OG1 . THR A 1 40  ? 8.134   -0.047  6.196   1.00 18.74 ? 41  THR A OG1 1 
ATOM   297  C CG2 . THR A 1 40  ? 6.046   -1.119  5.880   1.00 18.68 ? 41  THR A CG2 1 
ATOM   298  N N   . ASP A 1 41  ? 4.354   1.092   8.233   1.00 18.25 ? 42  ASP A N   1 
ATOM   299  C CA  . ASP A 1 41  ? 2.962   1.012   8.629   1.00 19.20 ? 42  ASP A CA  1 
ATOM   300  C C   . ASP A 1 41  ? 2.261   2.321   8.280   1.00 18.92 ? 42  ASP A C   1 
ATOM   301  O O   . ASP A 1 41  ? 1.077   2.335   7.937   1.00 18.42 ? 42  ASP A O   1 
ATOM   302  C CB  . ASP A 1 41  ? 2.842   0.720   10.123  1.00 19.29 ? 42  ASP A CB  1 
ATOM   303  C CG  . ASP A 1 41  ? 1.539   0.081   10.510  1.00 20.79 ? 42  ASP A CG  1 
ATOM   304  O OD1 . ASP A 1 41  ? 0.814   -0.440  9.612   1.00 19.68 ? 42  ASP A OD1 1 
ATOM   305  O OD2 . ASP A 1 41  ? 1.185   0.031   11.724  1.00 18.57 ? 42  ASP A OD2 1 
ATOM   306  N N   . ARG A 1 42  ? 2.989   3.432   8.328   1.00 19.02 ? 43  ARG A N   1 
ATOM   307  C CA  . ARG A 1 42  ? 2.392   4.704   7.974   1.00 19.53 ? 43  ARG A CA  1 
ATOM   308  C C   . ARG A 1 42  ? 2.111   4.740   6.473   1.00 17.96 ? 43  ARG A C   1 
ATOM   309  O O   . ARG A 1 42  ? 1.142   5.326   6.047   1.00 17.28 ? 43  ARG A O   1 
ATOM   310  C CB  . ARG A 1 42  ? 3.279   5.890   8.398   1.00 20.03 ? 43  ARG A CB  1 
ATOM   311  C CG  . ARG A 1 42  ? 3.189   6.194   9.890   1.00 24.54 ? 43  ARG A CG  1 
ATOM   312  C CD  . ARG A 1 42  ? 3.729   7.584   10.269  1.00 26.69 ? 43  ARG A CD  1 
ATOM   313  N NE  . ARG A 1 42  ? 5.183   7.647   10.147  1.00 31.09 ? 43  ARG A NE  1 
ATOM   314  C CZ  . ARG A 1 42  ? 6.041   7.145   11.029  1.00 32.34 ? 43  ARG A CZ  1 
ATOM   315  N NH1 . ARG A 1 42  ? 5.604   6.517   12.105  1.00 34.32 ? 43  ARG A NH1 1 
ATOM   316  N NH2 . ARG A 1 42  ? 7.341   7.274   10.834  1.00 34.11 ? 43  ARG A NH2 1 
ATOM   317  N N   . CYS A 1 43  ? 2.960   4.096   5.687   1.00 18.07 ? 44  CYS A N   1 
ATOM   318  C CA  . CYS A 1 43  ? 2.746   4.010   4.240   1.00 18.38 ? 44  CYS A CA  1 
ATOM   319  C C   . CYS A 1 43  ? 1.391   3.338   3.968   1.00 18.46 ? 44  CYS A C   1 
ATOM   320  O O   . CYS A 1 43  ? 0.658   3.737   3.071   1.00 18.51 ? 44  CYS A O   1 
ATOM   321  C CB  . CYS A 1 43  ? 3.823   3.170   3.554   1.00 18.52 ? 44  CYS A CB  1 
ATOM   322  S SG  . CYS A 1 43  ? 5.484   3.771   3.535   1.00 19.28 ? 44  CYS A SG  1 
ATOM   323  N N   . CYS A 1 44  ? 1.095   2.284   4.721   1.00 18.55 ? 45  CYS A N   1 
ATOM   324  C CA  . CYS A 1 44  ? -0.144  1.556   4.542   1.00 18.14 ? 45  CYS A CA  1 
ATOM   325  C C   . CYS A 1 44  ? -1.323  2.396   5.025   1.00 18.72 ? 45  CYS A C   1 
ATOM   326  O O   . CYS A 1 44  ? -2.404  2.362   4.426   1.00 18.96 ? 45  CYS A O   1 
ATOM   327  C CB  . CYS A 1 44  ? -0.085  0.212   5.265   1.00 17.94 ? 45  CYS A CB  1 
ATOM   328  S SG  . CYS A 1 44  ? 1.104   -0.932  4.529   1.00 19.67 ? 45  CYS A SG  1 
ATOM   329  N N   . PHE A 1 45  ? -1.128  3.147   6.105   1.00 18.05 ? 46  PHE A N   1 
ATOM   330  C CA  . PHE A 1 45  ? -2.176  4.029   6.599   1.00 19.12 ? 46  PHE A CA  1 
ATOM   331  C C   . PHE A 1 45  ? -2.565  5.036   5.489   1.00 18.35 ? 46  PHE A C   1 
ATOM   332  O O   . PHE A 1 45  ? -3.725  5.197   5.137   1.00 18.39 ? 46  PHE A O   1 
ATOM   333  C CB  . PHE A 1 45  ? -1.693  4.824   7.828   1.00 19.50 ? 46  PHE A CB  1 
ATOM   334  C CG  . PHE A 1 45  ? -2.697  5.833   8.307   1.00 22.19 ? 46  PHE A CG  1 
ATOM   335  C CD1 . PHE A 1 45  ? -3.858  5.426   8.938   1.00 23.03 ? 46  PHE A CD1 1 
ATOM   336  C CD2 . PHE A 1 45  ? -2.500  7.196   8.094   1.00 26.21 ? 46  PHE A CD2 1 
ATOM   337  C CE1 . PHE A 1 45  ? -4.812  6.347   9.348   1.00 24.86 ? 46  PHE A CE1 1 
ATOM   338  C CE2 . PHE A 1 45  ? -3.450  8.125   8.534   1.00 26.17 ? 46  PHE A CE2 1 
ATOM   339  C CZ  . PHE A 1 45  ? -4.599  7.697   9.161   1.00 25.64 ? 46  PHE A CZ  1 
ATOM   340  N N   . VAL A 1 46  ? -1.573  5.715   4.947   1.00 17.74 ? 47  VAL A N   1 
ATOM   341  C CA  . VAL A 1 46  ? -1.799  6.715   3.902   1.00 17.90 ? 47  VAL A CA  1 
ATOM   342  C C   . VAL A 1 46  ? -2.461  6.080   2.693   1.00 17.88 ? 47  VAL A C   1 
ATOM   343  O O   . VAL A 1 46  ? -3.347  6.636   2.082   1.00 18.68 ? 47  VAL A O   1 
ATOM   344  C CB  . VAL A 1 46  ? -0.507  7.379   3.487   1.00 17.53 ? 47  VAL A CB  1 
ATOM   345  C CG1 . VAL A 1 46  ? -0.754  8.300   2.291   1.00 17.42 ? 47  VAL A CG1 1 
ATOM   346  C CG2 . VAL A 1 46  ? 0.048   8.179   4.665   1.00 19.45 ? 47  VAL A CG2 1 
ATOM   347  N N   . HIS A 1 47  ? -2.026  4.873   2.371   1.00 17.75 ? 48  HIS A N   1 
ATOM   348  C CA  . HIS A 1 47  ? -2.595  4.096   1.263   1.00 17.58 ? 48  HIS A CA  1 
ATOM   349  C C   . HIS A 1 47  ? -4.082  3.807   1.520   1.00 17.36 ? 48  HIS A C   1 
ATOM   350  O O   . HIS A 1 47  ? -4.942  3.998   0.633   1.00 17.34 ? 48  HIS A O   1 
ATOM   351  C CB  . HIS A 1 47  ? -1.796  2.767   1.065   1.00 17.69 ? 48  HIS A CB  1 
ATOM   352  C CG  . HIS A 1 47  ? -2.197  1.984   -0.146  1.00 17.69 ? 48  HIS A CG  1 
ATOM   353  N ND1 . HIS A 1 47  ? -2.847  0.770   -0.053  1.00 19.08 ? 48  HIS A ND1 1 
ATOM   354  C CD2 . HIS A 1 47  ? -2.083  2.254   -1.469  1.00 18.13 ? 48  HIS A CD2 1 
ATOM   355  C CE1 . HIS A 1 47  ? -3.069  0.302   -1.274  1.00 21.62 ? 48  HIS A CE1 1 
ATOM   356  N NE2 . HIS A 1 47  ? -2.636  1.195   -2.150  1.00 19.51 ? 48  HIS A NE2 1 
ATOM   357  N N   . ASP A 1 48  ? -4.387  3.354   2.726   1.00 17.22 ? 49  ASP A N   1 
ATOM   358  C CA  . ASP A 1 48  ? -5.760  3.124   3.141   1.00 18.75 ? 49  ASP A CA  1 
ATOM   359  C C   . ASP A 1 48  ? -6.581  4.416   2.932   1.00 18.38 ? 49  ASP A C   1 
ATOM   360  O O   . ASP A 1 48  ? -7.670  4.408   2.344   1.00 17.55 ? 49  ASP A O   1 
ATOM   361  C CB  . ASP A 1 48  ? -5.801  2.764   4.616   1.00 20.96 ? 49  ASP A CB  1 
ATOM   362  C CG  . ASP A 1 48  ? -5.821  1.268   4.873   1.00 25.62 ? 49  ASP A CG  1 
ATOM   363  O OD1 . ASP A 1 48  ? -5.455  0.482   3.968   1.00 32.40 ? 49  ASP A OD1 1 
ATOM   364  O OD2 . ASP A 1 48  ? -6.139  0.796   5.975   1.00 31.31 ? 49  ASP A OD2 1 
ATOM   365  N N   . CYS A 1 49  ? -6.037  5.532   3.410   1.00 16.95 ? 50  CYS A N   1 
ATOM   366  C CA  . CYS A 1 49  ? -6.673  6.824   3.249   1.00 17.39 ? 50  CYS A CA  1 
ATOM   367  C C   . CYS A 1 49  ? -6.883  7.198   1.780   1.00 17.06 ? 50  CYS A C   1 
ATOM   368  O O   . CYS A 1 49  ? -7.925  7.734   1.423   1.00 16.97 ? 50  CYS A O   1 
ATOM   369  C CB  . CYS A 1 49  ? -5.847  7.918   3.933   1.00 17.08 ? 50  CYS A CB  1 
ATOM   370  S SG  . CYS A 1 49  ? -5.799  7.773   5.725   1.00 19.05 ? 50  CYS A SG  1 
ATOM   371  N N   . CYS A 1 50  ? -5.882  6.915   0.948   1.00 17.26 ? 51  CYS A N   1 
ATOM   372  C CA  . CYS A 1 50  ? -5.951  7.228   -0.462  1.00 17.46 ? 51  CYS A CA  1 
ATOM   373  C C   . CYS A 1 50  ? -7.130  6.488   -1.093  1.00 18.25 ? 51  CYS A C   1 
ATOM   374  O O   . CYS A 1 50  ? -7.909  7.063   -1.823  1.00 18.34 ? 51  CYS A O   1 
ATOM   375  C CB  . CYS A 1 50  ? -4.623  6.867   -1.135  1.00 17.22 ? 51  CYS A CB  1 
ATOM   376  S SG  . CYS A 1 50  ? -4.325  7.632   -2.736  1.00 16.50 ? 51  CYS A SG  1 
ATOM   377  N N   . TYR A 1 51  ? -7.250  5.209   -0.810  1.00 19.78 ? 52  TYR A N   1 
ATOM   378  C CA  . TYR A 1 51  ? -8.356  4.402   -1.327  1.00 21.04 ? 52  TYR A CA  1 
ATOM   379  C C   . TYR A 1 51  ? -9.667  4.977   -0.766  1.00 22.50 ? 52  TYR A C   1 
ATOM   380  O O   . TYR A 1 51  ? -10.731 4.784   -1.345  1.00 22.35 ? 52  TYR A O   1 
ATOM   381  C CB  . TYR A 1 51  ? -8.213  2.934   -0.875  1.00 20.91 ? 52  TYR A CB  1 
ATOM   382  C CG  . TYR A 1 51  ? -7.326  2.050   -1.753  1.00 19.41 ? 52  TYR A CG  1 
ATOM   383  C CD1 . TYR A 1 51  ? -6.572  2.571   -2.783  1.00 18.16 ? 52  TYR A CD1 1 
ATOM   384  C CD2 . TYR A 1 51  ? -7.284  0.687   -1.554  1.00 20.89 ? 52  TYR A CD2 1 
ATOM   385  C CE1 . TYR A 1 51  ? -5.773  1.748   -3.586  1.00 18.49 ? 52  TYR A CE1 1 
ATOM   386  C CE2 . TYR A 1 51  ? -6.492  -0.130  -2.339  1.00 18.74 ? 52  TYR A CE2 1 
ATOM   387  C CZ  . TYR A 1 51  ? -5.741  0.402   -3.344  1.00 18.06 ? 52  TYR A CZ  1 
ATOM   388  O OH  . TYR A 1 51  ? -4.959  -0.451  -4.114  1.00 20.43 ? 52  TYR A OH  1 
ATOM   389  N N   . GLY A 1 52  ? -9.586  5.517   0.443   1.00 23.64 ? 53  GLY A N   1 
ATOM   390  C CA  . GLY A 1 52  ? -10.742 6.104   1.096   1.00 24.20 ? 53  GLY A CA  1 
ATOM   391  C C   . GLY A 1 52  ? -11.275 7.317   0.367   1.00 24.38 ? 53  GLY A C   1 
ATOM   392  O O   . GLY A 1 52  ? -12.422 7.682   0.570   1.00 25.45 ? 53  GLY A O   1 
ATOM   393  N N   . ASN A 1 53  ? -10.458 7.944   -0.466  1.00 25.12 ? 54  ASN A N   1 
ATOM   394  C CA  . ASN A 1 53  ? -10.886 9.100   -1.255  1.00 26.24 ? 54  ASN A CA  1 
ATOM   395  C C   . ASN A 1 53  ? -11.654 8.662   -2.499  1.00 25.62 ? 54  ASN A C   1 
ATOM   396  O O   . ASN A 1 53  ? -12.091 9.499   -3.268  1.00 26.11 ? 54  ASN A O   1 
ATOM   397  C CB  . ASN A 1 53  ? -9.691  9.935   -1.728  1.00 26.52 ? 54  ASN A CB  1 
ATOM   398  C CG  . ASN A 1 53  ? -8.934  10.598  -0.591  1.00 31.63 ? 54  ASN A CG  1 
ATOM   399  O OD1 . ASN A 1 53  ? -9.523  11.085  0.397   1.00 35.63 ? 54  ASN A OD1 1 
ATOM   400  N ND2 . ASN A 1 53  ? -7.613  10.634  -0.727  1.00 32.00 ? 54  ASN A ND2 1 
ATOM   401  N N   . LEU A 1 54  ? -11.797 7.352   -2.700  1.00 25.51 ? 55  LEU A N   1 
ATOM   402  C CA  . LEU A 1 54  ? -12.464 6.809   -3.892  1.00 25.75 ? 55  LEU A CA  1 
ATOM   403  C C   . LEU A 1 54  ? -13.611 5.864   -3.523  1.00 25.22 ? 55  LEU A C   1 
ATOM   404  O O   . LEU A 1 54  ? -13.542 4.675   -3.828  1.00 25.35 ? 55  LEU A O   1 
ATOM   405  C CB  . LEU A 1 54  ? -11.425 6.043   -4.747  1.00 25.79 ? 55  LEU A CB  1 
ATOM   406  C CG  . LEU A 1 54  ? -10.044 6.694   -4.828  1.00 26.51 ? 55  LEU A CG  1 
ATOM   407  C CD1 . LEU A 1 54  ? -9.033  5.720   -5.429  1.00 27.27 ? 55  LEU A CD1 1 
ATOM   408  C CD2 . LEU A 1 54  ? -10.099 7.956   -5.654  1.00 28.06 ? 55  LEU A CD2 1 
ATOM   409  N N   . PRO A 1 55  ? -14.668 6.395   -2.906  1.00 25.60 ? 56  PRO A N   1 
ATOM   410  C CA  . PRO A 1 55  ? -15.826 5.617   -2.445  1.00 25.94 ? 56  PRO A CA  1 
ATOM   411  C C   . PRO A 1 55  ? -16.568 4.849   -3.559  1.00 25.38 ? 56  PRO A C   1 
ATOM   412  O O   . PRO A 1 55  ? -17.150 3.786   -3.301  1.00 24.27 ? 56  PRO A O   1 
ATOM   413  C CB  . PRO A 1 55  ? -16.743 6.704   -1.845  1.00 26.57 ? 56  PRO A CB  1 
ATOM   414  C CG  . PRO A 1 55  ? -15.824 7.793   -1.490  1.00 27.02 ? 56  PRO A CG  1 
ATOM   415  C CD  . PRO A 1 55  ? -14.862 7.827   -2.642  1.00 25.47 ? 56  PRO A CD  1 
ATOM   416  N N   . ASP A 1 56  ? -16.601 5.343   -4.764  1.00 24.96 ? 59  ASP A N   1 
ATOM   417  C CA  . ASP A 1 56  ? -17.317 4.638   -5.834  1.00 26.81 ? 59  ASP A CA  1 
ATOM   418  C C   . ASP A 1 56  ? -16.420 3.892   -6.819  1.00 26.72 ? 59  ASP A C   1 
ATOM   419  O O   . ASP A 1 56  ? -16.827 3.567   -7.927  1.00 26.58 ? 59  ASP A O   1 
ATOM   420  C CB  . ASP A 1 56  ? -18.207 5.614   -6.560  1.00 27.73 ? 59  ASP A CB  1 
ATOM   421  C CG  . ASP A 1 56  ? -19.433 5.960   -5.728  1.00 29.52 ? 59  ASP A CG  1 
ATOM   422  O OD1 . ASP A 1 56  ? -20.120 6.937   -6.048  1.00 33.06 ? 59  ASP A OD1 1 
ATOM   423  O OD2 . ASP A 1 56  ? -19.769 5.264   -4.739  1.00 28.06 ? 59  ASP A OD2 1 
ATOM   424  N N   . CYS A 1 57  ? -15.111 3.668   -6.362  1.00 19.89 ? 61  CYS A N   1 
ATOM   425  C CA  . CYS A 1 57  ? -14.197 2.878   -7.173  1.00 19.67 ? 61  CYS A CA  1 
ATOM   426  C C   . CYS A 1 57  ? -14.031 1.567   -6.462  1.00 20.77 ? 61  CYS A C   1 
ATOM   427  O O   . CYS A 1 57  ? -14.464 1.424   -5.319  1.00 21.67 ? 61  CYS A O   1 
ATOM   428  C CB  . CYS A 1 57  ? -12.852 3.560   -7.279  1.00 19.30 ? 61  CYS A CB  1 
ATOM   429  S SG  . CYS A 1 57  ? -12.829 5.126   -8.114  1.00 17.31 ? 61  CYS A SG  1 
ATOM   430  N N   . ASN A 1 58  ? -13.385 0.559   -7.117  1.00 20.08 ? 67  ASN A N   1 
ATOM   431  C CA  . ASN A 1 58  ? -13.177 -0.743  -6.561  1.00 21.72 ? 67  ASN A CA  1 
ATOM   432  C C   . ASN A 1 58  ? -11.705 -1.102  -6.766  1.00 22.31 ? 67  ASN A C   1 
ATOM   433  O O   . ASN A 1 58  ? -11.384 -1.817  -7.698  1.00 21.16 ? 67  ASN A O   1 
ATOM   434  C CB  . ASN A 1 58  ? -14.108 -1.759  -7.240  1.00 22.15 ? 67  ASN A CB  1 
ATOM   435  C CG  . ASN A 1 58  ? -15.588 -1.443  -7.007  1.00 23.86 ? 67  ASN A CG  1 
ATOM   436  O OD1 . ASN A 1 58  ? -16.160 -1.854  -6.011  1.00 22.41 ? 67  ASN A OD1 1 
ATOM   437  N ND2 . ASN A 1 58  ? -16.194 -0.688  -7.917  1.00 21.86 ? 67  ASN A ND2 1 
ATOM   438  N N   . PRO A 1 59  ? -10.838 -0.585  -5.879  1.00 23.71 ? 68  PRO A N   1 
ATOM   439  C CA  . PRO A 1 59  ? -9.367  -0.733  -5.920  1.00 24.50 ? 68  PRO A CA  1 
ATOM   440  C C   . PRO A 1 59  ? -8.824  -2.146  -5.913  1.00 25.18 ? 68  PRO A C   1 
ATOM   441  O O   . PRO A 1 59  ? -7.813  -2.406  -6.581  1.00 26.15 ? 68  PRO A O   1 
ATOM   442  C CB  . PRO A 1 59  ? -8.925  0.017   -4.663  1.00 24.97 ? 68  PRO A CB  1 
ATOM   443  C CG  . PRO A 1 59  ? -9.992  1.016   -4.458  1.00 25.61 ? 68  PRO A CG  1 
ATOM   444  C CD  . PRO A 1 59  ? -11.244 0.244   -4.731  1.00 23.85 ? 68  PRO A CD  1 
ATOM   445  N N   . LYS A 1 60  ? -9.465  -3.059  -5.193  1.00 25.39 ? 69  LYS A N   1 
ATOM   446  C CA  . LYS A 1 60  ? -8.994  -4.443  -5.141  1.00 25.74 ? 69  LYS A CA  1 
ATOM   447  C C   . LYS A 1 60  ? -9.209  -5.221  -6.427  1.00 24.85 ? 69  LYS A C   1 
ATOM   448  O O   . LYS A 1 60  ? -8.392  -6.078  -6.769  1.00 24.43 ? 69  LYS A O   1 
ATOM   449  C CB  . LYS A 1 60  ? -9.644  -5.178  -3.969  1.00 26.01 ? 69  LYS A CB  1 
ATOM   450  C CG  . LYS A 1 60  ? -9.036  -4.806  -2.618  1.00 30.29 ? 69  LYS A CG  1 
ATOM   451  C CD  . LYS A 1 60  ? -9.927  -5.279  -1.463  1.00 35.93 ? 69  LYS A CD  1 
ATOM   452  C CE  . LYS A 1 60  ? -9.213  -5.208  -0.114  1.00 40.02 ? 69  LYS A CE  1 
ATOM   453  N NZ  . LYS A 1 60  ? -8.805  -6.577  0.370   1.00 43.60 ? 69  LYS A NZ  1 
ATOM   454  N N   . SER A 1 61  ? -10.270 -4.903  -7.169  1.00 24.08 ? 70  SER A N   1 
ATOM   455  C CA  . SER A 1 61  ? -10.591 -5.655  -8.378  1.00 22.97 ? 70  SER A CA  1 
ATOM   456  C C   . SER A 1 61  ? -10.498 -4.925  -9.711  1.00 22.39 ? 70  SER A C   1 
ATOM   457  O O   . SER A 1 61  ? -10.467 -5.560  -10.750 1.00 22.19 ? 70  SER A O   1 
ATOM   458  C CB  . SER A 1 61  ? -11.981 -6.263  -8.216  1.00 23.01 ? 70  SER A CB  1 
ATOM   459  O OG  . SER A 1 61  ? -12.928 -5.256  -7.918  1.00 25.28 ? 70  SER A OG  1 
ATOM   460  N N   . ASP A 1 62  ? -10.466 -3.602  -9.711  1.00 21.46 ? 71  ASP A N   1 
ATOM   461  C CA  . ASP A 1 62  ? -10.386 -2.859  -10.955 1.00 20.74 ? 71  ASP A CA  1 
ATOM   462  C C   . ASP A 1 62  ? -8.932  -2.851  -11.407 1.00 20.57 ? 71  ASP A C   1 
ATOM   463  O O   . ASP A 1 62  ? -8.045  -2.344  -10.709 1.00 20.15 ? 71  ASP A O   1 
ATOM   464  C CB  . ASP A 1 62  ? -10.901 -1.436  -10.745 1.00 20.64 ? 71  ASP A CB  1 
ATOM   465  C CG  . ASP A 1 62  ? -11.160 -0.696  -12.048 1.00 20.17 ? 71  ASP A CG  1 
ATOM   466  O OD1 . ASP A 1 62  ? -10.885 -1.246  -13.149 1.00 14.98 ? 71  ASP A OD1 1 
ATOM   467  O OD2 . ASP A 1 62  ? -11.585 0.483   -12.021 1.00 15.79 ? 71  ASP A OD2 1 
ATOM   468  N N   . ARG A 1 63  ? -8.681  -3.390  -12.587 1.00 20.35 ? 72  ARG A N   1 
ATOM   469  C CA  . ARG A 1 63  ? -7.324  -3.473  -13.102 1.00 22.03 ? 72  ARG A CA  1 
ATOM   470  C C   . ARG A 1 63  ? -6.900  -2.232  -13.908 1.00 21.16 ? 72  ARG A C   1 
ATOM   471  O O   . ARG A 1 63  ? -7.676  -1.695  -14.710 1.00 20.47 ? 72  ARG A O   1 
ATOM   472  C CB  . ARG A 1 63  ? -7.180  -4.764  -13.918 1.00 23.18 ? 72  ARG A CB  1 
ATOM   473  C CG  . ARG A 1 63  ? -7.332  -6.008  -13.046 1.00 27.18 ? 72  ARG A CG  1 
ATOM   474  C CD  . ARG A 1 63  ? -7.548  -7.313  -13.779 1.00 32.82 ? 72  ARG A CD  1 
ATOM   475  N NE  . ARG A 1 63  ? -6.496  -7.631  -14.720 1.00 37.53 ? 72  ARG A NE  1 
ATOM   476  C CZ  . ARG A 1 63  ? -6.236  -8.868  -15.150 1.00 41.12 ? 72  ARG A CZ  1 
ATOM   477  N NH1 . ARG A 1 63  ? -6.938  -9.903  -14.697 1.00 42.24 ? 72  ARG A NH1 1 
ATOM   478  N NH2 . ARG A 1 63  ? -5.271  -9.067  -16.034 1.00 42.53 ? 72  ARG A NH2 1 
ATOM   479  N N   . TYR A 1 64  ? -5.667  -1.776  -13.679 1.00 19.66 ? 73  TYR A N   1 
ATOM   480  C CA  . TYR A 1 64  ? -5.113  -0.638  -14.432 1.00 19.94 ? 73  TYR A CA  1 
ATOM   481  C C   . TYR A 1 64  ? -3.818  -1.077  -15.085 1.00 20.20 ? 73  TYR A C   1 
ATOM   482  O O   . TYR A 1 64  ? -3.323  -2.181  -14.853 1.00 18.86 ? 73  TYR A O   1 
ATOM   483  C CB  . TYR A 1 64  ? -4.891  0.574   -13.507 1.00 20.40 ? 73  TYR A CB  1 
ATOM   484  C CG  . TYR A 1 64  ? -3.976  0.290   -12.336 1.00 19.12 ? 73  TYR A CG  1 
ATOM   485  C CD1 . TYR A 1 64  ? -2.589  0.277   -12.495 1.00 16.55 ? 73  TYR A CD1 1 
ATOM   486  C CD2 . TYR A 1 64  ? -4.493  0.032   -11.061 1.00 18.81 ? 73  TYR A CD2 1 
ATOM   487  C CE1 . TYR A 1 64  ? -1.733  0.026   -11.407 1.00 16.86 ? 73  TYR A CE1 1 
ATOM   488  C CE2 . TYR A 1 64  ? -3.637  -0.245  -9.976  1.00 19.20 ? 73  TYR A CE2 1 
ATOM   489  C CZ  . TYR A 1 64  ? -2.262  -0.217  -10.152 1.00 18.72 ? 73  TYR A CZ  1 
ATOM   490  O OH  . TYR A 1 64  ? -1.463  -0.554  -9.082  1.00 19.87 ? 73  TYR A OH  1 
ATOM   491  N N   . LYS A 1 65  ? -3.292  -0.228  -15.943 1.00 20.89 ? 74  LYS A N   1 
ATOM   492  C CA  . LYS A 1 65  ? -2.063  -0.482  -16.653 1.00 22.41 ? 74  LYS A CA  1 
ATOM   493  C C   . LYS A 1 65  ? -1.074  0.573   -16.244 1.00 22.26 ? 74  LYS A C   1 
ATOM   494  O O   . LYS A 1 65  ? -1.434  1.723   -16.030 1.00 21.53 ? 74  LYS A O   1 
ATOM   495  C CB  . LYS A 1 65  ? -2.276  -0.402  -18.174 1.00 23.78 ? 74  LYS A CB  1 
ATOM   496  C CG  . LYS A 1 65  ? -3.292  -1.393  -18.737 1.00 27.77 ? 74  LYS A CG  1 
ATOM   497  C CD  . LYS A 1 65  ? -2.679  -2.783  -18.954 1.00 34.06 ? 74  LYS A CD  1 
ATOM   498  C CE  . LYS A 1 65  ? -3.655  -3.699  -19.706 1.00 36.85 ? 74  LYS A CE  1 
ATOM   499  N NZ  . LYS A 1 65  ? -2.994  -4.975  -20.155 1.00 41.29 ? 74  LYS A NZ  1 
ATOM   500  N N   . TYR A 1 66  ? 0.182   0.178   -16.144 1.00 22.84 ? 75  TYR A N   1 
ATOM   501  C CA  . TYR A 1 66  ? 1.241   1.118   -15.801 1.00 24.28 ? 75  TYR A CA  1 
ATOM   502  C C   . TYR A 1 66  ? 2.494   0.628   -16.482 1.00 25.64 ? 75  TYR A C   1 
ATOM   503  O O   . TYR A 1 66  ? 2.628   -0.564  -16.727 1.00 24.83 ? 75  TYR A O   1 
ATOM   504  C CB  . TYR A 1 66  ? 1.434   1.195   -14.277 1.00 23.55 ? 75  TYR A CB  1 
ATOM   505  C CG  . TYR A 1 66  ? 2.166   0.028   -13.662 1.00 23.45 ? 75  TYR A CG  1 
ATOM   506  C CD1 . TYR A 1 66  ? 3.543   0.011   -13.589 1.00 23.01 ? 75  TYR A CD1 1 
ATOM   507  C CD2 . TYR A 1 66  ? 1.481   -1.049  -13.127 1.00 22.77 ? 75  TYR A CD2 1 
ATOM   508  C CE1 . TYR A 1 66  ? 4.209   -1.038  -12.992 1.00 20.77 ? 75  TYR A CE1 1 
ATOM   509  C CE2 . TYR A 1 66  ? 2.149   -2.103  -12.540 1.00 23.03 ? 75  TYR A CE2 1 
ATOM   510  C CZ  . TYR A 1 66  ? 3.515   -2.084  -12.477 1.00 22.45 ? 75  TYR A CZ  1 
ATOM   511  O OH  . TYR A 1 66  ? 4.176   -3.142  -11.900 1.00 21.29 ? 75  TYR A OH  1 
ATOM   512  N N   . LYS A 1 67  ? 3.391   1.553   -16.807 1.00 27.28 ? 76  LYS A N   1 
ATOM   513  C CA  . LYS A 1 67  ? 4.635   1.197   -17.438 1.00 27.95 ? 76  LYS A CA  1 
ATOM   514  C C   . LYS A 1 67  ? 5.751   1.801   -16.622 1.00 28.85 ? 76  LYS A C   1 
ATOM   515  O O   . LYS A 1 67  ? 5.530   2.586   -15.703 1.00 27.58 ? 76  LYS A O   1 
ATOM   516  C CB  . LYS A 1 67  ? 4.697   1.721   -18.868 1.00 28.01 ? 76  LYS A CB  1 
ATOM   517  C CG  . LYS A 1 67  ? 4.566   3.224   -18.960 1.00 29.73 ? 76  LYS A CG  1 
ATOM   518  C CD  . LYS A 1 67  ? 4.855   3.724   -20.364 1.00 32.09 ? 76  LYS A CD  1 
ATOM   519  C CE  . LYS A 1 67  ? 4.402   5.149   -20.558 1.00 32.68 ? 76  LYS A CE  1 
ATOM   520  N NZ  . LYS A 1 67  ? 4.785   5.706   -21.903 1.00 35.58 ? 76  LYS A NZ  1 
ATOM   521  N N   . ARG A 1 68  ? 6.956   1.394   -16.953 1.00 30.42 ? 77  ARG A N   1 
ATOM   522  C CA  . ARG A 1 68  ? 8.130   1.917   -16.278 1.00 32.11 ? 77  ARG A CA  1 
ATOM   523  C C   . ARG A 1 68  ? 9.015   2.582   -17.317 1.00 32.88 ? 77  ARG A C   1 
ATOM   524  O O   . ARG A 1 68  ? 9.415   1.960   -18.301 1.00 32.92 ? 77  ARG A O   1 
ATOM   525  C CB  . ARG A 1 68  ? 8.850   0.814   -15.491 1.00 32.27 ? 77  ARG A CB  1 
ATOM   526  C CG  . ARG A 1 68  ? 7.951   0.078   -14.536 1.00 33.53 ? 77  ARG A CG  1 
ATOM   527  C CD  . ARG A 1 68  ? 8.607   -0.579  -13.364 1.00 33.66 ? 77  ARG A CD  1 
ATOM   528  N NE  . ARG A 1 68  ? 9.030   0.364   -12.352 1.00 33.83 ? 77  ARG A NE  1 
ATOM   529  C CZ  . ARG A 1 68  ? 8.767   0.291   -11.061 1.00 31.05 ? 77  ARG A CZ  1 
ATOM   530  N NH1 . ARG A 1 68  ? 8.055   -0.695  -10.561 1.00 29.23 ? 77  ARG A NH1 1 
ATOM   531  N NH2 . ARG A 1 68  ? 9.233   1.236   -10.262 1.00 31.57 ? 77  ARG A NH2 1 
ATOM   532  N N   . VAL A 1 69  ? 9.225   3.879   -17.137 1.00 34.00 ? 78  VAL A N   1 
ATOM   533  C CA  . VAL A 1 69  ? 10.080  4.663   -18.007 1.00 35.15 ? 78  VAL A CA  1 
ATOM   534  C C   . VAL A 1 69  ? 11.370  4.690   -17.240 1.00 35.70 ? 78  VAL A C   1 
ATOM   535  O O   . VAL A 1 69  ? 11.534  5.512   -16.336 1.00 35.77 ? 78  VAL A O   1 
ATOM   536  C CB  . VAL A 1 69  ? 9.534   6.062   -18.202 1.00 35.17 ? 78  VAL A CB  1 
ATOM   537  C CG1 . VAL A 1 69  ? 10.447  6.884   -19.092 1.00 36.52 ? 78  VAL A CG1 1 
ATOM   538  C CG2 . VAL A 1 69  ? 8.148   5.976   -18.806 1.00 36.05 ? 78  VAL A CG2 1 
ATOM   539  N N   . ASN A 1 70  ? 12.259  3.756   -17.580 1.00 35.87 ? 79  ASN A N   1 
ATOM   540  C CA  . ASN A 1 70  ? 13.496  3.560   -16.827 1.00 36.05 ? 79  ASN A CA  1 
ATOM   541  C C   . ASN A 1 70  ? 13.044  3.165   -15.415 1.00 34.71 ? 79  ASN A C   1 
ATOM   542  O O   . ASN A 1 70  ? 12.268  2.240   -15.266 1.00 34.96 ? 79  ASN A O   1 
ATOM   543  C CB  . ASN A 1 70  ? 14.362  4.806   -16.863 1.00 36.40 ? 79  ASN A CB  1 
ATOM   544  C CG  . ASN A 1 70  ? 15.346  4.798   -18.032 1.00 38.67 ? 79  ASN A CG  1 
ATOM   545  O OD1 . ASN A 1 70  ? 15.130  4.113   -19.047 1.00 40.37 ? 79  ASN A OD1 1 
ATOM   546  N ND2 . ASN A 1 70  ? 16.444  5.546   -17.886 1.00 39.21 ? 79  ASN A ND2 1 
ATOM   547  N N   . GLY A 1 71  ? 13.406  3.866   -14.293 1.00 33.49 ? 80  GLY A N   1 
ATOM   548  C CA  . GLY A 1 71  ? 12.830  3.305   -13.082 1.00 32.22 ? 80  GLY A CA  1 
ATOM   549  C C   . GLY A 1 71  ? 11.466  3.847   -12.659 1.00 30.43 ? 80  GLY A C   1 
ATOM   550  O O   . GLY A 1 71  ? 10.818  3.312   -11.779 1.00 30.18 ? 80  GLY A O   1 
ATOM   551  N N   . ALA A 1 72  ? 11.041  4.925   -13.295 1.00 28.66 ? 81  ALA A N   1 
ATOM   552  C CA  . ALA A 1 72  ? 9.821   5.612   -12.931 1.00 27.66 ? 81  ALA A CA  1 
ATOM   553  C C   . ALA A 1 72  ? 8.518   4.868   -13.284 1.00 26.19 ? 81  ALA A C   1 
ATOM   554  O O   . ALA A 1 72  ? 8.391   4.256   -14.328 1.00 26.38 ? 81  ALA A O   1 
ATOM   555  C CB  . ALA A 1 72  ? 9.826   6.982   -13.545 1.00 28.02 ? 81  ALA A CB  1 
ATOM   556  N N   . ILE A 1 73  ? 7.559   4.927   -12.369 1.00 24.63 ? 82  ILE A N   1 
ATOM   557  C CA  . ILE A 1 73  ? 6.255   4.318   -12.589 1.00 23.39 ? 82  ILE A CA  1 
ATOM   558  C C   . ILE A 1 73  ? 5.388   5.353   -13.272 1.00 22.80 ? 82  ILE A C   1 
ATOM   559  O O   . ILE A 1 73  ? 5.247   6.461   -12.783 1.00 23.23 ? 82  ILE A O   1 
ATOM   560  C CB  . ILE A 1 73  ? 5.618   3.905   -11.252 1.00 22.91 ? 82  ILE A CB  1 
ATOM   561  C CG1 . ILE A 1 73  ? 6.431   2.785   -10.597 1.00 22.76 ? 82  ILE A CG1 1 
ATOM   562  C CG2 . ILE A 1 73  ? 4.181   3.374   -11.490 1.00 22.73 ? 82  ILE A CG2 1 
ATOM   563  C CD1 . ILE A 1 73  ? 6.075   2.497   -9.159  1.00 21.44 ? 82  ILE A CD1 1 
ATOM   564  N N   . VAL A 1 74  ? 4.791   5.005   -14.399 1.00 23.06 ? 83  VAL A N   1 
ATOM   565  C CA  . VAL A 1 74  ? 3.899   5.886   -15.105 1.00 23.57 ? 83  VAL A CA  1 
ATOM   566  C C   . VAL A 1 74  ? 2.540   5.188   -15.296 1.00 23.30 ? 83  VAL A C   1 
ATOM   567  O O   . VAL A 1 74  ? 2.444   4.136   -15.947 1.00 23.43 ? 83  VAL A O   1 
ATOM   568  C CB  . VAL A 1 74  ? 4.481   6.249   -16.460 1.00 24.77 ? 83  VAL A CB  1 
ATOM   569  C CG1 . VAL A 1 74  ? 3.589   7.230   -17.191 1.00 26.24 ? 83  VAL A CG1 1 
ATOM   570  C CG2 . VAL A 1 74  ? 5.873   6.841   -16.295 1.00 26.90 ? 83  VAL A CG2 1 
ATOM   571  N N   . CYS A 1 75  ? 1.511   5.746   -14.680 1.00 22.10 ? 84  CYS A N   1 
ATOM   572  C CA  . CYS A 1 75  ? 0.166   5.198   -14.790 1.00 22.38 ? 84  CYS A CA  1 
ATOM   573  C C   . CYS A 1 75  ? -0.381  5.497   -16.168 1.00 23.27 ? 84  CYS A C   1 
ATOM   574  O O   . CYS A 1 75  ? -0.366  6.633   -16.592 1.00 23.47 ? 84  CYS A O   1 
ATOM   575  C CB  . CYS A 1 75  ? -0.736  5.818   -13.726 1.00 21.35 ? 84  CYS A CB  1 
ATOM   576  S SG  . CYS A 1 75  ? -0.327  5.321   -12.037 1.00 19.06 ? 84  CYS A SG  1 
ATOM   577  N N   . GLU A 1 76  ? -0.831  4.471   -16.875 1.00 25.62 ? 85  GLU A N   1 
ATOM   578  C CA  . GLU A 1 76  ? -1.401  4.648   -18.211 1.00 27.57 ? 85  GLU A CA  1 
ATOM   579  C C   . GLU A 1 76  ? -2.845  5.135   -18.111 1.00 27.78 ? 85  GLU A C   1 
ATOM   580  O O   . GLU A 1 76  ? -3.508  4.967   -17.097 1.00 26.66 ? 85  GLU A O   1 
ATOM   581  C CB  . GLU A 1 76  ? -1.343  3.341   -19.016 1.00 28.51 ? 85  GLU A CB  1 
ATOM   582  C CG  . GLU A 1 76  ? 0.079   2.824   -19.197 1.00 33.18 ? 85  GLU A CG  1 
ATOM   583  C CD  . GLU A 1 76  ? 0.351   2.381   -20.618 1.00 39.45 ? 85  GLU A CD  1 
ATOM   584  O OE1 . GLU A 1 76  ? -0.152  1.290   -21.004 1.00 45.63 ? 85  GLU A OE1 1 
ATOM   585  O OE2 . GLU A 1 76  ? 1.055   3.128   -21.347 1.00 41.14 ? 85  GLU A OE2 1 
ATOM   586  N N   . LYS A 1 77  ? -3.316  5.746   -19.176 1.00 27.83 ? 86  LYS A N   1 
ATOM   587  C CA  . LYS A 1 77  ? -4.658  6.294   -19.200 1.00 29.15 ? 86  LYS A CA  1 
ATOM   588  C C   . LYS A 1 77  ? -5.712  5.196   -19.228 1.00 27.89 ? 86  LYS A C   1 
ATOM   589  O O   . LYS A 1 77  ? -5.671  4.308   -20.054 1.00 27.48 ? 86  LYS A O   1 
ATOM   590  C CB  . LYS A 1 77  ? -4.827  7.205   -20.421 1.00 29.93 ? 86  LYS A CB  1 
ATOM   591  C CG  . LYS A 1 77  ? -6.138  7.964   -20.450 1.00 33.32 ? 86  LYS A CG  1 
ATOM   592  C CD  . LYS A 1 77  ? -6.304  8.691   -21.773 1.00 36.97 ? 86  LYS A CD  1 
ATOM   593  C CE  . LYS A 1 77  ? -7.582  9.526   -21.788 1.00 38.57 ? 86  LYS A CE  1 
ATOM   594  N NZ  . LYS A 1 77  ? -7.927  10.232  -23.066 1.00 41.62 ? 86  LYS A NZ  1 
ATOM   595  N N   . GLY A 1 78  ? -6.656  5.232   -18.285 1.00 20.65 ? 88  GLY A N   1 
ATOM   596  C CA  . GLY A 1 78  ? -7.799  4.344   -18.256 1.00 20.31 ? 88  GLY A CA  1 
ATOM   597  C C   . GLY A 1 78  ? -9.029  5.117   -17.799 1.00 19.79 ? 88  GLY A C   1 
ATOM   598  O O   . GLY A 1 78  ? -9.209  6.264   -18.174 1.00 19.51 ? 88  GLY A O   1 
ATOM   599  N N   . THR A 1 79  ? -9.892  4.481   -17.024 1.00 19.46 ? 89  THR A N   1 
ATOM   600  C CA  . THR A 1 79  ? -11.053 5.177   -16.533 1.00 19.09 ? 89  THR A CA  1 
ATOM   601  C C   . THR A 1 79  ? -10.562 6.087   -15.417 1.00 19.81 ? 89  THR A C   1 
ATOM   602  O O   . THR A 1 79  ? -9.430  5.947   -14.957 1.00 18.56 ? 89  THR A O   1 
ATOM   603  C CB  . THR A 1 79  ? -12.101 4.210   -15.983 1.00 19.29 ? 89  THR A CB  1 
ATOM   604  O OG1 . THR A 1 79  ? -11.593 3.524   -14.815 1.00 15.32 ? 89  THR A OG1 1 
ATOM   605  C CG2 . THR A 1 79  ? -12.479 3.140   -17.026 1.00 19.70 ? 89  THR A CG2 1 
ATOM   606  N N   . SER A 1 80  ? -11.412 7.000   -14.964 1.00 19.42 ? 90  SER A N   1 
ATOM   607  C CA  . SER A 1 80  ? -11.026 7.909   -13.907 1.00 19.74 ? 90  SER A CA  1 
ATOM   608  C C   . SER A 1 80  ? -10.635 7.126   -12.634 1.00 18.53 ? 90  SER A C   1 
ATOM   609  O O   . SER A 1 80  ? -9.659  7.476   -11.949 1.00 16.45 ? 90  SER A O   1 
ATOM   610  C CB  . SER A 1 80  ? -12.155 8.906   -13.622 1.00 20.35 ? 90  SER A CB  1 
ATOM   611  O OG  . SER A 1 80  ? -11.925 9.599   -12.425 1.00 25.20 ? 90  SER A OG  1 
ATOM   612  N N   . CYS A 1 81  ? -11.395 6.087   -12.324 1.00 17.67 ? 91  CYS A N   1 
ATOM   613  C CA  . CYS A 1 81  ? -11.132 5.270   -11.163 1.00 17.55 ? 91  CYS A CA  1 
ATOM   614  C C   . CYS A 1 81  ? -9.768  4.571   -11.274 1.00 17.80 ? 91  CYS A C   1 
ATOM   615  O O   . CYS A 1 81  ? -8.986  4.559   -10.322 1.00 15.93 ? 91  CYS A O   1 
ATOM   616  C CB  . CYS A 1 81  ? -12.237 4.230   -10.952 1.00 17.50 ? 91  CYS A CB  1 
ATOM   617  S SG  . CYS A 1 81  ? -13.641 4.774   -9.927  1.00 18.72 ? 91  CYS A SG  1 
ATOM   618  N N   . GLU A 1 82  ? -9.504  3.974   -12.430 1.00 17.30 ? 92  GLU A N   1 
ATOM   619  C CA  . GLU A 1 82  ? -8.261  3.261   -12.649 1.00 17.56 ? 92  GLU A CA  1 
ATOM   620  C C   . GLU A 1 82  ? -7.021  4.200   -12.495 1.00 17.73 ? 92  GLU A C   1 
ATOM   621  O O   . GLU A 1 82  ? -6.003  3.818   -11.892 1.00 16.56 ? 92  GLU A O   1 
ATOM   622  C CB  . GLU A 1 82  ? -8.301  2.575   -14.018 1.00 17.53 ? 92  GLU A CB  1 
ATOM   623  C CG  . GLU A 1 82  ? -9.119  1.297   -14.030 1.00 17.17 ? 92  GLU A CG  1 
ATOM   624  C CD  . GLU A 1 82  ? -9.671  0.914   -15.400 1.00 18.87 ? 92  GLU A CD  1 
ATOM   625  O OE1 . GLU A 1 82  ? -9.270  1.514   -16.395 1.00 19.96 ? 92  GLU A OE1 1 
ATOM   626  O OE2 . GLU A 1 82  ? -10.511 -0.014  -15.457 1.00 20.27 ? 92  GLU A OE2 1 
ATOM   627  N N   . ASN A 1 83  ? -7.128  5.403   -13.042 1.00 17.71 ? 93  ASN A N   1 
ATOM   628  C CA  . ASN A 1 83  ? -6.041  6.367   -12.934 1.00 18.33 ? 93  ASN A CA  1 
ATOM   629  C C   . ASN A 1 83  ? -5.778  6.716   -11.482 1.00 17.60 ? 93  ASN A C   1 
ATOM   630  O O   . ASN A 1 83  ? -4.637  6.726   -11.027 1.00 16.02 ? 93  ASN A O   1 
ATOM   631  C CB  . ASN A 1 83  ? -6.361  7.667   -13.689 1.00 19.61 ? 93  ASN A CB  1 
ATOM   632  C CG  . ASN A 1 83  ? -6.620  7.458   -15.179 1.00 22.53 ? 93  ASN A CG  1 
ATOM   633  O OD1 . ASN A 1 83  ? -6.118  6.526   -15.794 1.00 24.14 ? 93  ASN A OD1 1 
ATOM   634  N ND2 . ASN A 1 83  ? -7.404  8.367   -15.770 1.00 23.24 ? 93  ASN A ND2 1 
ATOM   635  N N   . ARG A 1 84  ? -6.847  7.004   -10.729 1.00 17.91 ? 94  ARG A N   1 
ATOM   636  C CA  . ARG A 1 84  ? -6.701  7.390   -9.339  1.00 17.71 ? 94  ARG A CA  1 
ATOM   637  C C   . ARG A 1 84  ? -6.237  6.204   -8.476  1.00 17.63 ? 94  ARG A C   1 
ATOM   638  O O   . ARG A 1 84  ? -5.441  6.357   -7.562  1.00 16.48 ? 94  ARG A O   1 
ATOM   639  C CB  . ARG A 1 84  ? -7.993  7.974   -8.819  1.00 18.83 ? 94  ARG A CB  1 
ATOM   640  C CG  . ARG A 1 84  ? -8.386  9.264   -9.552  1.00 20.01 ? 94  ARG A CG  1 
ATOM   641  C CD  . ARG A 1 84  ? -9.867  9.617   -9.266  1.00 23.60 ? 94  ARG A CD  1 
ATOM   642  N NE  . ARG A 1 84  ? -10.030 10.280  -7.980  1.00 24.93 ? 94  ARG A NE  1 
ATOM   643  C CZ  . ARG A 1 84  ? -11.200 10.493  -7.407  1.00 30.74 ? 94  ARG A CZ  1 
ATOM   644  N NH1 . ARG A 1 84  ? -12.305 10.054  -7.995  1.00 30.77 ? 94  ARG A NH1 1 
ATOM   645  N NH2 . ARG A 1 84  ? -11.279 11.136  -6.238  1.00 29.17 ? 94  ARG A NH2 1 
ATOM   646  N N   . ILE A 1 85  ? -6.686  5.000   -8.783  1.00 16.63 ? 95  ILE A N   1 
ATOM   647  C CA  . ILE A 1 85  ? -6.238  3.869   -7.999  1.00 16.20 ? 95  ILE A CA  1 
ATOM   648  C C   . ILE A 1 85  ? -4.747  3.660   -8.207  1.00 15.96 ? 95  ILE A C   1 
ATOM   649  O O   . ILE A 1 85  ? -3.956  3.404   -7.269  1.00 15.81 ? 95  ILE A O   1 
ATOM   650  C CB  . ILE A 1 85  ? -7.019  2.564   -8.371  1.00 16.63 ? 95  ILE A CB  1 
ATOM   651  C CG1 . ILE A 1 85  ? -8.412  2.523   -7.725  1.00 17.65 ? 95  ILE A CG1 1 
ATOM   652  C CG2 . ILE A 1 85  ? -6.266  1.357   -7.907  1.00 16.18 ? 95  ILE A CG2 1 
ATOM   653  C CD1 . ILE A 1 85  ? -9.218  3.705   -7.916  1.00 24.92 ? 95  ILE A CD1 1 
ATOM   654  N N   . CYS A 1 86  ? -4.318  3.728   -9.456  1.00 15.48 ? 96  CYS A N   1 
ATOM   655  C CA  . CYS A 1 86  ? -2.928  3.545   -9.791  1.00 15.77 ? 96  CYS A CA  1 
ATOM   656  C C   . CYS A 1 86  ? -2.028  4.556   -9.062  1.00 16.56 ? 96  CYS A C   1 
ATOM   657  O O   . CYS A 1 86  ? -0.923  4.215   -8.646  1.00 16.43 ? 96  CYS A O   1 
ATOM   658  C CB  . CYS A 1 86  ? -2.732  3.678   -11.303 1.00 15.18 ? 96  CYS A CB  1 
ATOM   659  S SG  . CYS A 1 86  ? -1.053  3.440   -11.895 1.00 18.35 ? 96  CYS A SG  1 
ATOM   660  N N   . GLU A 1 87  ? -2.473  5.809   -8.960  1.00 16.54 ? 97  GLU A N   1 
ATOM   661  C CA  . GLU A 1 87  ? -1.681  6.814   -8.278  1.00 17.01 ? 97  GLU A CA  1 
ATOM   662  C C   . GLU A 1 87  ? -1.535  6.480   -6.785  1.00 16.97 ? 97  GLU A C   1 
ATOM   663  O O   . GLU A 1 87  ? -0.477  6.747   -6.183  1.00 17.11 ? 97  GLU A O   1 
ATOM   664  C CB  . GLU A 1 87  ? -2.287  8.203   -8.442  1.00 17.82 ? 97  GLU A CB  1 
ATOM   665  C CG  . GLU A 1 87  ? -2.159  8.804   -9.856  1.00 21.19 ? 97  GLU A CG  1 
ATOM   666  C CD  . GLU A 1 87  ? -0.722  9.034   -10.292 1.00 22.46 ? 97  GLU A CD  1 
ATOM   667  O OE1 . GLU A 1 87  ? 0.138   9.235   -9.431  1.00 24.46 ? 97  GLU A OE1 1 
ATOM   668  O OE2 . GLU A 1 87  ? -0.435  8.969   -11.503 1.00 26.12 ? 97  GLU A OE2 1 
ATOM   669  N N   . CYS A 1 88  ? -2.588  5.924   -6.182  1.00 16.46 ? 98  CYS A N   1 
ATOM   670  C CA  . CYS A 1 88  ? -2.534  5.516   -4.792  1.00 16.50 ? 98  CYS A CA  1 
ATOM   671  C C   . CYS A 1 88  ? -1.495  4.425   -4.578  1.00 16.91 ? 98  CYS A C   1 
ATOM   672  O O   . CYS A 1 88  ? -0.703  4.479   -3.599  1.00 17.42 ? 98  CYS A O   1 
ATOM   673  C CB  . CYS A 1 88  ? -3.874  5.008   -4.308  1.00 16.56 ? 98  CYS A CB  1 
ATOM   674  S SG  . CYS A 1 88  ? -5.114  6.283   -4.015  1.00 17.29 ? 98  CYS A SG  1 
ATOM   675  N N   . ASP A 1 89  ? -1.518  3.428   -5.465  1.00 16.33 ? 99  ASP A N   1 
ATOM   676  C CA  . ASP A 1 89  ? -0.612  2.292   -5.391  1.00 16.17 ? 99  ASP A CA  1 
ATOM   677  C C   . ASP A 1 89  ? 0.850   2.707   -5.629  1.00 16.09 ? 99  ASP A C   1 
ATOM   678  O O   . ASP A 1 89  ? 1.713   2.318   -4.875  1.00 16.97 ? 99  ASP A O   1 
ATOM   679  C CB  . ASP A 1 89  ? -1.024  1.216   -6.385  1.00 15.52 ? 99  ASP A CB  1 
ATOM   680  C CG  . ASP A 1 89  ? -2.301  0.539   -6.024  1.00 16.09 ? 99  ASP A CG  1 
ATOM   681  O OD1 . ASP A 1 89  ? -2.882  0.804   -4.936  1.00 17.53 ? 99  ASP A OD1 1 
ATOM   682  O OD2 . ASP A 1 89  ? -2.782  -0.319  -6.760  1.00 17.38 ? 99  ASP A OD2 1 
ATOM   683  N N   . LYS A 1 90  ? 1.085   3.495   -6.672  1.00 16.09 ? 100 LYS A N   1 
ATOM   684  C CA  . LYS A 1 90  ? 2.386   4.006   -7.010  1.00 15.50 ? 100 LYS A CA  1 
ATOM   685  C C   . LYS A 1 90  ? 3.019   4.691   -5.790  1.00 16.03 ? 100 LYS A C   1 
ATOM   686  O O   . LYS A 1 90  ? 4.190   4.448   -5.485  1.00 16.35 ? 100 LYS A O   1 
ATOM   687  C CB  . LYS A 1 90  ? 2.283   4.998   -8.181  1.00 16.32 ? 100 LYS A CB  1 
ATOM   688  C CG  . LYS A 1 90  ? 3.536   5.867   -8.390  1.00 17.00 ? 100 LYS A CG  1 
ATOM   689  C CD  . LYS A 1 90  ? 3.329   6.821   -9.549  1.00 18.72 ? 100 LYS A CD  1 
ATOM   690  C CE  . LYS A 1 90  ? 4.508   7.716   -9.766  1.00 21.75 ? 100 LYS A CE  1 
ATOM   691  N NZ  . LYS A 1 90  ? 4.309   8.673   -10.930 1.00 24.78 ? 100 LYS A NZ  1 
ATOM   692  N N   . ALA A 1 91  ? 2.251   5.547   -5.114  1.00 15.02 ? 101 ALA A N   1 
ATOM   693  C CA  . ALA A 1 91  ? 2.726   6.241   -3.947  1.00 15.57 ? 101 ALA A CA  1 
ATOM   694  C C   . ALA A 1 91  ? 3.121   5.259   -2.827  1.00 15.58 ? 101 ALA A C   1 
ATOM   695  O O   . ALA A 1 91  ? 4.145   5.428   -2.171  1.00 15.64 ? 101 ALA A O   1 
ATOM   696  C CB  . ALA A 1 91  ? 1.640   7.221   -3.434  1.00 15.25 ? 101 ALA A CB  1 
ATOM   697  N N   . ALA A 1 92  ? 2.298   4.256   -2.590  1.00 15.06 ? 102 ALA A N   1 
ATOM   698  C CA  . ALA A 1 92  ? 2.590   3.256   -1.575  1.00 15.73 ? 102 ALA A CA  1 
ATOM   699  C C   . ALA A 1 92  ? 3.886   2.475   -1.900  1.00 16.37 ? 102 ALA A C   1 
ATOM   700  O O   . ALA A 1 92  ? 4.689   2.211   -1.011  1.00 15.94 ? 102 ALA A O   1 
ATOM   701  C CB  . ALA A 1 92  ? 1.423   2.299   -1.407  1.00 16.41 ? 102 ALA A CB  1 
ATOM   702  N N   . ALA A 1 93  ? 4.073   2.129   -3.168  1.00 16.23 ? 103 ALA A N   1 
ATOM   703  C CA  . ALA A 1 93  ? 5.239   1.381   -3.598  1.00 17.42 ? 103 ALA A CA  1 
ATOM   704  C C   . ALA A 1 93  ? 6.516   2.184   -3.371  1.00 18.60 ? 103 ALA A C   1 
ATOM   705  O O   . ALA A 1 93  ? 7.531   1.604   -2.971  1.00 17.65 ? 103 ALA A O   1 
ATOM   706  C CB  . ALA A 1 93  ? 5.130   1.012   -5.038  1.00 17.16 ? 103 ALA A CB  1 
ATOM   707  N N   . ILE A 1 94  ? 6.450   3.489   -3.643  1.00 19.04 ? 104 ILE A N   1 
ATOM   708  C CA  . ILE A 1 94  ? 7.584   4.392   -3.459  1.00 19.86 ? 104 ILE A CA  1 
ATOM   709  C C   . ILE A 1 94  ? 7.848   4.552   -1.962  1.00 19.65 ? 104 ILE A C   1 
ATOM   710  O O   . ILE A 1 94  ? 8.995   4.567   -1.511  1.00 19.16 ? 104 ILE A O   1 
ATOM   711  C CB  . ILE A 1 94  ? 7.278   5.776   -4.040  1.00 20.71 ? 104 ILE A CB  1 
ATOM   712  C CG1 . ILE A 1 94  ? 7.099   5.717   -5.560  1.00 24.57 ? 104 ILE A CG1 1 
ATOM   713  C CG2 . ILE A 1 94  ? 8.355   6.792   -3.682  1.00 21.09 ? 104 ILE A CG2 1 
ATOM   714  C CD1 . ILE A 1 94  ? 8.289   5.321   -6.311  1.00 26.38 ? 104 ILE A CD1 1 
ATOM   715  N N   . CYS A 1 95  ? 6.771   4.694   -1.198  1.00 18.22 ? 105 CYS A N   1 
ATOM   716  C CA  . CYS A 1 95  ? 6.861   4.851   0.236   1.00 18.16 ? 105 CYS A CA  1 
ATOM   717  C C   . CYS A 1 95  ? 7.523   3.619   0.855   1.00 18.48 ? 105 CYS A C   1 
ATOM   718  O O   . CYS A 1 95  ? 8.414   3.761   1.722   1.00 17.64 ? 105 CYS A O   1 
ATOM   719  C CB  . CYS A 1 95  ? 5.490   5.121   0.830   1.00 17.09 ? 105 CYS A CB  1 
ATOM   720  S SG  . CYS A 1 95  ? 5.412   5.564   2.571   1.00 19.67 ? 105 CYS A SG  1 
ATOM   721  N N   . PHE A 1 96  ? 7.098   2.424   0.431   1.00 18.72 ? 106 PHE A N   1 
ATOM   722  C CA  . PHE A 1 96  ? 7.691   1.195   0.915   1.00 20.16 ? 106 PHE A CA  1 
ATOM   723  C C   . PHE A 1 96  ? 9.202   1.163   0.604   1.00 20.79 ? 106 PHE A C   1 
ATOM   724  O O   . PHE A 1 96  ? 10.026  0.787   1.419   1.00 20.21 ? 106 PHE A O   1 
ATOM   725  C CB  . PHE A 1 96  ? 7.033   -0.034  0.257   1.00 20.23 ? 106 PHE A CB  1 
ATOM   726  C CG  . PHE A 1 96  ? 5.635   -0.328  0.731   1.00 19.83 ? 106 PHE A CG  1 
ATOM   727  C CD1 . PHE A 1 96  ? 5.213   0.011   1.986   1.00 18.46 ? 106 PHE A CD1 1 
ATOM   728  C CD2 . PHE A 1 96  ? 4.736   -0.949  -0.123  1.00 21.26 ? 106 PHE A CD2 1 
ATOM   729  C CE1 . PHE A 1 96  ? 3.940   -0.281  2.396   1.00 20.02 ? 106 PHE A CE1 1 
ATOM   730  C CE2 . PHE A 1 96  ? 3.470   -1.236  0.273   1.00 20.16 ? 106 PHE A CE2 1 
ATOM   731  C CZ  . PHE A 1 96  ? 3.063   -0.897  1.534   1.00 20.67 ? 106 PHE A CZ  1 
ATOM   732  N N   . ARG A 1 97  ? 9.551   1.534   -0.613  1.00 22.94 ? 107 ARG A N   1 
ATOM   733  C CA  . ARG A 1 97  ? 10.949  1.559   -1.039  1.00 23.60 ? 107 ARG A CA  1 
ATOM   734  C C   . ARG A 1 97  ? 11.747  2.574   -0.238  1.00 23.99 ? 107 ARG A C   1 
ATOM   735  O O   . ARG A 1 97  ? 12.896  2.353   0.079   1.00 24.17 ? 107 ARG A O   1 
ATOM   736  C CB  . ARG A 1 97  ? 11.018  1.932   -2.516  1.00 24.20 ? 107 ARG A CB  1 
ATOM   737  C CG  . ARG A 1 97  ? 12.399  2.352   -2.991  1.00 26.92 ? 107 ARG A CG  1 
ATOM   738  C CD  . ARG A 1 97  ? 13.234  1.227   -3.523  1.00 30.61 ? 107 ARG A CD  1 
ATOM   739  N NE  . ARG A 1 97  ? 14.225  0.764   -2.577  1.00 36.02 ? 107 ARG A NE  1 
ATOM   740  C CZ  . ARG A 1 97  ? 15.464  1.229   -2.478  1.00 40.58 ? 107 ARG A CZ  1 
ATOM   741  N NH1 . ARG A 1 97  ? 15.896  2.150   -3.308  1.00 42.17 ? 107 ARG A NH1 1 
ATOM   742  N NH2 . ARG A 1 97  ? 16.285  0.752   -1.557  1.00 42.73 ? 107 ARG A NH2 1 
ATOM   743  N N   . GLN A 1 98  ? 11.130  3.695   0.101   1.00 24.15 ? 108 GLN A N   1 
ATOM   744  C CA  . GLN A 1 98  ? 11.819  4.724   0.855   1.00 24.82 ? 108 GLN A CA  1 
ATOM   745  C C   . GLN A 1 98  ? 12.086  4.330   2.324   1.00 24.82 ? 108 GLN A C   1 
ATOM   746  O O   . GLN A 1 98  ? 12.955  4.905   2.981   1.00 25.14 ? 108 GLN A O   1 
ATOM   747  C CB  . GLN A 1 98  ? 11.014  6.034   0.790   1.00 24.80 ? 108 GLN A CB  1 
ATOM   748  C CG  . GLN A 1 98  ? 11.763  7.259   1.265   1.00 29.23 ? 108 GLN A CG  1 
ATOM   749  C CD  . GLN A 1 98  ? 11.134  8.560   0.750   1.00 31.90 ? 108 GLN A CD  1 
ATOM   750  O OE1 . GLN A 1 98  ? 9.910   8.679   0.685   1.00 32.95 ? 108 GLN A OE1 1 
ATOM   751  N NE2 . GLN A 1 98  ? 11.971  9.521   0.379   1.00 32.88 ? 108 GLN A NE2 1 
ATOM   752  N N   . ASN A 1 99  ? 11.327  3.365   2.833   1.00 23.56 ? 109 ASN A N   1 
ATOM   753  C CA  . ASN A 1 99  ? 11.470  2.949   4.218   1.00 23.36 ? 109 ASN A CA  1 
ATOM   754  C C   . ASN A 1 99  ? 11.928  1.509   4.434   1.00 23.38 ? 109 ASN A C   1 
ATOM   755  O O   . ASN A 1 99  ? 11.755  0.967   5.509   1.00 21.81 ? 109 ASN A O   1 
ATOM   756  C CB  . ASN A 1 99  ? 10.162  3.219   4.957   1.00 22.76 ? 109 ASN A CB  1 
ATOM   757  C CG  . ASN A 1 99  ? 9.834   4.690   5.002   1.00 23.02 ? 109 ASN A CG  1 
ATOM   758  O OD1 . ASN A 1 99  ? 10.467  5.449   5.741   1.00 21.59 ? 109 ASN A OD1 1 
ATOM   759  N ND2 . ASN A 1 99  ? 8.848   5.115   4.210   1.00 22.73 ? 109 ASN A ND2 1 
ATOM   760  N N   . LEU A 1 100 ? 12.512  0.893   3.413   1.00 25.03 ? 110 LEU A N   1 
ATOM   761  C CA  . LEU A 1 100 ? 13.014  -0.473  3.522   1.00 26.42 ? 110 LEU A CA  1 
ATOM   762  C C   . LEU A 1 100 ? 14.032  -0.591  4.649   1.00 28.40 ? 110 LEU A C   1 
ATOM   763  O O   . LEU A 1 100 ? 14.095  -1.614  5.329   1.00 28.94 ? 110 LEU A O   1 
ATOM   764  C CB  . LEU A 1 100 ? 13.671  -0.907  2.228   1.00 26.75 ? 110 LEU A CB  1 
ATOM   765  C CG  . LEU A 1 100 ? 12.879  -1.640  1.168   1.00 27.79 ? 110 LEU A CG  1 
ATOM   766  C CD1 . LEU A 1 100 ? 13.819  -1.972  -0.008  1.00 28.15 ? 110 LEU A CD1 1 
ATOM   767  C CD2 . LEU A 1 100 ? 12.290  -2.896  1.752   1.00 28.22 ? 110 LEU A CD2 1 
ATOM   768  N N   . ASN A 1 101 ? 14.809  0.469   4.847   1.00 29.62 ? 111 ASN A N   1 
ATOM   769  C CA  . ASN A 1 101 ? 15.845  0.501   5.866   1.00 31.34 ? 111 ASN A CA  1 
ATOM   770  C C   . ASN A 1 101 ? 15.329  0.248   7.273   1.00 31.21 ? 111 ASN A C   1 
ATOM   771  O O   . ASN A 1 101 ? 16.075  -0.289  8.092   1.00 31.59 ? 111 ASN A O   1 
ATOM   772  C CB  . ASN A 1 101 ? 16.583  1.861   5.832   1.00 32.25 ? 111 ASN A CB  1 
ATOM   773  C CG  . ASN A 1 101 ? 15.630  3.059   5.875   1.00 35.11 ? 111 ASN A CG  1 
ATOM   774  O OD1 . ASN A 1 101 ? 15.967  4.099   6.423   1.00 42.40 ? 111 ASN A OD1 1 
ATOM   775  N ND2 . ASN A 1 101 ? 14.443  2.915   5.286   1.00 38.97 ? 111 ASN A ND2 1 
ATOM   776  N N   . THR A 1 102 ? 14.078  0.621   7.556   1.00 30.80 ? 112 THR A N   1 
ATOM   777  C CA  . THR A 1 102 ? 13.507  0.419   8.889   1.00 29.95 ? 112 THR A CA  1 
ATOM   778  C C   . THR A 1 102 ? 12.466  -0.703  8.944   1.00 29.15 ? 112 THR A C   1 
ATOM   779  O O   . THR A 1 102 ? 11.859  -0.927  9.980   1.00 28.60 ? 112 THR A O   1 
ATOM   780  C CB  . THR A 1 102 ? 12.863  1.693   9.429   1.00 30.06 ? 112 THR A CB  1 
ATOM   781  O OG1 . THR A 1 102 ? 11.891  2.178   8.488   1.00 30.54 ? 112 THR A OG1 1 
ATOM   782  C CG2 . THR A 1 102 ? 13.912  2.816   9.599   1.00 30.64 ? 112 THR A CG2 1 
ATOM   783  N N   . TYR A 1 103 ? 12.250  -1.395  7.839   1.00 28.76 ? 113 TYR A N   1 
ATOM   784  C CA  . TYR A 1 103 ? 11.285  -2.490  7.827   1.00 29.22 ? 113 TYR A CA  1 
ATOM   785  C C   . TYR A 1 103 ? 11.711  -3.515  8.889   1.00 29.50 ? 113 TYR A C   1 
ATOM   786  O O   . TYR A 1 103 ? 12.835  -3.969  8.868   1.00 29.55 ? 113 TYR A O   1 
ATOM   787  C CB  . TYR A 1 103 ? 11.229  -3.134  6.439   1.00 28.63 ? 113 TYR A CB  1 
ATOM   788  C CG  . TYR A 1 103 ? 10.278  -4.307  6.318   1.00 27.75 ? 113 TYR A CG  1 
ATOM   789  C CD1 . TYR A 1 103 ? 10.597  -5.546  6.849   1.00 27.89 ? 113 TYR A CD1 1 
ATOM   790  C CD2 . TYR A 1 103 ? 9.054   -4.173  5.675   1.00 29.06 ? 113 TYR A CD2 1 
ATOM   791  C CE1 . TYR A 1 103 ? 9.730   -6.623  6.742   1.00 27.99 ? 113 TYR A CE1 1 
ATOM   792  C CE2 . TYR A 1 103 ? 8.163   -5.260  5.565   1.00 25.92 ? 113 TYR A CE2 1 
ATOM   793  C CZ  . TYR A 1 103 ? 8.509   -6.463  6.111   1.00 27.04 ? 113 TYR A CZ  1 
ATOM   794  O OH  . TYR A 1 103 ? 7.656   -7.543  6.011   1.00 26.64 ? 113 TYR A OH  1 
ATOM   795  N N   . SER A 1 104 ? 10.813  -3.858  9.810   1.00 30.40 ? 114 SER A N   1 
ATOM   796  C CA  . SER A 1 104 ? 11.134  -4.796  10.898  1.00 31.51 ? 114 SER A CA  1 
ATOM   797  C C   . SER A 1 104 ? 10.221  -6.047  10.961  1.00 32.34 ? 114 SER A C   1 
ATOM   798  O O   . SER A 1 104 ? 8.996   -5.951  11.100  1.00 30.59 ? 114 SER A O   1 
ATOM   799  C CB  . SER A 1 104 ? 11.086  -4.055  12.228  1.00 31.81 ? 114 SER A CB  1 
ATOM   800  O OG  . SER A 1 104 ? 11.306  -4.927  13.321  1.00 33.86 ? 114 SER A OG  1 
ATOM   801  N N   . LYS A 1 105 ? 10.848  -7.218  10.898  1.00 34.50 ? 115 LYS A N   1 
ATOM   802  C CA  . LYS A 1 105 ? 10.136  -8.488  10.949  1.00 35.94 ? 115 LYS A CA  1 
ATOM   803  C C   . LYS A 1 105 ? 9.339   -8.637  12.224  1.00 36.13 ? 115 LYS A C   1 
ATOM   804  O O   . LYS A 1 105 ? 8.423   -9.451  12.286  1.00 35.90 ? 115 LYS A O   1 
ATOM   805  C CB  . LYS A 1 105 ? 11.108  -9.667  10.838  1.00 37.25 ? 115 LYS A CB  1 
ATOM   806  C CG  . LYS A 1 105 ? 11.825  -9.760  9.504   1.00 39.84 ? 115 LYS A CG  1 
ATOM   807  C CD  . LYS A 1 105 ? 12.557  -11.095 9.361   1.00 43.28 ? 115 LYS A CD  1 
ATOM   808  C CE  . LYS A 1 105 ? 13.268  -11.177 8.023   1.00 46.04 ? 115 LYS A CE  1 
ATOM   809  N NZ  . LYS A 1 105 ? 13.342  -12.587 7.490   1.00 49.35 ? 115 LYS A NZ  1 
ATOM   810  N N   . LYS A 1 106 ? 9.677   -7.871  13.251  1.00 36.35 ? 116 LYS A N   1 
ATOM   811  C CA  . LYS A 1 106 ? 8.953   -7.973  14.514  1.00 36.84 ? 116 LYS A CA  1 
ATOM   812  C C   . LYS A 1 106 ? 7.507   -7.477  14.399  1.00 36.07 ? 116 LYS A C   1 
ATOM   813  O O   . LYS A 1 106 ? 6.700   -7.694  15.314  1.00 36.07 ? 116 LYS A O   1 
ATOM   814  C CB  . LYS A 1 106 ? 9.692   -7.232  15.639  1.00 37.50 ? 116 LYS A CB  1 
ATOM   815  C CG  . LYS A 1 106 ? 9.290   -5.797  15.913  1.00 39.84 ? 116 LYS A CG  1 
ATOM   816  C CD  . LYS A 1 106 ? 9.934   -5.335  17.215  1.00 41.79 ? 116 LYS A CD  1 
ATOM   817  C CE  . LYS A 1 106 ? 9.488   -3.960  17.663  1.00 44.42 ? 116 LYS A CE  1 
ATOM   818  N NZ  . LYS A 1 106 ? 9.976   -3.711  19.074  1.00 46.67 ? 116 LYS A NZ  1 
ATOM   819  N N   . TYR A 1 107 ? 7.186   -6.817  13.284  1.00 34.53 ? 117 TYR A N   1 
ATOM   820  C CA  . TYR A 1 107 ? 5.840   -6.293  13.075  1.00 33.42 ? 117 TYR A CA  1 
ATOM   821  C C   . TYR A 1 107 ? 5.013   -7.184  12.172  1.00 32.59 ? 117 TYR A C   1 
ATOM   822  O O   . TYR A 1 107 ? 3.868   -6.881  11.872  1.00 31.67 ? 117 TYR A O   1 
ATOM   823  C CB  . TYR A 1 107 ? 5.904   -4.886  12.494  1.00 33.46 ? 117 TYR A CB  1 
ATOM   824  C CG  . TYR A 1 107 ? 6.362   -3.861  13.495  1.00 32.77 ? 117 TYR A CG  1 
ATOM   825  C CD1 . TYR A 1 107 ? 5.658   -3.647  14.673  1.00 34.41 ? 117 TYR A CD1 1 
ATOM   826  C CD2 . TYR A 1 107 ? 7.511   -3.113  13.278  1.00 34.48 ? 117 TYR A CD2 1 
ATOM   827  C CE1 . TYR A 1 107 ? 6.086   -2.710  15.602  1.00 35.48 ? 117 TYR A CE1 1 
ATOM   828  C CE2 . TYR A 1 107 ? 7.950   -2.170  14.204  1.00 34.62 ? 117 TYR A CE2 1 
ATOM   829  C CZ  . TYR A 1 107 ? 7.237   -1.971  15.351  1.00 35.15 ? 117 TYR A CZ  1 
ATOM   830  O OH  . TYR A 1 107 ? 7.643   -1.042  16.266  1.00 37.15 ? 117 TYR A OH  1 
ATOM   831  N N   . MET A 1 108 ? 5.603   -8.277  11.712  1.00 32.38 ? 118 MET A N   1 
ATOM   832  C CA  . MET A 1 108 ? 4.879   -9.214  10.869  1.00 32.18 ? 118 MET A CA  1 
ATOM   833  C C   . MET A 1 108 ? 3.915   -9.962  11.760  1.00 31.14 ? 118 MET A C   1 
ATOM   834  O O   . MET A 1 108 ? 4.270   -10.285 12.883  1.00 31.19 ? 118 MET A O   1 
ATOM   835  C CB  . MET A 1 108 ? 5.838   -10.186 10.201  1.00 32.71 ? 118 MET A CB  1 
ATOM   836  C CG  . MET A 1 108 ? 6.848   -9.499  9.292   1.00 35.62 ? 118 MET A CG  1 
ATOM   837  S SD  . MET A 1 108 ? 7.827   -10.685 8.293   1.00 40.14 ? 118 MET A SD  1 
ATOM   838  C CE  . MET A 1 108 ? 6.676   -11.135 7.094   1.00 38.95 ? 118 MET A CE  1 
ATOM   839  N N   . LEU A 1 109 ? 2.704   -10.221 11.276  1.00 29.97 ? 119 LEU A N   1 
ATOM   840  C CA  . LEU A 1 109 ? 1.699   -10.944 12.062  1.00 30.06 ? 119 LEU A CA  1 
ATOM   841  C C   . LEU A 1 109 ? 1.454   -10.272 13.402  1.00 28.82 ? 119 LEU A C   1 
ATOM   842  O O   . LEU A 1 109 ? 1.261   -10.936 14.412  1.00 29.19 ? 119 LEU A O   1 
ATOM   843  C CB  . LEU A 1 109 ? 2.142   -12.395 12.304  1.00 30.35 ? 119 LEU A CB  1 
ATOM   844  C CG  . LEU A 1 109 ? 2.343   -13.230 11.040  1.00 32.18 ? 119 LEU A CG  1 
ATOM   845  C CD1 . LEU A 1 109 ? 2.928   -14.578 11.405  1.00 33.91 ? 119 LEU A CD1 1 
ATOM   846  C CD2 . LEU A 1 109 ? 1.022   -13.394 10.311  1.00 33.23 ? 119 LEU A CD2 1 
ATOM   847  N N   . TYR A 1 110 ? 1.490   -8.948  13.403  1.00 26.97 ? 120 TYR A N   1 
ATOM   848  C CA  . TYR A 1 110 ? 1.297   -8.158  14.602  1.00 25.16 ? 120 TYR A CA  1 
ATOM   849  C C   . TYR A 1 110 ? -0.117  -8.389  15.162  1.00 23.62 ? 120 TYR A C   1 
ATOM   850  O O   . TYR A 1 110 ? -1.073  -8.267  14.448  1.00 22.72 ? 120 TYR A O   1 
ATOM   851  C CB  . TYR A 1 110 ? 1.526   -6.682  14.257  1.00 24.70 ? 120 TYR A CB  1 
ATOM   852  C CG  . TYR A 1 110 ? 1.821   -5.797  15.432  1.00 24.36 ? 120 TYR A CG  1 
ATOM   853  C CD1 . TYR A 1 110 ? 2.999   -5.934  16.151  1.00 25.78 ? 120 TYR A CD1 1 
ATOM   854  C CD2 . TYR A 1 110 ? 0.936   -4.798  15.812  1.00 24.36 ? 120 TYR A CD2 1 
ATOM   855  C CE1 . TYR A 1 110 ? 3.284   -5.101  17.219  1.00 24.81 ? 120 TYR A CE1 1 
ATOM   856  C CE2 . TYR A 1 110 ? 1.208   -3.960  16.871  1.00 24.01 ? 120 TYR A CE2 1 
ATOM   857  C CZ  . TYR A 1 110 ? 2.380   -4.111  17.569  1.00 25.87 ? 120 TYR A CZ  1 
ATOM   858  O OH  . TYR A 1 110 ? 2.628   -3.275  18.630  1.00 28.53 ? 120 TYR A OH  1 
ATOM   859  N N   . PRO A 1 111 ? -0.241  -8.704  16.446  1.00 23.65 ? 121 PRO A N   1 
ATOM   860  C CA  . PRO A 1 111 ? -1.538  -8.989  17.084  1.00 23.87 ? 121 PRO A CA  1 
ATOM   861  C C   . PRO A 1 111 ? -2.460  -7.777  17.116  1.00 24.22 ? 121 PRO A C   1 
ATOM   862  O O   . PRO A 1 111 ? -2.014  -6.660  17.302  1.00 24.27 ? 121 PRO A O   1 
ATOM   863  C CB  . PRO A 1 111 ? -1.132  -9.392  18.507  1.00 23.98 ? 121 PRO A CB  1 
ATOM   864  C CG  . PRO A 1 111 ? 0.283   -9.760  18.391  1.00 24.09 ? 121 PRO A CG  1 
ATOM   865  C CD  . PRO A 1 111 ? 0.849   -8.790  17.427  1.00 23.37 ? 121 PRO A CD  1 
ATOM   866  N N   . ASP A 1 112 ? -3.747  -8.014  16.937  1.00 25.07 ? 122 ASP A N   1 
ATOM   867  C CA  . ASP A 1 112 ? -4.726  -6.940  16.902  1.00 25.61 ? 122 ASP A CA  1 
ATOM   868  C C   . ASP A 1 112 ? -4.748  -6.076  18.155  1.00 26.09 ? 122 ASP A C   1 
ATOM   869  O O   . ASP A 1 112 ? -4.771  -4.840  18.081  1.00 26.30 ? 122 ASP A O   1 
ATOM   870  C CB  . ASP A 1 112 ? -6.097  -7.509  16.615  1.00 25.49 ? 122 ASP A CB  1 
ATOM   871  C CG  . ASP A 1 112 ? -7.184  -6.432  16.539  1.00 26.70 ? 122 ASP A CG  1 
ATOM   872  O OD1 . ASP A 1 112 ? -7.795  -6.125  17.587  1.00 23.61 ? 122 ASP A OD1 1 
ATOM   873  O OD2 . ASP A 1 112 ? -7.481  -5.875  15.457  1.00 28.58 ? 122 ASP A OD2 1 
ATOM   874  N N   . PHE A 1 113 ? -4.742  -6.666  19.442  1.00 28.17 ? 124 PHE A N   1 
ATOM   875  C CA  . PHE A 1 113 ? -4.966  -5.895  20.637  1.00 28.19 ? 124 PHE A CA  1 
ATOM   876  C C   . PHE A 1 113 ? -3.906  -4.821  20.810  1.00 28.36 ? 124 PHE A C   1 
ATOM   877  O O   . PHE A 1 113 ? -4.122  -3.895  21.553  1.00 27.69 ? 124 PHE A O   1 
ATOM   878  C CB  . PHE A 1 113 ? -4.988  -6.831  21.850  1.00 27.39 ? 124 PHE A CB  1 
ATOM   879  C CG  . PHE A 1 113 ? -3.651  -7.357  22.236  1.00 27.06 ? 124 PHE A CG  1 
ATOM   880  C CD1 . PHE A 1 113 ? -2.993  -8.296  21.471  1.00 27.99 ? 124 PHE A CD1 1 
ATOM   881  C CD2 . PHE A 1 113 ? -3.042  -6.917  23.391  1.00 30.43 ? 124 PHE A CD2 1 
ATOM   882  C CE1 . PHE A 1 113 ? -1.761  -8.790  21.835  1.00 28.50 ? 124 PHE A CE1 1 
ATOM   883  C CE2 . PHE A 1 113 ? -1.786  -7.402  23.780  1.00 29.09 ? 124 PHE A CE2 1 
ATOM   884  C CZ  . PHE A 1 113 ? -1.148  -8.332  22.993  1.00 29.57 ? 124 PHE A CZ  1 
ATOM   885  N N   . LEU A 1 114 ? -2.757  -4.945  20.152  1.00 29.12 ? 125 LEU A N   1 
ATOM   886  C CA  . LEU A 1 114 ? -1.705  -3.933  20.304  1.00 29.65 ? 125 LEU A CA  1 
ATOM   887  C C   . LEU A 1 114 ? -1.911  -2.714  19.396  1.00 30.66 ? 125 LEU A C   1 
ATOM   888  O O   . LEU A 1 114 ? -1.132  -1.747  19.431  1.00 30.93 ? 125 LEU A O   1 
ATOM   889  C CB  . LEU A 1 114 ? -0.316  -4.524  20.066  1.00 29.60 ? 125 LEU A CB  1 
ATOM   890  C CG  . LEU A 1 114 ? 0.158   -5.562  21.078  1.00 30.89 ? 125 LEU A CG  1 
ATOM   891  C CD1 . LEU A 1 114 ? 1.382   -6.290  20.535  1.00 32.29 ? 125 LEU A CD1 1 
ATOM   892  C CD2 . LEU A 1 114 ? 0.456   -4.914  22.416  1.00 31.23 ? 125 LEU A CD2 1 
ATOM   893  N N   . CYS A 1 115 ? -2.944  -2.759  18.573  1.00 31.94 ? 126 CYS A N   1 
ATOM   894  C CA  . CYS A 1 115 ? -3.247  -1.639  17.702  1.00 32.75 ? 126 CYS A CA  1 
ATOM   895  C C   . CYS A 1 115 ? -4.265  -0.744  18.386  1.00 36.24 ? 126 CYS A C   1 
ATOM   896  O O   . CYS A 1 115 ? -5.465  -0.929  18.223  1.00 37.28 ? 126 CYS A O   1 
ATOM   897  C CB  . CYS A 1 115 ? -3.749  -2.141  16.365  1.00 31.20 ? 126 CYS A CB  1 
ATOM   898  S SG  . CYS A 1 115 ? -2.402  -2.936  15.461  1.00 23.86 ? 126 CYS A SG  1 
ATOM   899  N N   . LYS A 1 116 ? -3.759  0.218   19.157  1.00 39.93 ? 127 LYS A N   1 
ATOM   900  C CA  . LYS A 1 116 ? -4.597  1.141   19.912  1.00 43.17 ? 127 LYS A CA  1 
ATOM   901  C C   . LYS A 1 116 ? -4.403  2.592   19.486  1.00 44.69 ? 127 LYS A C   1 
ATOM   902  O O   . LYS A 1 116 ? -3.279  3.034   19.223  1.00 45.03 ? 127 LYS A O   1 
ATOM   903  C CB  . LYS A 1 116 ? -4.277  1.032   21.404  1.00 43.80 ? 127 LYS A CB  1 
ATOM   904  C CG  . LYS A 1 116 ? -4.580  -0.334  22.015  1.00 47.06 ? 127 LYS A CG  1 
ATOM   905  C CD  . LYS A 1 116 ? -4.039  -0.407  23.441  1.00 49.73 ? 127 LYS A CD  1 
ATOM   906  C CE  . LYS A 1 116 ? -4.264  -1.780  24.059  1.00 51.52 ? 127 LYS A CE  1 
ATOM   907  N NZ  . LYS A 1 116 ? -3.308  -2.049  25.179  1.00 50.65 ? 127 LYS A NZ  1 
ATOM   908  N N   . GLY A 1 117 ? -5.505  3.339   19.436  1.00 46.66 ? 128 GLY A N   1 
ATOM   909  C CA  . GLY A 1 117 ? -5.428  4.750   19.090  1.00 47.52 ? 128 GLY A CA  1 
ATOM   910  C C   . GLY A 1 117 ? -6.356  5.200   17.980  1.00 48.20 ? 128 GLY A C   1 
ATOM   911  O O   . GLY A 1 117 ? -7.004  4.393   17.301  1.00 48.35 ? 128 GLY A O   1 
ATOM   912  N N   . GLU A 1 118 ? -6.424  6.518   17.815  1.00 48.65 ? 129 GLU A N   1 
ATOM   913  C CA  . GLU A 1 118 ? -7.238  7.126   16.780  1.00 48.99 ? 129 GLU A CA  1 
ATOM   914  C C   . GLU A 1 118 ? -6.304  7.925   15.884  1.00 47.67 ? 129 GLU A C   1 
ATOM   915  O O   . GLU A 1 118 ? -5.387  8.584   16.368  1.00 47.41 ? 129 GLU A O   1 
ATOM   916  C CB  . GLU A 1 118 ? -8.276  8.086   17.367  1.00 49.88 ? 129 GLU A CB  1 
ATOM   917  C CG  . GLU A 1 118 ? -9.181  7.521   18.438  1.00 53.24 ? 129 GLU A CG  1 
ATOM   918  C CD  . GLU A 1 118 ? -10.301 8.490   18.791  1.00 58.23 ? 129 GLU A CD  1 
ATOM   919  O OE1 . GLU A 1 118 ? -10.599 8.646   20.004  1.00 60.81 ? 129 GLU A OE1 1 
ATOM   920  O OE2 . GLU A 1 118 ? -10.882 9.099   17.853  1.00 59.27 ? 129 GLU A OE2 1 
ATOM   921  N N   . LEU A 1 119 ? -6.544  7.866   14.582  1.00 46.17 ? 130 LEU A N   1 
ATOM   922  C CA  . LEU A 1 119 ? -5.740  8.611   13.634  1.00 44.82 ? 130 LEU A CA  1 
ATOM   923  C C   . LEU A 1 119 ? -6.621  8.869   12.435  1.00 43.52 ? 130 LEU A C   1 
ATOM   924  O O   . LEU A 1 119 ? -7.005  7.937   11.732  1.00 43.10 ? 130 LEU A O   1 
ATOM   925  C CB  . LEU A 1 119 ? -4.505  7.820   13.212  1.00 44.63 ? 130 LEU A CB  1 
ATOM   926  C CG  . LEU A 1 119 ? -3.229  8.646   13.025  1.00 45.12 ? 130 LEU A CG  1 
ATOM   927  C CD1 . LEU A 1 119 ? -2.322  7.971   12.002  1.00 44.54 ? 130 LEU A CD1 1 
ATOM   928  C CD2 . LEU A 1 119 ? -3.525  10.073  12.573  1.00 46.22 ? 130 LEU A CD2 1 
ATOM   929  N N   . LYS A 1 120 ? -6.968  10.130  12.217  1.00 41.90 ? 131 LYS A N   1 
ATOM   930  C CA  . LYS A 1 120 ? -7.827  10.493  11.095  1.00 40.97 ? 131 LYS A CA  1 
ATOM   931  C C   . LYS A 1 120 ? -6.995  10.729  9.840   1.00 39.04 ? 131 LYS A C   1 
ATOM   932  O O   . LYS A 1 120 ? -5.826  11.089  9.909   1.00 36.39 ? 131 LYS A O   1 
ATOM   933  C CB  . LYS A 1 120 ? -8.626  11.747  11.424  1.00 41.00 ? 131 LYS A CB  1 
ATOM   934  C CG  . LYS A 1 120 ? -9.557  11.563  12.587  1.00 43.40 ? 131 LYS A CG  1 
ATOM   935  C CD  . LYS A 1 120 ? -10.319 12.831  12.896  1.00 46.42 ? 131 LYS A CD  1 
ATOM   936  C CE  . LYS A 1 120 ? -11.395 12.601  13.956  1.00 47.59 ? 131 LYS A CE  1 
ATOM   937  N NZ  . LYS A 1 120 ? -10.865 12.212  15.301  1.00 48.62 ? 131 LYS A NZ  1 
ATOM   938  N N   . CYS A 1 121 ? -7.622  10.463  8.684   1.00 26.24 ? 133 CYS A N   1 
ATOM   939  C CA  . CYS A 1 121 ? -6.959  10.659  7.412   1.00 27.05 ? 133 CYS A CA  1 
ATOM   940  C C   . CYS A 1 121 ? -6.828  12.153  7.140   1.00 27.53 ? 133 CYS A C   1 
ATOM   941  O O   . CYS A 1 121 ? -5.826  12.564  6.588   1.00 28.56 ? 133 CYS A O   1 
ATOM   942  C CB  . CYS A 1 121 ? -7.757  9.994   6.302   1.00 26.86 ? 133 CYS A CB  1 
ATOM   943  S SG  . CYS A 1 121 ? -7.687  8.206   6.350   1.00 24.81 ? 133 CYS A SG  1 
ATOM   944  O OXT . CYS A 1 121 ? -7.720  12.894  7.492   1.00 27.00 ? 133 CYS A OXT 1 
HETATM 945  S S   . SO4 B 2 .   ? 14.428  -7.373  12.388  0.50 32.56 ? 301 SO4 A S   1 
HETATM 946  O O1  . SO4 B 2 .   ? 13.043  -7.776  12.173  0.50 31.46 ? 301 SO4 A O1  1 
HETATM 947  O O2  . SO4 B 2 .   ? 15.132  -7.374  11.111  0.50 31.40 ? 301 SO4 A O2  1 
HETATM 948  O O3  . SO4 B 2 .   ? 15.097  -8.301  13.314  0.50 31.53 ? 301 SO4 A O3  1 
HETATM 949  O O4  . SO4 B 2 .   ? 14.445  -6.001  12.932  0.50 31.15 ? 301 SO4 A O4  1 
HETATM 950  S S   . SO4 C 2 .   ? 7.585   9.551   -13.294 0.50 37.62 ? 302 SO4 A S   1 
HETATM 951  O O1  . SO4 C 2 .   ? 8.912   9.777   -12.695 0.50 36.40 ? 302 SO4 A O1  1 
HETATM 952  O O2  . SO4 C 2 .   ? 7.580   8.347   -14.110 0.50 35.66 ? 302 SO4 A O2  1 
HETATM 953  O O3  . SO4 C 2 .   ? 7.261   10.702  -14.143 0.50 34.67 ? 302 SO4 A O3  1 
HETATM 954  O O4  . SO4 C 2 .   ? 6.588   9.364   -12.236 0.50 35.12 ? 302 SO4 A O4  1 
HETATM 955  O O1  . AJM D 3 .   ? -11.654 2.039   0.204   0.50 36.21 ? 201 AJM A O1  1 
HETATM 956  C C15 . AJM D 3 .   ? -11.622 2.572   1.552   0.50 36.64 ? 201 AJM A C15 1 
HETATM 957  C C5  . AJM D 3 .   ? -12.825 2.822   2.458   0.50 36.92 ? 201 AJM A C5  1 
HETATM 958  C C4  . AJM D 3 .   ? -12.947 1.478   3.101   0.50 37.11 ? 201 AJM A C4  1 
HETATM 959  C C6  . AJM D 3 .   ? -14.146 3.375   2.055   0.50 36.87 ? 201 AJM A C6  1 
HETATM 960  C C7  . AJM D 3 .   ? -14.857 3.333   0.866   0.50 36.67 ? 201 AJM A C7  1 
HETATM 961  C C8  . AJM D 3 .   ? -16.109 3.956   0.842   0.50 36.68 ? 201 AJM A C8  1 
HETATM 962  C C9  . AJM D 3 .   ? -16.629 4.598   1.980   0.50 36.52 ? 201 AJM A C9  1 
HETATM 963  C C11 . AJM D 3 .   ? -14.681 4.015   3.266   0.50 37.06 ? 201 AJM A C11 1 
HETATM 964  C C10 . AJM D 3 .   ? -15.925 4.642   3.193   0.50 37.06 ? 201 AJM A C10 1 
HETATM 965  C C14 . AJM D 3 .   ? -10.760 1.918   2.572   0.50 36.52 ? 201 AJM A C14 1 
HETATM 966  C C13 . AJM D 3 .   ? -9.785  2.558   3.103   0.50 36.31 ? 201 AJM A C13 1 
HETATM 967  C C16 . AJM D 3 .   ? -9.232  1.798   3.962   0.50 36.84 ? 201 AJM A C16 1 
HETATM 968  C C3  . AJM D 3 .   ? -11.515 1.464   3.525   0.50 37.37 ? 201 AJM A C3  1 
HETATM 969  N N2  . AJM D 3 .   ? -11.250 2.037   4.786   0.50 37.56 ? 201 AJM A N2  1 
HETATM 970  C C17 . AJM D 3 .   ? -9.874  1.892   5.087   0.50 37.28 ? 201 AJM A C17 1 
HETATM 971  O O2  . AJM D 3 .   ? -9.219  1.512   6.210   0.50 37.77 ? 201 AJM A O2  1 
HETATM 972  C C2  . AJM D 3 .   ? -11.442 3.360   4.339   0.50 37.22 ? 201 AJM A C2  1 
HETATM 973  C C12 . AJM D 3 .   ? -10.206 3.875   3.640   0.50 36.79 ? 201 AJM A C12 1 
HETATM 974  C C1  . AJM D 3 .   ? -12.584 3.609   3.725   0.50 37.13 ? 201 AJM A C1  1 
HETATM 975  N N1  . AJM D 3 .   ? -13.757 3.988   4.271   0.50 37.27 ? 201 AJM A N1  1 
HETATM 976  C C18 . AJM D 3 .   ? -13.744 5.049   5.264   0.50 37.45 ? 201 AJM A C18 1 
HETATM 977  C C   . ACY E 4 .   ? -5.361  1.417   -18.304 1.00 49.97 ? 401 ACY A C   1 
HETATM 978  O O   . ACY E 4 .   ? -4.646  1.771   -19.290 1.00 50.01 ? 401 ACY A O   1 
HETATM 979  O OXT . ACY E 4 .   ? -6.346  0.602   -18.359 1.00 50.47 ? 401 ACY A OXT 1 
HETATM 980  C CH3 . ACY E 4 .   ? -5.041  2.069   -16.982 1.00 48.72 ? 401 ACY A CH3 1 
HETATM 981  O O   . HOH F 5 .   ? 1.283   5.127   0.736   1.00 14.45 ? 402 HOH A O   1 
HETATM 982  O O   . HOH F 5 .   ? -13.891 7.434   -16.267 1.00 25.03 ? 403 HOH A O   1 
HETATM 983  O O   . HOH F 5 .   ? 9.464   0.752   8.615   1.00 19.46 ? 404 HOH A O   1 
HETATM 984  O O   . HOH F 5 .   ? 10.127  3.926   11.091  1.00 28.90 ? 405 HOH A O   1 
HETATM 985  O O   . HOH F 5 .   ? 9.926   -9.637  4.869   1.00 50.76 ? 406 HOH A O   1 
HETATM 986  O O   . HOH F 5 .   ? -5.109  -1.726  -6.986  1.00 15.34 ? 407 HOH A O   1 
HETATM 987  O O   . HOH F 5 .   ? -1.829  -5.584  9.873   1.00 28.49 ? 408 HOH A O   1 
HETATM 988  O O   . HOH F 5 .   ? -12.373 -2.975  -4.124  1.00 24.35 ? 409 HOH A O   1 
HETATM 989  O O   . HOH F 5 .   ? -10.466 -4.545  -14.437 1.00 25.88 ? 410 HOH A O   1 
HETATM 990  O O   . HOH F 5 .   ? -14.954 7.470   -5.844  1.00 30.12 ? 411 HOH A O   1 
HETATM 991  O O   . HOH F 5 .   ? 9.226   -0.985  3.595   1.00 21.85 ? 412 HOH A O   1 
HETATM 992  O O   . HOH F 5 .   ? -0.754  5.891   -1.056  1.00 15.56 ? 413 HOH A O   1 
HETATM 993  O O   . HOH F 5 .   ? -13.119 1.666   -13.707 1.00 16.57 ? 414 HOH A O   1 
HETATM 994  O O   . HOH F 5 .   ? -16.231 1.345   -9.841  1.00 22.68 ? 415 HOH A O   1 
HETATM 995  O O   . HOH F 5 .   ? -13.125 0.955   -9.848  1.00 15.08 ? 416 HOH A O   1 
HETATM 996  O O   . HOH F 5 .   ? -14.065 6.035   -13.049 1.00 27.64 ? 417 HOH A O   1 
HETATM 997  O O   . HOH F 5 .   ? 12.325  4.503   7.362   1.00 26.32 ? 418 HOH A O   1 
HETATM 998  O O   . HOH F 5 .   ? 4.402   4.996   16.277  1.00 58.45 ? 419 HOH A O   1 
HETATM 999  O O   . HOH F 5 .   ? 1.807   8.217   -13.307 1.00 33.37 ? 420 HOH A O   1 
HETATM 1000 O O   . HOH F 5 .   ? 4.291   -9.303  -4.789  1.00 29.64 ? 421 HOH A O   1 
HETATM 1001 O O   . HOH F 5 .   ? -8.034  -7.430  19.918  1.00 30.33 ? 422 HOH A O   1 
HETATM 1002 O O   . HOH F 5 .   ? 5.662   6.653   5.931   1.00 24.21 ? 423 HOH A O   1 
HETATM 1003 O O   . HOH F 5 .   ? -1.714  5.748   -21.599 1.00 47.02 ? 424 HOH A O   1 
HETATM 1004 O O   . HOH F 5 .   ? -0.968  1.281   17.705  1.00 37.46 ? 425 HOH A O   1 
HETATM 1005 O O   . HOH F 5 .   ? 15.371  2.478   2.592   1.00 44.69 ? 426 HOH A O   1 
HETATM 1006 O O   . HOH F 5 .   ? -3.549  7.608   -15.580 1.00 44.77 ? 427 HOH A O   1 
HETATM 1007 O O   . HOH F 5 .   ? -3.838  3.884   -14.682 1.00 42.63 ? 428 HOH A O   1 
HETATM 1008 O O   . HOH F 5 .   ? 7.744   7.931   4.191   1.00 30.31 ? 429 HOH A O   1 
HETATM 1009 O O   . HOH F 5 .   ? -9.713  -0.871  5.949   1.00 51.74 ? 430 HOH A O   1 
HETATM 1010 O O   . HOH F 5 .   ? 1.077   -1.699  -19.527 1.00 54.29 ? 431 HOH A O   1 
HETATM 1011 O O   . HOH F 5 .   ? 10.523  -0.370  12.152  1.00 35.79 ? 432 HOH A O   1 
HETATM 1012 O O   . HOH F 5 .   ? -5.095  -4.283  12.870  1.00 47.54 ? 433 HOH A O   1 
HETATM 1013 O O   . HOH F 5 .   ? 18.629  5.560   -19.378 1.00 59.67 ? 434 HOH A O   1 
HETATM 1014 O O   . HOH F 5 .   ? 3.787   -3.057  -15.979 1.00 44.38 ? 435 HOH A O   1 
HETATM 1015 O O   . HOH F 5 .   ? 5.056   -5.398  -14.668 1.00 62.58 ? 436 HOH A O   1 
HETATM 1016 O O   . HOH F 5 .   ? -6.721  -1.878  -17.776 1.00 45.76 ? 437 HOH A O   1 
HETATM 1017 O O   . HOH F 5 .   ? 8.177   6.317   -9.794  1.00 32.22 ? 438 HOH A O   1 
HETATM 1018 O O   . HOH F 5 .   ? 7.148   8.433   1.289   1.00 27.90 ? 439 HOH A O   1 
HETATM 1019 O O   . HOH F 5 .   ? -2.864  8.302   -12.754 1.00 44.40 ? 440 HOH A O   1 
HETATM 1020 O O   . HOH F 5 .   ? -9.455  9.407   3.224   1.00 34.23 ? 441 HOH A O   1 
HETATM 1021 O O   . HOH F 5 .   ? 2.569   3.279   17.775  1.00 53.11 ? 442 HOH A O   1 
HETATM 1022 O O   . HOH F 5 .   ? 7.048   -1.029  -18.508 1.00 39.52 ? 443 HOH A O   1 
HETATM 1023 O O   . HOH F 5 .   ? -13.169 8.254   -10.183 1.00 37.13 ? 444 HOH A O   1 
HETATM 1024 O O   . HOH F 5 .   ? -2.279  -0.673  2.439   1.00 47.32 ? 445 HOH A O   1 
HETATM 1025 O O   . HOH F 5 .   ? 11.814  2.817   -20.285 1.00 48.94 ? 446 HOH A O   1 
HETATM 1026 O O   . HOH F 5 .   ? 6.139   8.497   8.117   1.00 39.22 ? 447 HOH A O   1 
HETATM 1027 O O   . HOH F 5 .   ? 10.255  4.108   -9.094  1.00 38.34 ? 448 HOH A O   1 
HETATM 1028 O O   . HOH F 5 .   ? 0.689   -9.823  -8.226  1.00 48.86 ? 449 HOH A O   1 
HETATM 1029 O O   . HOH F 5 .   ? 8.139   -7.373  -13.569 1.00 62.89 ? 450 HOH A O   1 
HETATM 1030 O O   . HOH F 5 .   ? 1.294   8.706   -6.965  1.00 20.81 ? 451 HOH A O   1 
HETATM 1031 O O   . HOH F 5 .   ? 6.820   -3.254  -15.140 1.00 54.27 ? 452 HOH A O   1 
HETATM 1032 O O   . HOH F 5 .   ? -17.371 5.298   -9.905  1.00 20.79 ? 453 HOH A O   1 
HETATM 1033 O O   . HOH F 5 .   ? 8.853   1.824   -21.449 1.00 52.13 ? 454 HOH A O   1 
HETATM 1034 O O   . HOH F 5 .   ? 5.727   5.017   -24.308 1.00 58.03 ? 455 HOH A O   1 
HETATM 1035 O O   . HOH F 5 .   ? -4.281  4.164   -22.286 1.00 42.62 ? 456 HOH A O   1 
HETATM 1036 O O   . HOH F 5 .   ? 13.824  -6.823  8.781   1.00 58.35 ? 457 HOH A O   1 
HETATM 1037 O O   . HOH F 5 .   ? 0.119   -2.987  -16.646 1.00 45.99 ? 458 HOH A O   1 
HETATM 1038 O O   . HOH F 5 .   ? -5.344  9.024   -6.482  1.00 25.08 ? 459 HOH A O   1 
HETATM 1039 O O   . HOH F 5 .   ? 10.496  7.919   6.098   1.00 51.93 ? 460 HOH A O   1 
HETATM 1040 O O   . HOH F 5 .   ? 2.732   -14.884 -2.477  1.00 54.36 ? 461 HOH A O   1 
HETATM 1041 O O   . HOH F 5 .   ? 2.698   10.820  -9.918  1.00 39.60 ? 462 HOH A O   1 
HETATM 1042 O O   . HOH F 5 .   ? 17.595  1.208   0.653   1.00 50.00 ? 463 HOH A O   1 
HETATM 1043 O O   . HOH F 5 .   ? -13.690 -0.258  -15.837 1.00 19.32 ? 464 HOH A O   1 
HETATM 1044 O O   . HOH F 5 .   ? 11.302  2.297   13.232  1.00 44.92 ? 465 HOH A O   1 
HETATM 1045 O O   . HOH F 5 .   ? -1.039  11.743  16.619  1.00 47.58 ? 466 HOH A O   1 
HETATM 1046 O O   . HOH F 5 .   ? 12.692  -2.146  -21.200 1.00 62.08 ? 467 HOH A O   1 
HETATM 1047 O O   . HOH F 5 .   ? 3.434   6.238   13.649  1.00 36.68 ? 468 HOH A O   1 
HETATM 1048 O O   . HOH F 5 .   ? -12.552 9.466   -17.849 1.00 35.74 ? 469 HOH A O   1 
HETATM 1049 O O   . HOH F 5 .   ? -8.587  10.758  -14.795 1.00 53.38 ? 470 HOH A O   1 
HETATM 1050 O O   . HOH F 5 .   ? 4.482   -9.122  15.542  1.00 40.71 ? 471 HOH A O   1 
HETATM 1051 O O   . HOH F 5 .   ? -7.410  -8.341  -10.544 1.00 66.47 ? 472 HOH A O   1 
HETATM 1052 O O   . HOH F 5 .   ? 11.108  -0.019  -19.920 1.00 53.20 ? 473 HOH A O   1 
HETATM 1053 O O   . HOH F 5 .   ? 4.515   8.098   15.977  1.00 51.54 ? 474 HOH A O   1 
HETATM 1054 O O   . HOH F 5 .   ? -5.111  -2.881  -4.261  1.00 47.04 ? 475 HOH A O   1 
HETATM 1055 O O   . HOH F 5 .   ? -0.983  -7.704  -4.062  1.00 52.33 ? 476 HOH A O   1 
HETATM 1056 O O   . HOH F 5 .   ? -0.770  8.750   -1.383  1.00 23.36 ? 477 HOH A O   1 
HETATM 1057 O O   . HOH F 5 .   ? -6.034  11.847  14.399  1.00 49.80 ? 478 HOH A O   1 
HETATM 1058 O O   . HOH F 5 .   ? -0.944  9.053   -4.181  1.00 26.83 ? 479 HOH A O   1 
HETATM 1059 O O   . HOH F 5 .   ? -4.875  13.024  11.463  1.00 51.59 ? 480 HOH A O   1 
HETATM 1060 O O   . HOH F 5 .   ? 11.353  4.357   -5.622  1.00 40.03 ? 481 HOH A O   1 
HETATM 1061 O O   . HOH F 5 .   ? 8.381   2.026   15.673  1.00 48.75 ? 482 HOH A O   1 
HETATM 1062 O O   . HOH F 5 .   ? 11.018  -7.621  -12.668 1.00 58.19 ? 483 HOH A O   1 
HETATM 1063 O O   . HOH F 5 .   ? -19.876 4.264   -1.562  1.00 61.36 ? 484 HOH A O   1 
HETATM 1064 O O   . HOH F 5 .   ? -12.557 -1.888  -1.228  1.00 54.13 ? 485 HOH A O   1 
HETATM 1065 O O   . HOH F 5 .   ? -0.483  -5.915  -18.048 1.00 53.76 ? 486 HOH A O   1 
HETATM 1066 O O   . HOH F 5 .   ? -2.430  -4.551  -15.921 1.00 47.14 ? 487 HOH A O   1 
HETATM 1067 O O   . HOH F 5 .   ? -12.306 2.617   -2.298  1.00 45.02 ? 488 HOH A O   1 
HETATM 1068 O O   . HOH F 5 .   ? 7.150   13.433  -14.490 1.00 65.63 ? 489 HOH A O   1 
HETATM 1069 O O   . HOH F 5 .   ? -0.418  -3.479  1.656   1.00 38.65 ? 490 HOH A O   1 
HETATM 1070 O O   . HOH F 5 .   ? 0.697   9.372   -15.949 1.00 58.98 ? 491 HOH A O   1 
HETATM 1071 O O   . HOH F 5 .   ? 13.236  -0.143  -17.520 1.00 56.72 ? 492 HOH A O   1 
HETATM 1072 O O   . HOH F 5 .   ? 13.101  7.770   -15.657 1.00 59.58 ? 493 HOH A O   1 
HETATM 1073 O O   . HOH F 5 .   ? 14.210  -0.580  12.501  1.00 60.06 ? 494 HOH A O   1 
HETATM 1074 O O   . HOH F 5 .   ? 7.108   5.297   14.616  1.00 62.33 ? 495 HOH A O   1 
HETATM 1075 O O   . HOH F 5 .   ? 13.177  -9.299  2.342   1.00 59.18 ? 496 HOH A O   1 
HETATM 1076 O O   . HOH F 5 .   ? 7.535   8.302   14.765  1.00 51.44 ? 497 HOH A O   1 
HETATM 1077 O O   . HOH F 5 .   ? 18.592  -1.932  7.744   1.00 66.56 ? 498 HOH A O   1 
HETATM 1078 O O   . HOH F 5 .   ? -1.115  -0.764  22.499  1.00 61.72 ? 499 HOH A O   1 
HETATM 1079 O O   . HOH F 5 .   ? 11.805  -0.426  14.967  1.00 49.99 ? 500 HOH A O   1 
HETATM 1080 O O   . HOH F 5 .   ? -4.833  10.194  -11.400 1.00 40.49 ? 501 HOH A O   1 
HETATM 1081 O O   . HOH F 5 .   ? -15.724 -2.582  -3.316  1.00 50.85 ? 502 HOH A O   1 
HETATM 1082 O O   . HOH F 5 .   ? -1.892  8.421   16.581  1.00 65.79 ? 503 HOH A O   1 
HETATM 1083 O O   . HOH F 5 .   ? -6.752  12.677  -21.064 1.00 59.73 ? 504 HOH A O   1 
HETATM 1084 O O   . HOH F 5 .   ? 11.613  -12.424 4.229   1.00 45.30 ? 505 HOH A O   1 
HETATM 1085 O O   . HOH F 5 .   ? -4.849  0.441   1.330   1.00 62.83 ? 506 HOH A O   1 
HETATM 1086 O O   . HOH F 5 .   ? -10.350 -4.341  16.501  1.00 53.28 ? 507 HOH A O   1 
HETATM 1087 O O   . HOH F 5 .   ? -15.865 7.451   -8.711  1.00 42.91 ? 508 HOH A O   1 
HETATM 1088 O O   . HOH F 5 .   ? -6.304  -4.691  -17.913 1.00 55.73 ? 509 HOH A O   1 
HETATM 1089 O O   . HOH F 5 .   ? 2.842   3.384   -23.447 1.00 56.74 ? 510 HOH A O   1 
HETATM 1090 O O   . HOH F 5 .   ? -1.293  -12.362 5.100   1.00 46.95 ? 511 HOH A O   1 
# 
